data_8SQX
#
_entry.id   8SQX
#
_entity_poly.entity_id   1
_entity_poly.type   'polypeptide(L)'
_entity_poly.pdbx_seq_one_letter_code
;QEANTLVIDLEPPAAFADDQPQGHNIDVTVAKLHNIDPEDHERIRALQRNGVPSTISEEQPHTARTDATGTATITNLPPG
TYVIRDTNTTKPRFSPLVIPLGIDTTSPTMTLRPKLIDATPGAPNV
;
_entity_poly.pdbx_strand_id   A
#
# COMPACT_ATOMS: atom_id res chain seq x y z
N GLN A 1 11.90 -10.68 17.93
CA GLN A 1 11.26 -9.47 17.34
C GLN A 1 11.49 -9.47 15.84
N GLU A 2 10.67 -10.23 15.12
CA GLU A 2 10.79 -10.29 13.66
C GLU A 2 10.51 -8.93 13.04
N ALA A 3 11.40 -8.50 12.16
CA ALA A 3 11.25 -7.21 11.50
C ALA A 3 10.03 -7.23 10.57
N ASN A 4 9.31 -6.13 10.52
CA ASN A 4 8.12 -6.03 9.67
C ASN A 4 8.44 -5.22 8.41
N THR A 5 8.35 -5.88 7.26
CA THR A 5 8.62 -5.21 5.99
C THR A 5 7.44 -5.39 5.03
N LEU A 6 6.99 -4.28 4.45
CA LEU A 6 5.87 -4.33 3.50
C LEU A 6 6.32 -3.83 2.14
N VAL A 7 6.15 -4.67 1.11
CA VAL A 7 6.54 -4.29 -0.24
C VAL A 7 5.34 -4.33 -1.17
N ILE A 8 5.08 -3.22 -1.85
CA ILE A 8 3.95 -3.16 -2.77
C ILE A 8 4.43 -2.91 -4.20
N ASP A 9 4.26 -3.89 -5.07
CA ASP A 9 4.67 -3.72 -6.47
C ASP A 9 3.48 -3.89 -7.40
N LEU A 10 3.17 -2.86 -8.17
CA LEU A 10 2.06 -2.92 -9.11
C LEU A 10 2.54 -3.18 -10.53
N GLU A 11 3.81 -3.52 -10.69
CA GLU A 11 4.38 -3.80 -11.99
C GLU A 11 5.31 -4.99 -11.91
N PRO A 12 5.60 -5.65 -13.00
CA PRO A 12 6.52 -6.82 -12.98
C PRO A 12 7.80 -6.45 -12.22
N PRO A 13 8.18 -7.22 -11.22
CA PRO A 13 9.38 -6.89 -10.40
C PRO A 13 10.69 -7.25 -11.10
N ALA A 14 11.74 -6.50 -10.75
CA ALA A 14 13.05 -6.73 -11.34
C ALA A 14 14.04 -5.68 -10.81
N ALA A 15 14.49 -5.88 -9.58
CA ALA A 15 15.43 -4.94 -8.96
C ALA A 15 16.86 -5.26 -9.35
N PHE A 16 17.13 -5.36 -10.64
CA PHE A 16 18.48 -5.64 -11.12
C PHE A 16 18.90 -4.62 -12.17
N ALA A 17 18.78 -4.97 -13.46
CA ALA A 17 19.15 -4.03 -14.52
C ALA A 17 18.25 -2.80 -14.47
N ASP A 18 16.96 -3.03 -14.19
CA ASP A 18 15.99 -1.95 -14.12
C ASP A 18 16.24 -1.06 -12.90
N ASP A 19 15.69 0.15 -12.95
CA ASP A 19 15.85 1.11 -11.87
C ASP A 19 14.66 1.08 -10.92
N GLN A 20 13.92 -0.04 -10.91
CA GLN A 20 12.75 -0.17 -10.04
C GLN A 20 13.00 0.37 -8.62
N PRO A 21 14.06 -0.03 -7.97
CA PRO A 21 14.37 0.45 -6.58
C PRO A 21 14.40 1.97 -6.49
N GLN A 22 14.93 2.61 -7.52
CA GLN A 22 15.03 4.07 -7.54
C GLN A 22 13.69 4.70 -7.91
N GLY A 23 13.40 5.84 -7.31
CA GLY A 23 12.15 6.56 -7.58
C GLY A 23 11.47 7.02 -6.30
N HIS A 24 11.83 8.22 -5.84
CA HIS A 24 11.24 8.78 -4.63
C HIS A 24 10.52 10.09 -4.93
N ASN A 25 10.16 10.29 -6.19
CA ASN A 25 9.48 11.52 -6.59
C ASN A 25 8.01 11.52 -6.17
N ILE A 26 7.46 10.35 -5.81
CA ILE A 26 6.06 10.28 -5.44
C ILE A 26 5.90 10.12 -3.93
N ASP A 27 4.99 10.90 -3.36
CA ASP A 27 4.71 10.81 -1.93
C ASP A 27 3.49 9.92 -1.72
N VAL A 28 3.53 9.12 -0.66
CA VAL A 28 2.42 8.22 -0.37
C VAL A 28 1.96 8.36 1.06
N THR A 29 0.65 8.25 1.25
CA THR A 29 0.07 8.36 2.58
C THR A 29 -0.28 6.98 3.12
N VAL A 30 0.18 6.71 4.33
CA VAL A 30 -0.08 5.42 4.97
C VAL A 30 -1.04 5.60 6.14
N ALA A 31 -2.11 4.82 6.14
CA ALA A 31 -3.09 4.89 7.21
C ALA A 31 -3.51 3.48 7.61
N LYS A 32 -3.06 3.07 8.78
CA LYS A 32 -3.40 1.74 9.27
C LYS A 32 -4.91 1.56 9.32
N LEU A 33 -5.33 0.32 9.16
CA LEU A 33 -6.75 0.00 9.15
C LEU A 33 -7.10 -0.97 10.26
N HIS A 34 -8.36 -0.96 10.70
CA HIS A 34 -8.80 -1.86 11.75
C HIS A 34 -8.37 -3.28 11.41
N ASN A 35 -7.76 -3.96 12.38
CA ASN A 35 -7.25 -5.31 12.17
C ASN A 35 -8.26 -6.20 11.45
N ILE A 36 -7.87 -6.67 10.26
CA ILE A 36 -8.71 -7.55 9.46
C ILE A 36 -7.84 -8.68 8.91
N ASP A 37 -8.38 -9.89 8.91
CA ASP A 37 -7.63 -11.04 8.42
C ASP A 37 -7.33 -10.90 6.93
N PRO A 38 -6.22 -11.44 6.46
CA PRO A 38 -5.84 -11.39 5.02
C PRO A 38 -6.65 -12.38 4.18
N GLU A 39 -7.35 -13.28 4.86
CA GLU A 39 -8.16 -14.30 4.18
C GLU A 39 -9.28 -13.67 3.35
N ASP A 40 -9.85 -12.56 3.85
CA ASP A 40 -10.93 -11.91 3.13
C ASP A 40 -10.39 -11.16 1.93
N HIS A 41 -9.96 -11.91 0.92
CA HIS A 41 -9.40 -11.31 -0.30
C HIS A 41 -10.42 -10.42 -0.99
N GLU A 42 -11.67 -10.84 -1.00
CA GLU A 42 -12.72 -10.05 -1.63
C GLU A 42 -12.80 -8.70 -0.93
N ARG A 43 -12.66 -8.73 0.39
CA ARG A 43 -12.69 -7.50 1.18
C ARG A 43 -11.52 -6.60 0.81
N ILE A 44 -10.33 -7.19 0.64
CA ILE A 44 -9.16 -6.39 0.32
C ILE A 44 -9.29 -5.80 -1.07
N ARG A 45 -9.43 -6.66 -2.06
CA ARG A 45 -9.54 -6.22 -3.45
C ARG A 45 -10.66 -5.20 -3.60
N ALA A 46 -11.70 -5.35 -2.79
CA ALA A 46 -12.82 -4.42 -2.86
C ALA A 46 -12.34 -3.02 -2.52
N LEU A 47 -11.47 -2.92 -1.52
CA LEU A 47 -10.94 -1.63 -1.10
C LEU A 47 -9.68 -1.26 -1.90
N GLN A 48 -9.06 -2.24 -2.57
CA GLN A 48 -7.88 -1.95 -3.36
C GLN A 48 -8.27 -1.02 -4.51
N ARG A 49 -9.45 -1.28 -5.07
CA ARG A 49 -9.95 -0.49 -6.19
C ARG A 49 -10.85 0.66 -5.73
N ASN A 50 -11.63 0.42 -4.68
CA ASN A 50 -12.55 1.44 -4.19
C ASN A 50 -11.84 2.42 -3.26
N GLY A 51 -10.87 1.93 -2.51
CA GLY A 51 -10.13 2.77 -1.57
C GLY A 51 -10.79 2.76 -0.20
N VAL A 52 -10.03 3.13 0.83
CA VAL A 52 -10.58 3.13 2.19
C VAL A 52 -11.09 4.52 2.60
N PRO A 53 -12.38 4.67 2.88
CA PRO A 53 -12.94 5.98 3.32
C PRO A 53 -12.49 6.34 4.73
N SER A 54 -12.52 7.62 5.05
CA SER A 54 -12.11 8.08 6.37
C SER A 54 -13.09 7.56 7.44
N THR A 55 -14.22 7.02 7.00
CA THR A 55 -15.21 6.51 7.94
C THR A 55 -14.67 5.30 8.70
N ILE A 56 -13.68 4.63 8.11
CA ILE A 56 -13.06 3.47 8.74
C ILE A 56 -12.07 3.90 9.82
N SER A 57 -12.00 3.14 10.91
CA SER A 57 -11.10 3.48 12.00
C SER A 57 -9.65 3.25 11.57
N GLU A 58 -8.85 4.30 11.64
CA GLU A 58 -7.45 4.20 11.26
C GLU A 58 -6.54 4.64 12.41
N GLU A 59 -5.38 3.99 12.50
CA GLU A 59 -4.41 4.35 13.55
C GLU A 59 -3.59 5.55 13.11
N GLN A 60 -2.56 5.89 13.89
CA GLN A 60 -1.73 7.04 13.55
C GLN A 60 -1.17 6.89 12.12
N PRO A 61 -1.25 7.90 11.29
CA PRO A 61 -0.76 7.83 9.88
C PRO A 61 0.77 7.90 9.76
N HIS A 62 1.28 7.30 8.69
CA HIS A 62 2.71 7.29 8.41
C HIS A 62 2.95 7.83 7.01
N THR A 63 4.18 8.28 6.75
CA THR A 63 4.50 8.84 5.45
C THR A 63 5.64 8.07 4.78
N ALA A 64 5.62 8.03 3.46
CA ALA A 64 6.64 7.32 2.70
C ALA A 64 6.64 7.80 1.25
N ARG A 65 7.57 7.32 0.45
CA ARG A 65 7.61 7.71 -0.96
C ARG A 65 7.71 6.47 -1.85
N THR A 66 7.16 6.57 -3.05
CA THR A 66 7.18 5.45 -3.97
C THR A 66 7.74 5.85 -5.33
N ASP A 67 8.07 4.84 -6.12
CA ASP A 67 8.65 5.05 -7.45
C ASP A 67 7.56 5.10 -8.50
N ALA A 68 7.93 5.54 -9.70
CA ALA A 68 6.98 5.62 -10.81
C ALA A 68 6.73 4.24 -11.43
N THR A 69 7.34 3.21 -10.85
CA THR A 69 7.19 1.85 -11.37
C THR A 69 6.11 1.08 -10.59
N GLY A 70 5.35 1.80 -9.75
CA GLY A 70 4.30 1.15 -8.97
C GLY A 70 4.88 0.38 -7.79
N THR A 71 6.14 0.65 -7.46
CA THR A 71 6.77 -0.05 -6.35
C THR A 71 6.91 0.88 -5.14
N ALA A 72 6.92 0.29 -3.95
CA ALA A 72 7.04 1.07 -2.73
C ALA A 72 7.58 0.21 -1.58
N THR A 73 8.33 0.83 -0.68
CA THR A 73 8.88 0.10 0.46
C THR A 73 8.54 0.82 1.77
N ILE A 74 7.88 0.10 2.68
CA ILE A 74 7.51 0.69 3.97
C ILE A 74 7.75 -0.32 5.10
N THR A 75 8.24 0.17 6.24
CA THR A 75 8.51 -0.69 7.37
C THR A 75 7.79 -0.18 8.63
N ASN A 76 8.01 -0.87 9.74
CA ASN A 76 7.37 -0.48 11.00
C ASN A 76 5.85 -0.49 10.87
N LEU A 77 5.31 -1.57 10.33
CA LEU A 77 3.87 -1.70 10.16
C LEU A 77 3.32 -2.90 10.94
N PRO A 78 2.79 -2.69 12.13
CA PRO A 78 2.22 -3.81 12.97
C PRO A 78 1.08 -4.52 12.23
N PRO A 79 0.77 -5.74 12.61
CA PRO A 79 -0.31 -6.56 11.96
C PRO A 79 -1.61 -5.79 11.78
N GLY A 80 -2.25 -6.01 10.65
CA GLY A 80 -3.50 -5.35 10.34
C GLY A 80 -3.53 -4.99 8.85
N THR A 81 -4.50 -4.17 8.46
CA THR A 81 -4.61 -3.77 7.06
C THR A 81 -4.02 -2.37 6.89
N TYR A 82 -3.60 -2.03 5.69
CA TYR A 82 -3.00 -0.71 5.46
C TYR A 82 -3.66 0.01 4.31
N VAL A 83 -3.61 1.33 4.36
CA VAL A 83 -4.17 2.17 3.31
C VAL A 83 -3.05 2.95 2.64
N ILE A 84 -2.94 2.84 1.32
CA ILE A 84 -1.88 3.53 0.60
C ILE A 84 -2.44 4.31 -0.58
N ARG A 85 -2.22 5.62 -0.60
CA ARG A 85 -2.71 6.45 -1.71
C ARG A 85 -1.59 7.36 -2.22
N ASP A 86 -1.68 7.73 -3.49
CA ASP A 86 -0.66 8.57 -4.09
C ASP A 86 -0.88 10.05 -3.74
N THR A 87 -0.02 10.54 -2.86
CA THR A 87 -0.09 11.94 -2.43
C THR A 87 0.28 12.90 -3.57
N ASN A 88 1.28 12.53 -4.36
CA ASN A 88 1.74 13.40 -5.45
C ASN A 88 0.68 13.46 -6.56
N THR A 89 -0.20 14.46 -6.47
CA THR A 89 -1.25 14.63 -7.45
C THR A 89 -0.69 15.13 -8.79
N THR A 90 0.57 15.58 -8.78
CA THR A 90 1.17 16.07 -10.01
C THR A 90 1.25 14.96 -11.04
N LYS A 91 1.74 13.80 -10.61
CA LYS A 91 1.86 12.64 -11.49
C LYS A 91 1.44 11.37 -10.77
N PRO A 92 0.17 11.19 -10.52
CA PRO A 92 -0.35 9.99 -9.82
C PRO A 92 0.07 8.72 -10.53
N ARG A 93 0.54 7.76 -9.77
CA ARG A 93 0.97 6.49 -10.33
C ARG A 93 0.06 5.36 -9.87
N PHE A 94 -0.64 5.56 -8.77
CA PHE A 94 -1.52 4.52 -8.26
C PHE A 94 -2.71 5.09 -7.49
N SER A 95 -3.76 4.29 -7.38
CA SER A 95 -4.97 4.66 -6.66
C SER A 95 -4.94 4.05 -5.26
N PRO A 96 -5.78 4.47 -4.35
CA PRO A 96 -5.79 3.92 -2.97
C PRO A 96 -5.79 2.38 -2.98
N LEU A 97 -4.86 1.78 -2.22
CA LEU A 97 -4.75 0.32 -2.17
C LEU A 97 -4.81 -0.20 -0.74
N VAL A 98 -5.29 -1.43 -0.59
CA VAL A 98 -5.38 -2.06 0.72
C VAL A 98 -4.58 -3.36 0.78
N ILE A 99 -3.71 -3.46 1.77
CA ILE A 99 -2.88 -4.65 1.94
C ILE A 99 -2.99 -5.21 3.37
N PRO A 100 -3.43 -6.44 3.56
CA PRO A 100 -3.57 -7.03 4.91
C PRO A 100 -2.25 -7.65 5.40
N LEU A 101 -2.11 -7.76 6.72
CA LEU A 101 -0.91 -8.36 7.29
C LEU A 101 -1.30 -9.32 8.41
N GLY A 102 -0.81 -10.57 8.28
CA GLY A 102 -1.09 -11.66 9.22
C GLY A 102 -1.50 -11.16 10.60
N ILE A 103 -2.81 -11.02 10.78
CA ILE A 103 -3.37 -10.55 12.05
C ILE A 103 -2.93 -11.45 13.20
N ASP A 104 -2.13 -10.89 14.11
CA ASP A 104 -1.65 -11.66 15.26
C ASP A 104 -0.85 -10.76 16.20
N THR A 105 -0.42 -11.31 17.33
CA THR A 105 0.36 -10.55 18.30
C THR A 105 1.75 -10.27 17.73
N THR A 106 2.29 -11.26 17.01
CA THR A 106 3.60 -11.13 16.39
C THR A 106 3.48 -10.32 15.10
N SER A 107 4.55 -9.61 14.73
CA SER A 107 4.51 -8.81 13.51
C SER A 107 5.37 -9.44 12.41
N PRO A 108 4.77 -10.21 11.52
CA PRO A 108 5.51 -10.86 10.39
C PRO A 108 5.70 -9.91 9.21
N THR A 109 6.58 -10.30 8.30
CA THR A 109 6.84 -9.49 7.11
C THR A 109 5.89 -9.92 5.99
N MET A 110 5.56 -9.01 5.09
CA MET A 110 4.67 -9.34 4.00
C MET A 110 5.14 -8.71 2.70
N THR A 111 5.25 -9.54 1.68
CA THR A 111 5.67 -9.06 0.37
C THR A 111 4.59 -9.39 -0.65
N LEU A 112 4.02 -8.36 -1.26
CA LEU A 112 2.96 -8.56 -2.24
C LEU A 112 3.14 -7.64 -3.44
N ARG A 113 2.57 -8.07 -4.56
CA ARG A 113 2.63 -7.30 -5.79
C ARG A 113 1.22 -7.16 -6.37
N PRO A 114 0.40 -6.34 -5.77
CA PRO A 114 -1.03 -6.14 -6.19
C PRO A 114 -1.16 -5.77 -7.66
N LYS A 115 -2.15 -6.37 -8.32
CA LYS A 115 -2.42 -6.06 -9.72
C LYS A 115 -3.81 -5.45 -9.83
N LEU A 116 -3.84 -4.13 -9.92
CA LEU A 116 -5.11 -3.41 -10.01
C LEU A 116 -5.28 -2.79 -11.38
N ILE A 117 -6.53 -2.63 -11.79
CA ILE A 117 -6.82 -2.01 -13.07
C ILE A 117 -7.30 -0.59 -12.83
N ASP A 118 -6.94 0.31 -13.74
CA ASP A 118 -7.31 1.72 -13.60
C ASP A 118 -8.78 1.85 -13.22
N ALA A 119 -9.01 2.47 -12.07
CA ALA A 119 -10.37 2.65 -11.56
C ALA A 119 -10.72 4.13 -11.48
N THR A 120 -10.52 4.87 -12.57
CA THR A 120 -10.83 6.29 -12.60
C THR A 120 -10.07 7.03 -11.48
N PRO A 121 -10.11 8.33 -11.46
CA PRO A 121 -9.41 9.13 -10.40
C PRO A 121 -9.83 8.71 -9.00
N GLY A 122 -9.31 9.43 -8.01
CA GLY A 122 -9.62 9.12 -6.61
C GLY A 122 -8.65 9.85 -5.70
N ALA A 123 -7.45 9.30 -5.56
CA ALA A 123 -6.43 9.94 -4.74
C ALA A 123 -6.19 11.37 -5.24
N PRO A 124 -5.90 11.56 -6.52
CA PRO A 124 -5.69 12.91 -7.09
C PRO A 124 -7.01 13.64 -7.34
N ASN A 125 -8.12 12.91 -7.22
CA ASN A 125 -9.44 13.51 -7.44
C ASN A 125 -9.67 14.67 -6.48
N VAL A 126 -9.27 14.48 -5.22
CA VAL A 126 -9.44 15.52 -4.21
C VAL A 126 -8.10 15.92 -3.62
N GLN A 1 9.99 -12.52 14.88
CA GLN A 1 8.56 -12.29 14.52
C GLN A 1 8.24 -10.81 14.62
N GLU A 2 8.95 -10.11 15.51
CA GLU A 2 8.74 -8.68 15.69
C GLU A 2 9.04 -7.93 14.40
N ALA A 3 10.15 -8.30 13.76
CA ALA A 3 10.56 -7.65 12.51
C ALA A 3 9.55 -7.94 11.40
N ASN A 4 9.34 -6.96 10.53
CA ASN A 4 8.39 -7.12 9.43
C ASN A 4 8.76 -6.20 8.28
N THR A 5 8.32 -6.55 7.07
CA THR A 5 8.61 -5.74 5.90
C THR A 5 7.38 -5.63 5.00
N LEU A 6 7.04 -4.40 4.61
CA LEU A 6 5.89 -4.18 3.74
C LEU A 6 6.33 -3.68 2.37
N VAL A 7 6.24 -4.54 1.36
CA VAL A 7 6.63 -4.15 0.01
C VAL A 7 5.46 -4.30 -0.95
N ILE A 8 5.13 -3.21 -1.65
CA ILE A 8 4.03 -3.25 -2.61
C ILE A 8 4.52 -2.75 -3.96
N ASP A 9 4.42 -3.58 -4.99
CA ASP A 9 4.86 -3.19 -6.31
C ASP A 9 3.76 -3.37 -7.34
N LEU A 10 3.40 -2.29 -8.02
CA LEU A 10 2.36 -2.35 -9.04
C LEU A 10 2.93 -2.86 -10.36
N GLU A 11 4.26 -3.01 -10.42
CA GLU A 11 4.92 -3.49 -11.63
C GLU A 11 5.95 -4.56 -11.26
N PRO A 12 6.30 -5.44 -12.17
CA PRO A 12 7.29 -6.50 -11.88
C PRO A 12 8.59 -5.87 -11.33
N PRO A 13 9.00 -6.21 -10.13
CA PRO A 13 10.23 -5.63 -9.53
C PRO A 13 11.50 -6.35 -9.98
N ALA A 14 11.83 -6.19 -11.26
CA ALA A 14 13.02 -6.81 -11.82
C ALA A 14 14.20 -5.85 -11.72
N ALA A 15 14.59 -5.55 -10.48
CA ALA A 15 15.69 -4.63 -10.21
C ALA A 15 17.06 -5.32 -10.30
N PHE A 16 17.14 -6.40 -11.07
CA PHE A 16 18.41 -7.11 -11.23
C PHE A 16 19.45 -6.18 -11.85
N ALA A 17 19.02 -5.39 -12.82
CA ALA A 17 19.92 -4.45 -13.49
C ALA A 17 19.13 -3.55 -14.43
N ASP A 18 18.39 -2.60 -13.85
CA ASP A 18 17.59 -1.69 -14.65
C ASP A 18 17.18 -0.46 -13.83
N ASP A 19 16.40 0.42 -14.43
CA ASP A 19 15.94 1.64 -13.75
C ASP A 19 14.70 1.35 -12.89
N GLN A 20 14.24 0.10 -12.90
CA GLN A 20 13.07 -0.28 -12.12
C GLN A 20 13.14 0.24 -10.67
N PRO A 21 14.18 -0.07 -9.93
CA PRO A 21 14.32 0.41 -8.53
C PRO A 21 14.65 1.89 -8.44
N GLN A 22 15.12 2.46 -9.54
CA GLN A 22 15.47 3.87 -9.57
C GLN A 22 14.24 4.76 -9.56
N GLY A 23 14.38 5.95 -9.00
CA GLY A 23 13.27 6.90 -8.92
C GLY A 23 12.66 6.92 -7.53
N HIS A 24 12.14 8.09 -7.13
CA HIS A 24 11.53 8.24 -5.82
C HIS A 24 11.10 9.69 -5.61
N ASN A 25 10.00 10.08 -6.27
CA ASN A 25 9.51 11.45 -6.15
C ASN A 25 8.01 11.47 -5.83
N ILE A 26 7.45 10.31 -5.46
CA ILE A 26 6.02 10.27 -5.16
C ILE A 26 5.77 10.01 -3.68
N ASP A 27 4.97 10.87 -3.07
CA ASP A 27 4.64 10.73 -1.66
C ASP A 27 3.39 9.86 -1.53
N VAL A 28 3.35 9.03 -0.50
CA VAL A 28 2.20 8.16 -0.29
C VAL A 28 1.72 8.26 1.14
N THR A 29 0.40 8.18 1.32
CA THR A 29 -0.18 8.27 2.65
C THR A 29 -0.51 6.89 3.18
N VAL A 30 -0.05 6.61 4.39
CA VAL A 30 -0.29 5.32 5.03
C VAL A 30 -1.10 5.52 6.30
N ALA A 31 -2.19 4.77 6.43
CA ALA A 31 -3.04 4.88 7.61
C ALA A 31 -3.38 3.49 8.12
N LYS A 32 -3.40 3.34 9.44
CA LYS A 32 -3.70 2.07 10.05
C LYS A 32 -5.21 1.87 10.11
N LEU A 33 -5.66 0.72 9.63
CA LEU A 33 -7.08 0.39 9.61
C LEU A 33 -7.38 -0.74 10.59
N HIS A 34 -8.62 -0.81 11.06
CA HIS A 34 -9.01 -1.84 12.00
C HIS A 34 -8.54 -3.19 11.49
N ASN A 35 -8.03 -4.02 12.39
CA ASN A 35 -7.50 -5.33 12.02
C ASN A 35 -8.55 -6.16 11.27
N ILE A 36 -8.21 -6.59 10.06
CA ILE A 36 -9.10 -7.41 9.26
C ILE A 36 -8.37 -8.68 8.82
N ASP A 37 -9.07 -9.81 8.88
CA ASP A 37 -8.45 -11.07 8.50
C ASP A 37 -8.01 -11.04 7.03
N PRO A 38 -6.80 -11.47 6.71
CA PRO A 38 -6.29 -11.47 5.31
C PRO A 38 -7.00 -12.51 4.44
N GLU A 39 -7.73 -13.42 5.08
CA GLU A 39 -8.46 -14.46 4.35
C GLU A 39 -9.49 -13.84 3.42
N ASP A 40 -9.94 -12.63 3.77
CA ASP A 40 -10.93 -11.94 2.95
C ASP A 40 -10.24 -11.26 1.77
N HIS A 41 -9.81 -12.07 0.79
CA HIS A 41 -9.13 -11.52 -0.37
C HIS A 41 -10.04 -10.58 -1.15
N GLU A 42 -11.30 -10.95 -1.29
CA GLU A 42 -12.25 -10.11 -2.02
C GLU A 42 -12.42 -8.77 -1.31
N ARG A 43 -12.48 -8.82 0.02
CA ARG A 43 -12.63 -7.62 0.81
C ARG A 43 -11.45 -6.66 0.63
N ILE A 44 -10.24 -7.21 0.66
CA ILE A 44 -9.04 -6.40 0.51
C ILE A 44 -8.96 -5.77 -0.87
N ARG A 45 -9.25 -6.56 -1.90
CA ARG A 45 -9.19 -6.04 -3.27
C ARG A 45 -10.28 -4.99 -3.49
N ALA A 46 -11.48 -5.27 -2.97
CA ALA A 46 -12.61 -4.35 -3.11
C ALA A 46 -12.33 -3.03 -2.42
N LEU A 47 -11.70 -3.11 -1.25
CA LEU A 47 -11.37 -1.92 -0.47
C LEU A 47 -10.10 -1.29 -1.02
N GLN A 48 -9.38 -2.04 -1.83
CA GLN A 48 -8.17 -1.53 -2.42
C GLN A 48 -8.53 -0.56 -3.54
N ARG A 49 -9.41 -0.98 -4.43
CA ARG A 49 -9.84 -0.14 -5.54
C ARG A 49 -10.78 0.98 -5.07
N ASN A 50 -11.61 0.68 -4.07
CA ASN A 50 -12.55 1.68 -3.58
C ASN A 50 -11.92 2.52 -2.46
N GLY A 51 -11.07 1.89 -1.67
CA GLY A 51 -10.40 2.58 -0.57
C GLY A 51 -11.13 2.31 0.74
N VAL A 52 -10.38 2.04 1.80
CA VAL A 52 -11.00 1.77 3.09
C VAL A 52 -11.71 3.02 3.64
N PRO A 53 -12.92 2.91 4.13
CA PRO A 53 -13.66 4.09 4.67
C PRO A 53 -12.89 4.77 5.80
N SER A 54 -12.92 6.10 5.81
CA SER A 54 -12.22 6.86 6.84
C SER A 54 -12.97 6.76 8.17
N THR A 55 -14.21 6.25 8.13
CA THR A 55 -15.00 6.12 9.34
C THR A 55 -14.39 5.06 10.27
N ILE A 56 -13.60 4.17 9.71
CA ILE A 56 -12.94 3.13 10.51
C ILE A 56 -11.91 3.76 11.43
N SER A 57 -11.78 3.23 12.65
CA SER A 57 -10.83 3.77 13.60
C SER A 57 -9.42 3.54 13.11
N GLU A 58 -8.61 4.60 13.12
CA GLU A 58 -7.24 4.50 12.66
C GLU A 58 -6.26 4.98 13.72
N GLU A 59 -4.98 4.69 13.49
CA GLU A 59 -3.92 5.10 14.41
C GLU A 59 -3.24 6.33 13.83
N GLN A 60 -2.13 6.76 14.44
CA GLN A 60 -1.43 7.93 13.95
C GLN A 60 -1.03 7.71 12.49
N PRO A 61 -1.07 8.73 11.66
CA PRO A 61 -0.73 8.61 10.20
C PRO A 61 0.77 8.41 9.95
N HIS A 62 1.07 7.70 8.87
CA HIS A 62 2.46 7.43 8.50
C HIS A 62 2.71 7.91 7.07
N THR A 63 3.95 8.24 6.76
CA THR A 63 4.29 8.71 5.43
C THR A 63 5.38 7.87 4.81
N ALA A 64 5.39 7.82 3.47
CA ALA A 64 6.40 7.05 2.74
C ALA A 64 6.49 7.56 1.31
N ARG A 65 7.49 7.09 0.57
CA ARG A 65 7.65 7.52 -0.81
C ARG A 65 7.91 6.32 -1.72
N THR A 66 7.47 6.43 -2.96
CA THR A 66 7.66 5.34 -3.92
C THR A 66 8.33 5.85 -5.20
N ASP A 67 8.80 4.90 -6.01
CA ASP A 67 9.47 5.25 -7.26
C ASP A 67 8.46 5.44 -8.40
N ALA A 68 8.99 5.64 -9.60
CA ALA A 68 8.15 5.86 -10.78
C ALA A 68 7.50 4.57 -11.29
N THR A 69 7.83 3.43 -10.68
CA THR A 69 7.27 2.15 -11.13
C THR A 69 6.12 1.69 -10.24
N GLY A 70 5.64 2.55 -9.34
CA GLY A 70 4.55 2.18 -8.46
C GLY A 70 5.03 1.24 -7.35
N THR A 71 6.34 1.19 -7.13
CA THR A 71 6.88 0.32 -6.09
C THR A 71 7.37 1.15 -4.91
N ALA A 72 7.11 0.65 -3.71
CA ALA A 72 7.53 1.35 -2.49
C ALA A 72 7.86 0.34 -1.40
N THR A 73 8.66 0.76 -0.42
CA THR A 73 9.04 -0.12 0.67
C THR A 73 8.84 0.56 2.02
N ILE A 74 8.16 -0.13 2.92
CA ILE A 74 7.90 0.38 4.26
C ILE A 74 8.27 -0.68 5.29
N THR A 75 9.00 -0.29 6.33
CA THR A 75 9.43 -1.26 7.35
C THR A 75 9.01 -0.83 8.75
N ASN A 76 9.08 -1.78 9.68
CA ASN A 76 8.73 -1.53 11.08
C ASN A 76 7.28 -1.11 11.25
N LEU A 77 6.36 -1.85 10.63
CA LEU A 77 4.94 -1.54 10.75
C LEU A 77 4.20 -2.64 11.54
N PRO A 78 3.29 -2.29 12.43
CA PRO A 78 2.53 -3.29 13.25
C PRO A 78 1.51 -4.06 12.41
N PRO A 79 1.01 -5.15 12.93
CA PRO A 79 0.00 -6.00 12.22
C PRO A 79 -1.36 -5.30 12.11
N GLY A 80 -2.07 -5.58 11.02
CA GLY A 80 -3.38 -4.98 10.81
C GLY A 80 -3.61 -4.68 9.33
N THR A 81 -4.62 -3.88 9.05
CA THR A 81 -4.95 -3.52 7.68
C THR A 81 -4.36 -2.16 7.34
N TYR A 82 -3.67 -2.06 6.21
CA TYR A 82 -3.06 -0.79 5.82
C TYR A 82 -3.70 -0.23 4.55
N VAL A 83 -3.84 1.08 4.54
CA VAL A 83 -4.42 1.77 3.39
C VAL A 83 -3.37 2.71 2.79
N ILE A 84 -3.29 2.72 1.46
CA ILE A 84 -2.32 3.54 0.76
C ILE A 84 -3.02 4.49 -0.21
N ARG A 85 -2.50 5.70 -0.34
CA ARG A 85 -3.09 6.68 -1.25
C ARG A 85 -2.03 7.59 -1.86
N ASP A 86 -2.06 7.76 -3.19
CA ASP A 86 -1.10 8.62 -3.86
C ASP A 86 -1.25 10.07 -3.40
N THR A 87 -0.20 10.57 -2.73
CA THR A 87 -0.21 11.94 -2.22
C THR A 87 0.13 12.96 -3.30
N ASN A 88 0.85 12.54 -4.34
CA ASN A 88 1.23 13.47 -5.41
C ASN A 88 -0.03 14.05 -6.05
N THR A 89 -0.05 15.38 -6.17
CA THR A 89 -1.19 16.05 -6.77
C THR A 89 -0.91 16.45 -8.22
N THR A 90 0.34 16.30 -8.65
CA THR A 90 0.69 16.68 -10.02
C THR A 90 0.59 15.49 -10.96
N LYS A 91 1.31 14.41 -10.63
CA LYS A 91 1.30 13.21 -11.46
C LYS A 91 1.09 11.95 -10.64
N PRO A 92 -0.12 11.65 -10.25
CA PRO A 92 -0.42 10.42 -9.47
C PRO A 92 0.12 9.19 -10.18
N ARG A 93 0.79 8.33 -9.44
CA ARG A 93 1.37 7.13 -10.03
C ARG A 93 0.53 5.90 -9.73
N PHE A 94 -0.37 5.99 -8.76
CA PHE A 94 -1.18 4.83 -8.43
C PHE A 94 -2.48 5.21 -7.72
N SER A 95 -3.43 4.29 -7.78
CA SER A 95 -4.72 4.46 -7.12
C SER A 95 -4.62 3.85 -5.73
N PRO A 96 -5.53 4.14 -4.85
CA PRO A 96 -5.46 3.60 -3.46
C PRO A 96 -5.25 2.08 -3.43
N LEU A 97 -4.43 1.63 -2.50
CA LEU A 97 -4.13 0.19 -2.36
C LEU A 97 -4.34 -0.28 -0.92
N VAL A 98 -4.83 -1.50 -0.77
CA VAL A 98 -5.05 -2.05 0.56
C VAL A 98 -4.47 -3.47 0.68
N ILE A 99 -3.75 -3.71 1.77
CA ILE A 99 -3.17 -5.05 1.99
C ILE A 99 -3.15 -5.39 3.49
N PRO A 100 -3.53 -6.60 3.86
CA PRO A 100 -3.55 -7.04 5.30
C PRO A 100 -2.18 -7.48 5.80
N LEU A 101 -1.98 -7.42 7.12
CA LEU A 101 -0.70 -7.83 7.70
C LEU A 101 -0.93 -8.61 8.99
N GLY A 102 -0.88 -9.94 8.88
CA GLY A 102 -1.05 -10.87 10.01
C GLY A 102 -1.84 -10.28 11.17
N ILE A 103 -3.14 -10.58 11.23
CA ILE A 103 -3.97 -10.07 12.31
C ILE A 103 -3.67 -10.81 13.61
N ASP A 104 -2.51 -10.51 14.19
CA ASP A 104 -2.10 -11.15 15.43
C ASP A 104 -1.07 -10.30 16.16
N THR A 105 -0.60 -10.77 17.31
CA THR A 105 0.38 -10.03 18.09
C THR A 105 1.72 -9.97 17.35
N THR A 106 2.00 -11.01 16.55
CA THR A 106 3.24 -11.05 15.78
C THR A 106 3.14 -10.17 14.55
N SER A 107 4.28 -9.85 13.94
CA SER A 107 4.28 -9.00 12.75
C SER A 107 4.96 -9.72 11.58
N PRO A 108 4.20 -10.41 10.75
CA PRO A 108 4.76 -11.10 9.56
C PRO A 108 5.03 -10.13 8.41
N THR A 109 5.86 -10.54 7.47
CA THR A 109 6.19 -9.70 6.34
C THR A 109 5.12 -9.85 5.25
N MET A 110 4.97 -8.84 4.41
CA MET A 110 3.99 -8.88 3.34
C MET A 110 4.56 -8.30 2.06
N THR A 111 4.89 -9.16 1.12
CA THR A 111 5.42 -8.72 -0.16
C THR A 111 4.53 -9.22 -1.29
N LEU A 112 3.79 -8.29 -1.89
CA LEU A 112 2.89 -8.66 -2.97
C LEU A 112 2.90 -7.61 -4.07
N ARG A 113 2.39 -7.98 -5.23
CA ARG A 113 2.33 -7.07 -6.36
C ARG A 113 0.87 -6.92 -6.79
N PRO A 114 0.13 -6.07 -6.14
CA PRO A 114 -1.31 -5.85 -6.44
C PRO A 114 -1.58 -5.59 -7.92
N LYS A 115 -2.64 -6.21 -8.42
CA LYS A 115 -3.02 -6.02 -9.82
C LYS A 115 -4.30 -5.20 -9.88
N LEU A 116 -4.13 -3.90 -10.11
CA LEU A 116 -5.26 -2.99 -10.17
C LEU A 116 -5.85 -2.91 -11.57
N ILE A 117 -7.16 -2.75 -11.63
CA ILE A 117 -7.82 -2.62 -12.92
C ILE A 117 -7.95 -1.13 -13.23
N ASP A 118 -7.82 -0.79 -14.50
CA ASP A 118 -7.89 0.62 -14.92
C ASP A 118 -9.06 1.31 -14.23
N ALA A 119 -8.76 2.46 -13.64
CA ALA A 119 -9.76 3.24 -12.93
C ALA A 119 -9.38 4.71 -12.89
N THR A 120 -9.99 5.45 -11.98
CA THR A 120 -9.71 6.87 -11.84
C THR A 120 -8.28 7.04 -11.32
N PRO A 121 -7.71 8.21 -11.46
CA PRO A 121 -6.30 8.47 -11.01
C PRO A 121 -6.07 7.99 -9.58
N GLY A 122 -7.07 8.15 -8.72
CA GLY A 122 -6.94 7.71 -7.33
C GLY A 122 -7.28 8.82 -6.36
N ALA A 123 -6.29 9.27 -5.61
CA ALA A 123 -6.49 10.34 -4.64
C ALA A 123 -7.22 11.53 -5.29
N PRO A 124 -6.72 12.06 -6.40
CA PRO A 124 -7.38 13.19 -7.10
C PRO A 124 -8.51 12.71 -8.00
N ASN A 125 -9.56 12.18 -7.38
CA ASN A 125 -10.70 11.67 -8.13
C ASN A 125 -11.63 12.81 -8.54
N VAL A 126 -11.67 13.09 -9.84
CA VAL A 126 -12.53 14.15 -10.35
C VAL A 126 -13.95 14.00 -9.82
N GLN A 1 14.65 -8.23 15.42
CA GLN A 1 13.60 -8.58 16.41
C GLN A 1 12.23 -8.24 15.83
N GLU A 2 11.50 -9.27 15.42
CA GLU A 2 10.17 -9.06 14.85
C GLU A 2 10.23 -8.06 13.70
N ALA A 3 11.18 -8.24 12.80
CA ALA A 3 11.32 -7.34 11.67
C ALA A 3 10.06 -7.34 10.83
N ASN A 4 9.66 -6.17 10.35
CA ASN A 4 8.45 -6.06 9.54
C ASN A 4 8.72 -5.24 8.28
N THR A 5 8.54 -5.88 7.12
CA THR A 5 8.75 -5.19 5.85
C THR A 5 7.50 -5.27 4.98
N LEU A 6 7.08 -4.13 4.46
CA LEU A 6 5.89 -4.07 3.62
C LEU A 6 6.24 -3.53 2.23
N VAL A 7 6.23 -4.42 1.24
CA VAL A 7 6.55 -4.01 -0.13
C VAL A 7 5.38 -4.29 -1.07
N ILE A 8 4.94 -3.24 -1.76
CA ILE A 8 3.83 -3.38 -2.71
C ILE A 8 4.25 -2.95 -4.10
N ASP A 9 4.20 -3.87 -5.05
CA ASP A 9 4.57 -3.55 -6.42
C ASP A 9 3.36 -3.63 -7.34
N LEU A 10 3.19 -2.60 -8.17
CA LEU A 10 2.07 -2.56 -9.10
C LEU A 10 2.54 -2.77 -10.53
N GLU A 11 3.74 -3.33 -10.69
CA GLU A 11 4.29 -3.57 -12.03
C GLU A 11 5.18 -4.81 -12.00
N PRO A 12 5.40 -5.45 -13.13
CA PRO A 12 6.27 -6.65 -13.18
C PRO A 12 7.68 -6.33 -12.64
N PRO A 13 8.11 -6.98 -11.57
CA PRO A 13 9.45 -6.71 -10.97
C PRO A 13 10.58 -7.41 -11.72
N ALA A 14 11.80 -7.01 -11.42
CA ALA A 14 12.98 -7.59 -12.05
C ALA A 14 12.88 -7.51 -13.58
N ALA A 15 12.12 -6.54 -14.07
CA ALA A 15 11.96 -6.36 -15.50
C ALA A 15 13.29 -6.04 -16.16
N PHE A 16 14.08 -5.19 -15.52
CA PHE A 16 15.38 -4.82 -16.06
C PHE A 16 16.41 -4.66 -14.93
N ALA A 17 17.23 -5.67 -14.74
CA ALA A 17 18.25 -5.64 -13.68
C ALA A 17 17.64 -5.17 -12.37
N ASP A 18 16.36 -5.45 -12.18
CA ASP A 18 15.66 -5.05 -10.97
C ASP A 18 15.83 -3.54 -10.73
N ASP A 19 15.67 -2.76 -11.79
CA ASP A 19 15.80 -1.31 -11.68
C ASP A 19 14.42 -0.65 -11.72
N GLN A 20 13.37 -1.44 -11.60
CA GLN A 20 12.00 -0.92 -11.62
C GLN A 20 11.75 0.10 -10.49
N PRO A 21 12.09 -0.19 -9.25
CA PRO A 21 11.87 0.76 -8.13
C PRO A 21 12.89 1.89 -8.12
N GLN A 22 12.83 2.75 -9.14
CA GLN A 22 13.75 3.88 -9.24
C GLN A 22 13.02 5.19 -8.93
N GLY A 23 13.75 6.14 -8.36
CA GLY A 23 13.16 7.43 -8.02
C GLY A 23 12.49 7.35 -6.65
N HIS A 24 12.03 8.50 -6.14
CA HIS A 24 11.36 8.53 -4.84
C HIS A 24 10.85 9.93 -4.53
N ASN A 25 10.18 10.55 -5.49
CA ASN A 25 9.67 11.91 -5.30
C ASN A 25 8.16 11.92 -5.03
N ILE A 26 7.57 10.76 -4.71
CA ILE A 26 6.13 10.74 -4.45
C ILE A 26 5.82 10.60 -2.98
N ASP A 27 4.83 11.36 -2.52
CA ASP A 27 4.40 11.32 -1.13
C ASP A 27 3.09 10.53 -1.01
N VAL A 28 3.02 9.65 -0.03
CA VAL A 28 1.82 8.83 0.16
C VAL A 28 1.35 8.88 1.60
N THR A 29 0.05 8.67 1.78
CA THR A 29 -0.55 8.67 3.11
C THR A 29 -0.74 7.25 3.61
N VAL A 30 -0.26 6.99 4.82
CA VAL A 30 -0.38 5.66 5.41
C VAL A 30 -1.27 5.72 6.64
N ALA A 31 -2.27 4.84 6.68
CA ALA A 31 -3.19 4.81 7.81
C ALA A 31 -3.45 3.38 8.25
N LYS A 32 -3.61 3.19 9.55
CA LYS A 32 -3.87 1.88 10.11
C LYS A 32 -5.37 1.63 10.23
N LEU A 33 -5.82 0.49 9.71
CA LEU A 33 -7.23 0.14 9.74
C LEU A 33 -7.47 -1.02 10.67
N HIS A 34 -8.70 -1.14 11.16
CA HIS A 34 -9.06 -2.23 12.06
C HIS A 34 -8.56 -3.55 11.49
N ASN A 35 -8.00 -4.39 12.36
CA ASN A 35 -7.43 -5.65 11.94
C ASN A 35 -8.41 -6.49 11.12
N ILE A 36 -7.97 -6.90 9.92
CA ILE A 36 -8.80 -7.73 9.05
C ILE A 36 -8.00 -8.98 8.62
N ASP A 37 -8.66 -10.14 8.61
CA ASP A 37 -7.99 -11.38 8.24
C ASP A 37 -7.51 -11.34 6.77
N PRO A 38 -6.26 -11.64 6.48
CA PRO A 38 -5.74 -11.65 5.08
C PRO A 38 -6.47 -12.65 4.18
N GLU A 39 -7.24 -13.54 4.80
CA GLU A 39 -7.97 -14.57 4.07
C GLU A 39 -8.95 -13.95 3.07
N ASP A 40 -9.53 -12.82 3.44
CA ASP A 40 -10.50 -12.16 2.58
C ASP A 40 -9.79 -11.48 1.39
N HIS A 41 -9.25 -12.29 0.48
CA HIS A 41 -8.55 -11.76 -0.68
C HIS A 41 -9.46 -10.88 -1.53
N GLU A 42 -10.74 -11.23 -1.60
CA GLU A 42 -11.69 -10.44 -2.38
C GLU A 42 -11.81 -9.05 -1.76
N ARG A 43 -11.89 -9.03 -0.44
CA ARG A 43 -12.00 -7.78 0.30
C ARG A 43 -10.78 -6.90 0.09
N ILE A 44 -9.60 -7.52 0.11
CA ILE A 44 -8.36 -6.77 -0.05
C ILE A 44 -8.30 -6.08 -1.41
N ARG A 45 -8.57 -6.87 -2.45
CA ARG A 45 -8.53 -6.35 -3.81
C ARG A 45 -9.56 -5.25 -4.02
N ALA A 46 -10.74 -5.42 -3.44
CA ALA A 46 -11.79 -4.43 -3.59
C ALA A 46 -11.33 -3.11 -3.01
N LEU A 47 -10.65 -3.18 -1.87
CA LEU A 47 -10.15 -1.99 -1.21
C LEU A 47 -8.90 -1.46 -1.93
N GLN A 48 -8.16 -2.35 -2.59
CA GLN A 48 -6.97 -1.92 -3.32
C GLN A 48 -7.37 -1.02 -4.49
N ARG A 49 -8.61 -1.17 -4.95
CA ARG A 49 -9.07 -0.37 -6.08
C ARG A 49 -9.96 0.79 -5.62
N ASN A 50 -10.92 0.48 -4.75
CA ASN A 50 -11.84 1.49 -4.25
C ASN A 50 -11.24 2.28 -3.10
N GLY A 51 -10.39 1.62 -2.31
CA GLY A 51 -9.77 2.27 -1.16
C GLY A 51 -10.67 2.19 0.06
N VAL A 52 -10.13 2.51 1.23
CA VAL A 52 -10.93 2.45 2.45
C VAL A 52 -11.28 3.85 2.97
N PRO A 53 -12.41 3.99 3.64
CA PRO A 53 -12.86 5.30 4.21
C PRO A 53 -12.13 5.65 5.50
N SER A 54 -12.01 6.94 5.77
CA SER A 54 -11.36 7.39 6.99
C SER A 54 -12.25 7.12 8.20
N THR A 55 -13.47 6.65 7.95
CA THR A 55 -14.41 6.36 9.04
C THR A 55 -13.93 5.18 9.87
N ILE A 56 -13.08 4.34 9.29
CA ILE A 56 -12.55 3.18 10.01
C ILE A 56 -11.70 3.63 11.19
N SER A 57 -11.78 2.90 12.29
CA SER A 57 -11.00 3.26 13.46
C SER A 57 -9.53 3.13 13.14
N GLU A 58 -8.84 4.27 13.09
CA GLU A 58 -7.42 4.27 12.77
C GLU A 58 -6.60 4.96 13.85
N GLU A 59 -5.30 4.72 13.81
CA GLU A 59 -4.37 5.34 14.75
C GLU A 59 -3.80 6.61 14.14
N GLN A 60 -2.82 7.22 14.80
CA GLN A 60 -2.25 8.45 14.28
C GLN A 60 -1.73 8.22 12.85
N PRO A 61 -1.93 9.16 11.94
CA PRO A 61 -1.47 9.00 10.52
C PRO A 61 0.05 8.81 10.38
N HIS A 62 0.43 8.06 9.35
CA HIS A 62 1.85 7.80 9.06
C HIS A 62 2.19 8.36 7.69
N THR A 63 3.46 8.63 7.46
CA THR A 63 3.90 9.17 6.18
C THR A 63 4.86 8.21 5.49
N ALA A 64 4.84 8.23 4.16
CA ALA A 64 5.72 7.35 3.38
C ALA A 64 5.91 7.93 1.99
N ARG A 65 6.92 7.44 1.27
CA ARG A 65 7.18 7.91 -0.08
C ARG A 65 7.37 6.73 -1.02
N THR A 66 7.04 6.93 -2.29
CA THR A 66 7.15 5.84 -3.26
C THR A 66 8.00 6.25 -4.47
N ASP A 67 8.42 5.23 -5.22
CA ASP A 67 9.27 5.41 -6.39
C ASP A 67 8.50 5.98 -7.57
N ALA A 68 9.22 6.23 -8.67
CA ALA A 68 8.62 6.76 -9.89
C ALA A 68 7.56 5.80 -10.41
N THR A 69 7.64 4.55 -9.99
CA THR A 69 6.68 3.54 -10.40
C THR A 69 5.74 3.24 -9.23
N GLY A 70 4.73 2.42 -9.45
CA GLY A 70 3.78 2.10 -8.39
C GLY A 70 4.39 1.09 -7.40
N THR A 71 5.58 1.41 -6.89
CA THR A 71 6.23 0.54 -5.92
C THR A 71 6.49 1.31 -4.64
N ALA A 72 6.38 0.64 -3.49
CA ALA A 72 6.60 1.32 -2.22
C ALA A 72 7.13 0.36 -1.17
N THR A 73 7.89 0.90 -0.22
CA THR A 73 8.45 0.07 0.86
C THR A 73 8.32 0.79 2.20
N ILE A 74 7.69 0.12 3.16
CA ILE A 74 7.52 0.70 4.49
C ILE A 74 7.83 -0.36 5.56
N THR A 75 8.57 0.04 6.58
CA THR A 75 8.94 -0.90 7.64
C THR A 75 8.34 -0.49 8.99
N ASN A 76 8.51 -1.37 9.97
CA ASN A 76 7.99 -1.14 11.33
C ASN A 76 6.48 -1.00 11.35
N LEU A 77 5.78 -1.87 10.63
CA LEU A 77 4.32 -1.83 10.61
C LEU A 77 3.74 -3.06 11.33
N PRO A 78 3.03 -2.89 12.44
CA PRO A 78 2.43 -4.04 13.20
C PRO A 78 1.26 -4.68 12.44
N PRO A 79 0.80 -5.81 12.91
CA PRO A 79 -0.33 -6.55 12.27
C PRO A 79 -1.57 -5.68 12.08
N GLY A 80 -2.26 -5.88 10.96
CA GLY A 80 -3.46 -5.11 10.66
C GLY A 80 -3.45 -4.67 9.20
N THR A 81 -4.45 -3.90 8.81
CA THR A 81 -4.54 -3.43 7.43
C THR A 81 -4.04 -2.01 7.28
N TYR A 82 -3.43 -1.72 6.15
CA TYR A 82 -2.90 -0.39 5.88
C TYR A 82 -3.46 0.16 4.58
N VAL A 83 -3.66 1.48 4.56
CA VAL A 83 -4.17 2.15 3.38
C VAL A 83 -3.08 3.06 2.82
N ILE A 84 -2.93 3.06 1.50
CA ILE A 84 -1.90 3.88 0.85
C ILE A 84 -2.51 4.71 -0.26
N ARG A 85 -2.48 6.04 -0.11
CA ARG A 85 -3.05 6.91 -1.13
C ARG A 85 -2.02 7.92 -1.64
N ASP A 86 -1.92 8.01 -2.97
CA ASP A 86 -0.97 8.94 -3.58
C ASP A 86 -1.29 10.38 -3.20
N THR A 87 -0.59 10.88 -2.19
CA THR A 87 -0.79 12.25 -1.72
C THR A 87 -0.39 13.25 -2.80
N ASN A 88 0.72 12.95 -3.50
CA ASN A 88 1.21 13.84 -4.54
C ASN A 88 0.17 13.99 -5.64
N THR A 89 0.00 15.22 -6.12
CA THR A 89 -0.98 15.49 -7.17
C THR A 89 -0.30 15.66 -8.55
N THR A 90 1.01 15.89 -8.54
CA THR A 90 1.72 16.10 -9.81
C THR A 90 1.63 14.86 -10.71
N LYS A 91 1.94 13.70 -10.14
CA LYS A 91 1.90 12.46 -10.91
C LYS A 91 1.46 11.29 -10.03
N PRO A 92 0.19 11.15 -9.77
CA PRO A 92 -0.32 10.02 -8.93
C PRO A 92 0.18 8.69 -9.45
N ARG A 93 0.96 8.01 -8.63
CA ARG A 93 1.51 6.72 -8.99
C ARG A 93 0.42 5.66 -9.01
N PHE A 94 -0.50 5.78 -8.08
CA PHE A 94 -1.58 4.79 -7.98
C PHE A 94 -2.75 5.29 -7.14
N SER A 95 -3.85 4.54 -7.23
CA SER A 95 -5.06 4.84 -6.48
C SER A 95 -4.93 4.23 -5.08
N PRO A 96 -5.82 4.52 -4.17
CA PRO A 96 -5.71 3.96 -2.79
C PRO A 96 -5.49 2.44 -2.80
N LEU A 97 -4.47 1.99 -2.05
CA LEU A 97 -4.14 0.57 -1.99
C LEU A 97 -4.33 0.02 -0.58
N VAL A 98 -4.78 -1.22 -0.48
CA VAL A 98 -4.99 -1.85 0.83
C VAL A 98 -4.35 -3.23 0.89
N ILE A 99 -3.60 -3.47 1.97
CA ILE A 99 -2.95 -4.76 2.17
C ILE A 99 -3.01 -5.16 3.66
N PRO A 100 -3.56 -6.30 4.00
CA PRO A 100 -3.65 -6.73 5.42
C PRO A 100 -2.44 -7.53 5.88
N LEU A 101 -2.11 -7.40 7.14
CA LEU A 101 -1.00 -8.12 7.74
C LEU A 101 -1.59 -9.17 8.68
N GLY A 102 -1.12 -10.42 8.53
CA GLY A 102 -1.63 -11.53 9.34
C GLY A 102 -1.93 -11.11 10.76
N ILE A 103 -3.16 -11.39 11.20
CA ILE A 103 -3.58 -11.01 12.53
C ILE A 103 -3.08 -12.00 13.58
N ASP A 104 -2.28 -11.48 14.50
CA ASP A 104 -1.71 -12.30 15.57
C ASP A 104 -0.88 -11.42 16.50
N THR A 105 -0.39 -12.01 17.59
CA THR A 105 0.43 -11.27 18.54
C THR A 105 1.78 -10.93 17.91
N THR A 106 2.23 -11.78 17.00
CA THR A 106 3.50 -11.57 16.32
C THR A 106 3.34 -10.59 15.17
N SER A 107 4.44 -10.12 14.61
CA SER A 107 4.39 -9.18 13.50
C SER A 107 5.03 -9.78 12.24
N PRO A 108 4.25 -10.39 11.38
CA PRO A 108 4.76 -11.01 10.12
C PRO A 108 5.00 -9.97 9.02
N THR A 109 5.88 -10.31 8.08
CA THR A 109 6.18 -9.41 6.97
C THR A 109 5.15 -9.59 5.87
N MET A 110 4.97 -8.57 5.03
CA MET A 110 3.99 -8.66 3.95
C MET A 110 4.58 -8.15 2.64
N THR A 111 4.86 -9.07 1.73
CA THR A 111 5.38 -8.70 0.42
C THR A 111 4.44 -9.21 -0.65
N LEU A 112 3.81 -8.30 -1.38
CA LEU A 112 2.86 -8.67 -2.41
C LEU A 112 3.00 -7.78 -3.64
N ARG A 113 2.41 -8.24 -4.74
CA ARG A 113 2.42 -7.50 -5.98
C ARG A 113 0.98 -7.35 -6.49
N PRO A 114 0.21 -6.48 -5.88
CA PRO A 114 -1.22 -6.26 -6.24
C PRO A 114 -1.45 -5.97 -7.71
N LYS A 115 -2.51 -6.57 -8.25
CA LYS A 115 -2.88 -6.35 -9.64
C LYS A 115 -4.00 -5.32 -9.69
N LEU A 116 -3.74 -4.19 -10.32
CA LEU A 116 -4.73 -3.13 -10.40
C LEU A 116 -5.15 -2.88 -11.84
N ILE A 117 -6.46 -2.93 -12.08
CA ILE A 117 -6.99 -2.69 -13.42
C ILE A 117 -6.90 -1.20 -13.74
N ASP A 118 -6.35 -0.88 -14.89
CA ASP A 118 -6.18 0.51 -15.31
C ASP A 118 -7.45 1.30 -15.06
N ALA A 119 -7.30 2.42 -14.35
CA ALA A 119 -8.42 3.28 -14.02
C ALA A 119 -7.96 4.72 -13.86
N THR A 120 -8.75 5.53 -13.18
CA THR A 120 -8.39 6.93 -12.97
C THR A 120 -7.17 7.02 -12.05
N PRO A 121 -6.49 8.13 -12.05
CA PRO A 121 -5.25 8.32 -11.21
C PRO A 121 -5.48 7.95 -9.75
N GLY A 122 -6.66 8.26 -9.23
CA GLY A 122 -6.99 7.95 -7.84
C GLY A 122 -7.76 9.08 -7.19
N ALA A 123 -7.27 9.55 -6.04
CA ALA A 123 -7.92 10.64 -5.32
C ALA A 123 -8.16 11.85 -6.23
N PRO A 124 -7.16 12.35 -6.92
CA PRO A 124 -7.33 13.52 -7.83
C PRO A 124 -7.95 13.11 -9.16
N ASN A 125 -9.17 12.58 -9.11
CA ASN A 125 -9.86 12.15 -10.32
C ASN A 125 -10.08 13.33 -11.25
N VAL A 126 -10.45 14.47 -10.68
CA VAL A 126 -10.69 15.67 -11.48
C VAL A 126 -9.41 16.15 -12.14
N GLN A 1 15.26 -9.06 14.35
CA GLN A 1 14.41 -8.79 15.55
C GLN A 1 12.94 -8.93 15.16
N GLU A 2 12.64 -9.92 14.32
CA GLU A 2 11.27 -10.15 13.89
C GLU A 2 10.67 -8.87 13.30
N ALA A 3 11.50 -8.08 12.64
CA ALA A 3 11.05 -6.83 12.04
C ALA A 3 10.11 -7.12 10.88
N ASN A 4 9.07 -6.30 10.73
CA ASN A 4 8.12 -6.47 9.66
C ASN A 4 8.39 -5.47 8.53
N THR A 5 8.27 -5.94 7.30
CA THR A 5 8.51 -5.08 6.15
C THR A 5 7.36 -5.15 5.15
N LEU A 6 6.90 -3.98 4.72
CA LEU A 6 5.80 -3.89 3.76
C LEU A 6 6.34 -3.55 2.38
N VAL A 7 6.25 -4.51 1.45
CA VAL A 7 6.72 -4.27 0.08
C VAL A 7 5.58 -4.42 -0.92
N ILE A 8 5.34 -3.37 -1.69
CA ILE A 8 4.28 -3.39 -2.69
C ILE A 8 4.85 -3.18 -4.08
N ASP A 9 4.62 -4.14 -4.97
CA ASP A 9 5.11 -4.03 -6.35
C ASP A 9 3.96 -4.23 -7.34
N LEU A 10 3.50 -3.12 -7.92
CA LEU A 10 2.40 -3.16 -8.88
C LEU A 10 2.85 -3.69 -10.24
N GLU A 11 4.13 -3.98 -10.39
CA GLU A 11 4.66 -4.47 -11.66
C GLU A 11 5.52 -5.69 -11.42
N PRO A 12 5.76 -6.49 -12.42
CA PRO A 12 6.61 -7.70 -12.26
C PRO A 12 7.92 -7.35 -11.55
N PRO A 13 8.25 -8.00 -10.46
CA PRO A 13 9.47 -7.67 -9.69
C PRO A 13 10.74 -8.24 -10.31
N ALA A 14 11.86 -7.61 -10.02
CA ALA A 14 13.15 -8.05 -10.55
C ALA A 14 13.08 -8.23 -12.06
N ALA A 15 12.14 -7.54 -12.71
CA ALA A 15 12.00 -7.64 -14.15
C ALA A 15 13.27 -7.15 -14.85
N PHE A 16 13.81 -6.05 -14.36
CA PHE A 16 15.03 -5.48 -14.91
C PHE A 16 16.08 -5.27 -13.83
N ALA A 17 15.65 -5.31 -12.57
CA ALA A 17 16.57 -5.11 -11.45
C ALA A 17 17.25 -3.75 -11.54
N ASP A 18 16.70 -2.86 -12.38
CA ASP A 18 17.27 -1.54 -12.54
C ASP A 18 16.30 -0.46 -12.07
N ASP A 19 15.06 -0.54 -12.55
CA ASP A 19 14.04 0.43 -12.17
C ASP A 19 13.36 0.04 -10.87
N GLN A 20 13.36 -1.25 -10.56
CA GLN A 20 12.75 -1.75 -9.34
C GLN A 20 13.37 -1.12 -8.07
N PRO A 21 14.67 -1.17 -7.90
CA PRO A 21 15.33 -0.58 -6.68
C PRO A 21 15.29 0.94 -6.68
N GLN A 22 15.12 1.55 -7.85
CA GLN A 22 15.08 3.01 -7.96
C GLN A 22 13.77 3.55 -7.40
N GLY A 23 13.83 4.75 -6.83
CA GLY A 23 12.65 5.39 -6.26
C GLY A 23 12.40 6.74 -6.90
N HIS A 24 11.23 7.32 -6.63
CA HIS A 24 10.87 8.61 -7.18
C HIS A 24 10.51 9.59 -6.06
N ASN A 25 9.80 10.67 -6.43
CA ASN A 25 9.42 11.68 -5.45
C ASN A 25 7.91 11.67 -5.22
N ILE A 26 7.28 10.50 -5.23
CA ILE A 26 5.84 10.46 -5.02
C ILE A 26 5.53 10.27 -3.53
N ASP A 27 4.88 11.26 -2.96
CA ASP A 27 4.51 11.21 -1.56
C ASP A 27 3.31 10.27 -1.38
N VAL A 28 3.42 9.35 -0.43
CA VAL A 28 2.34 8.40 -0.18
C VAL A 28 1.86 8.49 1.27
N THR A 29 0.56 8.29 1.45
CA THR A 29 -0.02 8.35 2.78
C THR A 29 -0.42 6.95 3.24
N VAL A 30 0.00 6.61 4.46
CA VAL A 30 -0.30 5.30 5.02
C VAL A 30 -1.15 5.46 6.28
N ALA A 31 -2.26 4.73 6.33
CA ALA A 31 -3.15 4.80 7.48
C ALA A 31 -3.53 3.40 7.94
N LYS A 32 -3.66 3.22 9.24
CA LYS A 32 -3.99 1.93 9.81
C LYS A 32 -5.50 1.74 9.87
N LEU A 33 -5.96 0.60 9.35
CA LEU A 33 -7.37 0.26 9.32
C LEU A 33 -7.65 -0.96 10.18
N HIS A 34 -8.89 -1.10 10.62
CA HIS A 34 -9.28 -2.23 11.46
C HIS A 34 -8.72 -3.52 10.85
N ASN A 35 -8.16 -4.37 11.69
CA ASN A 35 -7.55 -5.60 11.23
C ASN A 35 -8.55 -6.49 10.49
N ILE A 36 -8.20 -6.87 9.27
CA ILE A 36 -9.06 -7.74 8.48
C ILE A 36 -8.30 -9.01 8.11
N ASP A 37 -8.98 -10.14 8.18
CA ASP A 37 -8.37 -11.42 7.87
C ASP A 37 -7.82 -11.39 6.43
N PRO A 38 -6.55 -11.65 6.23
CA PRO A 38 -5.93 -11.64 4.86
C PRO A 38 -6.52 -12.71 3.95
N GLU A 39 -7.29 -13.63 4.52
CA GLU A 39 -7.90 -14.70 3.75
C GLU A 39 -8.86 -14.15 2.70
N ASP A 40 -9.60 -13.12 3.06
CA ASP A 40 -10.57 -12.52 2.14
C ASP A 40 -9.85 -11.68 1.08
N HIS A 41 -9.27 -12.35 0.09
CA HIS A 41 -8.56 -11.64 -0.97
C HIS A 41 -9.52 -10.79 -1.79
N GLU A 42 -10.77 -11.24 -1.90
CA GLU A 42 -11.78 -10.49 -2.64
C GLU A 42 -12.05 -9.16 -1.97
N ARG A 43 -12.12 -9.17 -0.65
CA ARG A 43 -12.37 -7.96 0.11
C ARG A 43 -11.20 -6.99 -0.05
N ILE A 44 -9.99 -7.54 0.00
CA ILE A 44 -8.79 -6.73 -0.13
C ILE A 44 -8.65 -6.10 -1.51
N ARG A 45 -8.83 -6.93 -2.53
CA ARG A 45 -8.69 -6.45 -3.91
C ARG A 45 -9.84 -5.51 -4.27
N ALA A 46 -11.02 -5.77 -3.71
CA ALA A 46 -12.16 -4.91 -3.99
C ALA A 46 -11.86 -3.51 -3.50
N LEU A 47 -11.20 -3.43 -2.35
CA LEU A 47 -10.85 -2.16 -1.76
C LEU A 47 -9.50 -1.64 -2.28
N GLN A 48 -8.71 -2.53 -2.91
CA GLN A 48 -7.42 -2.10 -3.42
C GLN A 48 -7.63 -1.25 -4.66
N ARG A 49 -8.73 -1.52 -5.37
CA ARG A 49 -9.04 -0.77 -6.58
C ARG A 49 -10.08 0.31 -6.29
N ASN A 50 -11.02 0.01 -5.40
CA ASN A 50 -12.06 0.97 -5.05
C ASN A 50 -11.56 1.93 -3.98
N GLY A 51 -10.68 1.45 -3.11
CA GLY A 51 -10.14 2.27 -2.04
C GLY A 51 -10.91 2.04 -0.74
N VAL A 52 -10.33 2.44 0.38
CA VAL A 52 -10.99 2.26 1.67
C VAL A 52 -11.56 3.58 2.21
N PRO A 53 -12.67 3.52 2.92
CA PRO A 53 -13.33 4.74 3.49
C PRO A 53 -12.61 5.25 4.74
N SER A 54 -12.79 6.53 5.03
CA SER A 54 -12.17 7.12 6.21
C SER A 54 -13.03 6.84 7.45
N THR A 55 -14.17 6.18 7.24
CA THR A 55 -15.06 5.86 8.35
C THR A 55 -14.44 4.81 9.26
N ILE A 56 -13.50 4.06 8.70
CA ILE A 56 -12.81 3.01 9.45
C ILE A 56 -11.92 3.64 10.52
N SER A 57 -11.83 2.99 11.69
CA SER A 57 -11.01 3.52 12.76
C SER A 57 -9.58 3.66 12.28
N GLU A 58 -8.97 4.80 12.56
CA GLU A 58 -7.60 5.03 12.12
C GLU A 58 -6.68 5.37 13.29
N GLU A 59 -5.44 4.89 13.18
CA GLU A 59 -4.43 5.15 14.19
C GLU A 59 -3.53 6.29 13.71
N GLN A 60 -2.45 6.55 14.42
CA GLN A 60 -1.55 7.63 14.01
C GLN A 60 -1.14 7.42 12.54
N PRO A 61 -1.05 8.49 11.76
CA PRO A 61 -0.69 8.38 10.31
C PRO A 61 0.80 8.20 10.06
N HIS A 62 1.12 7.63 8.91
CA HIS A 62 2.52 7.42 8.53
C HIS A 62 2.77 8.02 7.15
N THR A 63 4.02 8.44 6.92
CA THR A 63 4.37 9.05 5.64
C THR A 63 5.56 8.34 5.01
N ALA A 64 5.53 8.22 3.70
CA ALA A 64 6.59 7.56 2.96
C ALA A 64 6.57 8.03 1.51
N ARG A 65 7.54 7.57 0.71
CA ARG A 65 7.60 7.94 -0.69
C ARG A 65 7.66 6.69 -1.56
N THR A 66 7.13 6.77 -2.77
CA THR A 66 7.13 5.61 -3.65
C THR A 66 7.70 5.97 -5.02
N ASP A 67 8.06 4.93 -5.77
CA ASP A 67 8.62 5.10 -7.10
C ASP A 67 7.52 5.25 -8.14
N ALA A 68 7.89 5.74 -9.32
CA ALA A 68 6.94 5.92 -10.41
C ALA A 68 6.67 4.59 -11.13
N THR A 69 7.26 3.50 -10.62
CA THR A 69 7.08 2.20 -11.24
C THR A 69 6.01 1.37 -10.52
N GLY A 70 5.26 2.00 -9.61
CA GLY A 70 4.22 1.28 -8.88
C GLY A 70 4.80 0.49 -7.73
N THR A 71 6.03 0.81 -7.33
CA THR A 71 6.66 0.11 -6.22
C THR A 71 6.90 1.03 -5.04
N ALA A 72 6.98 0.45 -3.85
CA ALA A 72 7.20 1.23 -2.64
C ALA A 72 7.78 0.36 -1.52
N THR A 73 8.62 0.96 -0.68
CA THR A 73 9.23 0.22 0.42
C THR A 73 8.93 0.94 1.74
N ILE A 74 8.27 0.24 2.64
CA ILE A 74 7.92 0.81 3.95
C ILE A 74 8.17 -0.22 5.04
N THR A 75 8.66 0.23 6.21
CA THR A 75 8.93 -0.68 7.31
C THR A 75 8.36 -0.15 8.63
N ASN A 76 8.55 -0.91 9.70
CA ASN A 76 8.05 -0.53 11.02
C ASN A 76 6.52 -0.37 11.01
N LEU A 77 5.84 -1.30 10.34
CA LEU A 77 4.38 -1.26 10.26
C LEU A 77 3.76 -2.36 11.13
N PRO A 78 3.03 -2.03 12.19
CA PRO A 78 2.38 -3.05 13.08
C PRO A 78 1.40 -3.93 12.30
N PRO A 79 1.01 -5.04 12.86
CA PRO A 79 0.06 -5.98 12.20
C PRO A 79 -1.30 -5.35 11.98
N GLY A 80 -1.93 -5.68 10.87
CA GLY A 80 -3.22 -5.15 10.54
C GLY A 80 -3.28 -4.74 9.07
N THR A 81 -4.36 -4.07 8.68
CA THR A 81 -4.50 -3.64 7.30
C THR A 81 -4.13 -2.18 7.17
N TYR A 82 -3.60 -1.81 6.02
CA TYR A 82 -3.19 -0.43 5.78
C TYR A 82 -3.68 0.08 4.44
N VAL A 83 -3.91 1.39 4.37
CA VAL A 83 -4.35 2.05 3.15
C VAL A 83 -3.19 2.82 2.55
N ILE A 84 -3.05 2.76 1.23
CA ILE A 84 -1.96 3.46 0.56
C ILE A 84 -2.49 4.31 -0.59
N ARG A 85 -2.25 5.61 -0.51
CA ARG A 85 -2.71 6.50 -1.58
C ARG A 85 -1.61 7.45 -1.99
N ASP A 86 -1.58 7.80 -3.28
CA ASP A 86 -0.56 8.70 -3.78
C ASP A 86 -0.91 10.15 -3.46
N THR A 87 -0.25 10.67 -2.44
CA THR A 87 -0.45 12.05 -2.02
C THR A 87 -0.07 13.00 -3.15
N ASN A 88 1.00 12.66 -3.87
CA ASN A 88 1.44 13.52 -4.97
C ASN A 88 0.35 13.61 -6.02
N THR A 89 -0.24 14.79 -6.17
CA THR A 89 -1.29 14.99 -7.14
C THR A 89 -0.71 15.48 -8.47
N THR A 90 0.57 15.85 -8.46
CA THR A 90 1.20 16.33 -9.68
C THR A 90 1.22 15.20 -10.72
N LYS A 91 1.61 14.01 -10.27
CA LYS A 91 1.66 12.85 -11.16
C LYS A 91 1.22 11.59 -10.42
N PRO A 92 -0.05 11.43 -10.18
CA PRO A 92 -0.59 10.22 -9.47
C PRO A 92 -0.13 8.96 -10.18
N ARG A 93 0.41 8.02 -9.42
CA ARG A 93 0.90 6.78 -10.01
C ARG A 93 -0.02 5.62 -9.66
N PHE A 94 -0.77 5.75 -8.58
CA PHE A 94 -1.67 4.68 -8.17
C PHE A 94 -2.85 5.18 -7.36
N SER A 95 -3.92 4.38 -7.34
CA SER A 95 -5.13 4.72 -6.58
C SER A 95 -5.07 4.04 -5.21
N PRO A 96 -5.89 4.44 -4.28
CA PRO A 96 -5.87 3.85 -2.90
C PRO A 96 -5.81 2.33 -2.93
N LEU A 97 -4.86 1.77 -2.19
CA LEU A 97 -4.64 0.33 -2.13
C LEU A 97 -4.82 -0.20 -0.71
N VAL A 98 -5.24 -1.46 -0.60
CA VAL A 98 -5.43 -2.09 0.70
C VAL A 98 -4.66 -3.39 0.79
N ILE A 99 -3.87 -3.54 1.85
CA ILE A 99 -3.10 -4.76 2.05
C ILE A 99 -3.06 -5.15 3.54
N PRO A 100 -3.25 -6.41 3.87
CA PRO A 100 -3.23 -6.90 5.29
C PRO A 100 -1.83 -7.33 5.71
N LEU A 101 -1.59 -7.33 7.03
CA LEU A 101 -0.29 -7.75 7.54
C LEU A 101 -0.45 -8.52 8.85
N GLY A 102 -0.42 -9.85 8.76
CA GLY A 102 -0.53 -10.71 9.94
C GLY A 102 -1.50 -10.17 10.98
N ILE A 103 -2.75 -10.61 10.91
CA ILE A 103 -3.75 -10.14 11.88
C ILE A 103 -3.52 -10.80 13.24
N ASP A 104 -2.43 -10.41 13.89
CA ASP A 104 -2.07 -10.96 15.20
C ASP A 104 -1.26 -9.94 16.00
N THR A 105 -0.92 -10.30 17.24
CA THR A 105 -0.15 -9.42 18.09
C THR A 105 1.29 -9.33 17.57
N THR A 106 1.73 -10.37 16.89
CA THR A 106 3.08 -10.40 16.33
C THR A 106 3.16 -9.56 15.06
N SER A 107 4.37 -9.24 14.63
CA SER A 107 4.53 -8.42 13.42
C SER A 107 5.35 -9.17 12.37
N PRO A 108 4.71 -9.89 11.48
CA PRO A 108 5.39 -10.64 10.39
C PRO A 108 5.71 -9.75 9.18
N THR A 109 6.61 -10.21 8.32
CA THR A 109 6.97 -9.46 7.13
C THR A 109 6.06 -9.89 5.98
N MET A 110 5.45 -8.92 5.32
CA MET A 110 4.55 -9.24 4.22
C MET A 110 4.87 -8.43 2.96
N THR A 111 4.90 -9.13 1.83
CA THR A 111 5.16 -8.50 0.55
C THR A 111 4.07 -8.92 -0.44
N LEU A 112 3.41 -7.93 -1.02
CA LEU A 112 2.34 -8.21 -1.97
C LEU A 112 2.58 -7.45 -3.28
N ARG A 113 1.97 -7.94 -4.35
CA ARG A 113 2.13 -7.31 -5.65
C ARG A 113 0.74 -7.06 -6.25
N PRO A 114 0.01 -6.14 -5.68
CA PRO A 114 -1.37 -5.78 -6.14
C PRO A 114 -1.38 -5.18 -7.54
N LYS A 115 -2.41 -5.55 -8.30
CA LYS A 115 -2.57 -5.03 -9.65
C LYS A 115 -3.86 -4.23 -9.73
N LEU A 116 -3.73 -2.93 -9.84
CA LEU A 116 -4.90 -2.05 -9.89
C LEU A 116 -5.14 -1.57 -11.32
N ILE A 117 -6.33 -1.82 -11.84
CA ILE A 117 -6.65 -1.36 -13.19
C ILE A 117 -6.83 0.15 -13.17
N ASP A 118 -6.29 0.81 -14.18
CA ASP A 118 -6.38 2.27 -14.26
C ASP A 118 -7.81 2.73 -13.99
N ALA A 119 -7.96 3.54 -12.93
CA ALA A 119 -9.27 4.04 -12.55
C ALA A 119 -9.15 5.34 -11.77
N THR A 120 -9.17 6.47 -12.49
CA THR A 120 -9.07 7.80 -11.87
C THR A 120 -7.80 7.91 -11.02
N PRO A 121 -7.38 9.11 -10.71
CA PRO A 121 -6.16 9.35 -9.89
C PRO A 121 -6.31 8.79 -8.47
N GLY A 122 -7.54 8.80 -7.95
CA GLY A 122 -7.81 8.25 -6.64
C GLY A 122 -7.60 9.26 -5.50
N ALA A 123 -6.35 9.62 -5.24
CA ALA A 123 -6.05 10.54 -4.14
C ALA A 123 -6.81 11.87 -4.25
N PRO A 124 -6.66 12.59 -5.34
CA PRO A 124 -7.37 13.89 -5.52
C PRO A 124 -8.87 13.72 -5.76
N ASN A 125 -9.25 12.53 -6.22
CA ASN A 125 -10.66 12.25 -6.49
C ASN A 125 -11.26 13.30 -7.43
N VAL A 126 -11.92 14.32 -6.86
CA VAL A 126 -12.51 15.37 -7.68
C VAL A 126 -11.47 15.99 -8.62
N GLN A 1 15.12 -10.89 9.76
CA GLN A 1 14.28 -9.71 9.42
C GLN A 1 13.19 -9.55 10.48
N GLU A 2 13.58 -9.17 11.69
CA GLU A 2 12.63 -8.98 12.77
C GLU A 2 11.65 -7.87 12.42
N ALA A 3 12.17 -6.81 11.79
CA ALA A 3 11.33 -5.68 11.40
C ALA A 3 10.39 -6.09 10.28
N ASN A 4 9.17 -5.59 10.32
CA ASN A 4 8.17 -5.90 9.30
C ASN A 4 8.42 -5.12 8.02
N THR A 5 8.38 -5.82 6.89
CA THR A 5 8.58 -5.19 5.60
C THR A 5 7.36 -5.40 4.71
N LEU A 6 6.78 -4.30 4.24
CA LEU A 6 5.60 -4.38 3.38
C LEU A 6 5.89 -3.67 2.06
N VAL A 7 5.87 -4.45 0.97
CA VAL A 7 6.14 -3.89 -0.35
C VAL A 7 4.96 -4.13 -1.30
N ILE A 8 4.61 -3.10 -2.06
CA ILE A 8 3.51 -3.22 -3.02
C ILE A 8 4.03 -2.94 -4.42
N ASP A 9 3.81 -3.88 -5.34
CA ASP A 9 4.28 -3.70 -6.71
C ASP A 9 3.13 -3.88 -7.72
N LEU A 10 2.77 -2.79 -8.39
CA LEU A 10 1.67 -2.82 -9.37
C LEU A 10 2.15 -3.30 -10.75
N GLU A 11 3.44 -3.59 -10.86
CA GLU A 11 4.02 -4.03 -12.13
C GLU A 11 4.92 -5.24 -11.87
N PRO A 12 5.21 -6.04 -12.88
CA PRO A 12 6.09 -7.22 -12.72
C PRO A 12 7.34 -6.83 -11.91
N PRO A 13 7.56 -7.43 -10.76
CA PRO A 13 8.71 -7.08 -9.88
C PRO A 13 10.04 -7.59 -10.39
N ALA A 14 11.10 -6.91 -9.96
CA ALA A 14 12.45 -7.26 -10.36
C ALA A 14 13.45 -6.38 -9.64
N ALA A 15 13.47 -6.47 -8.32
CA ALA A 15 14.40 -5.66 -7.52
C ALA A 15 15.84 -5.96 -7.89
N PHE A 16 16.12 -7.23 -8.15
CA PHE A 16 17.47 -7.65 -8.51
C PHE A 16 17.82 -7.15 -9.90
N ALA A 17 19.06 -6.72 -10.07
CA ALA A 17 19.54 -6.24 -11.37
C ALA A 17 18.69 -5.06 -11.87
N ASP A 18 18.15 -4.27 -10.95
CA ASP A 18 17.34 -3.12 -11.35
C ASP A 18 17.22 -2.11 -10.20
N ASP A 19 16.67 -0.94 -10.51
CA ASP A 19 16.52 0.12 -9.52
C ASP A 19 15.07 0.28 -9.03
N GLN A 20 14.25 -0.76 -9.18
CA GLN A 20 12.86 -0.66 -8.75
C GLN A 20 12.73 -0.11 -7.32
N PRO A 21 13.39 -0.70 -6.34
CA PRO A 21 13.31 -0.23 -4.94
C PRO A 21 14.22 0.97 -4.66
N GLN A 22 14.01 2.05 -5.40
CA GLN A 22 14.82 3.27 -5.22
C GLN A 22 13.93 4.46 -4.91
N GLY A 23 12.71 4.45 -5.45
CA GLY A 23 11.78 5.55 -5.24
C GLY A 23 12.08 6.71 -6.19
N HIS A 24 11.21 7.70 -6.20
CA HIS A 24 11.40 8.86 -7.06
C HIS A 24 11.09 10.15 -6.30
N ASN A 25 9.81 10.48 -6.20
CA ASN A 25 9.41 11.69 -5.48
C ASN A 25 7.90 11.72 -5.24
N ILE A 26 7.27 10.55 -5.18
CA ILE A 26 5.82 10.52 -4.95
C ILE A 26 5.49 10.17 -3.52
N ASP A 27 4.90 11.12 -2.82
CA ASP A 27 4.51 10.92 -1.43
C ASP A 27 3.26 10.05 -1.36
N VAL A 28 3.20 9.16 -0.38
CA VAL A 28 2.03 8.30 -0.24
C VAL A 28 1.55 8.31 1.21
N THR A 29 0.23 8.32 1.37
CA THR A 29 -0.37 8.34 2.71
C THR A 29 -0.61 6.92 3.20
N VAL A 30 -0.15 6.64 4.41
CA VAL A 30 -0.32 5.32 5.00
C VAL A 30 -1.11 5.46 6.31
N ALA A 31 -2.17 4.68 6.45
CA ALA A 31 -2.98 4.74 7.66
C ALA A 31 -3.23 3.34 8.19
N LYS A 32 -3.27 3.21 9.50
CA LYS A 32 -3.49 1.92 10.12
C LYS A 32 -4.99 1.71 10.37
N LEU A 33 -5.49 0.59 9.88
CA LEU A 33 -6.89 0.25 10.02
C LEU A 33 -7.06 -0.97 10.92
N HIS A 34 -8.26 -1.11 11.50
CA HIS A 34 -8.54 -2.24 12.37
C HIS A 34 -8.05 -3.53 11.72
N ASN A 35 -7.29 -4.30 12.48
CA ASN A 35 -6.69 -5.53 11.97
C ASN A 35 -7.73 -6.48 11.36
N ILE A 36 -7.53 -6.80 10.08
CA ILE A 36 -8.42 -7.73 9.39
C ILE A 36 -7.56 -8.83 8.76
N ASP A 37 -8.04 -10.06 8.85
CA ASP A 37 -7.28 -11.19 8.31
C ASP A 37 -7.10 -11.05 6.79
N PRO A 38 -5.93 -11.36 6.28
CA PRO A 38 -5.65 -11.28 4.81
C PRO A 38 -6.44 -12.33 4.02
N GLU A 39 -7.09 -13.23 4.76
CA GLU A 39 -7.87 -14.31 4.15
C GLU A 39 -9.02 -13.76 3.30
N ASP A 40 -9.64 -12.68 3.76
CA ASP A 40 -10.75 -12.09 3.04
C ASP A 40 -10.23 -11.35 1.81
N HIS A 41 -9.85 -12.11 0.79
CA HIS A 41 -9.31 -11.54 -0.44
C HIS A 41 -10.32 -10.61 -1.11
N GLU A 42 -11.58 -11.02 -1.12
CA GLU A 42 -12.62 -10.20 -1.73
C GLU A 42 -12.66 -8.85 -1.04
N ARG A 43 -12.53 -8.89 0.29
CA ARG A 43 -12.54 -7.67 1.10
C ARG A 43 -11.38 -6.76 0.73
N ILE A 44 -10.21 -7.35 0.47
CA ILE A 44 -9.04 -6.53 0.13
C ILE A 44 -9.24 -5.83 -1.19
N ARG A 45 -9.59 -6.61 -2.21
CA ARG A 45 -9.78 -6.08 -3.56
C ARG A 45 -10.88 -5.04 -3.61
N ALA A 46 -11.96 -5.28 -2.88
CA ALA A 46 -13.08 -4.34 -2.88
C ALA A 46 -12.61 -2.98 -2.37
N LEU A 47 -11.77 -3.01 -1.34
CA LEU A 47 -11.26 -1.77 -0.76
C LEU A 47 -10.04 -1.26 -1.53
N GLN A 48 -9.44 -2.12 -2.35
CA GLN A 48 -8.29 -1.70 -3.14
C GLN A 48 -8.74 -0.68 -4.18
N ARG A 49 -9.91 -0.91 -4.75
CA ARG A 49 -10.45 -0.04 -5.78
C ARG A 49 -11.36 1.04 -5.20
N ASN A 50 -12.17 0.65 -4.21
CA ASN A 50 -13.09 1.58 -3.58
C ASN A 50 -12.38 2.41 -2.51
N GLY A 51 -11.41 1.79 -1.85
CA GLY A 51 -10.68 2.46 -0.78
C GLY A 51 -11.38 2.22 0.55
N VAL A 52 -10.64 2.31 1.65
CA VAL A 52 -11.25 2.07 2.96
C VAL A 52 -11.91 3.34 3.49
N PRO A 53 -13.05 3.23 4.15
CA PRO A 53 -13.76 4.41 4.72
C PRO A 53 -13.05 4.95 5.96
N SER A 54 -13.18 6.25 6.18
CA SER A 54 -12.57 6.88 7.34
C SER A 54 -13.32 6.48 8.62
N THR A 55 -14.48 5.85 8.45
CA THR A 55 -15.28 5.43 9.60
C THR A 55 -14.53 4.38 10.42
N ILE A 56 -13.63 3.67 9.76
CA ILE A 56 -12.84 2.64 10.42
C ILE A 56 -11.87 3.27 11.42
N SER A 57 -11.70 2.63 12.57
CA SER A 57 -10.80 3.16 13.58
C SER A 57 -9.41 3.32 13.00
N GLU A 58 -8.80 4.47 13.24
CA GLU A 58 -7.48 4.74 12.70
C GLU A 58 -6.50 5.10 13.81
N GLU A 59 -5.21 4.90 13.53
CA GLU A 59 -4.17 5.24 14.49
C GLU A 59 -3.30 6.35 13.91
N GLN A 60 -2.19 6.66 14.58
CA GLN A 60 -1.32 7.72 14.09
C GLN A 60 -0.98 7.48 12.61
N PRO A 61 -0.89 8.52 11.81
CA PRO A 61 -0.58 8.38 10.35
C PRO A 61 0.89 8.13 10.05
N HIS A 62 1.13 7.52 8.89
CA HIS A 62 2.49 7.22 8.45
C HIS A 62 2.70 7.78 7.05
N THR A 63 3.94 8.13 6.75
CA THR A 63 4.25 8.67 5.44
C THR A 63 5.35 7.86 4.75
N ALA A 64 5.34 7.88 3.42
CA ALA A 64 6.33 7.14 2.66
C ALA A 64 6.44 7.71 1.24
N ARG A 65 7.42 7.23 0.49
CA ARG A 65 7.60 7.70 -0.89
C ARG A 65 7.67 6.51 -1.83
N THR A 66 7.23 6.71 -3.07
CA THR A 66 7.23 5.62 -4.04
C THR A 66 7.93 6.05 -5.32
N ASP A 67 8.33 5.06 -6.13
CA ASP A 67 9.01 5.33 -7.39
C ASP A 67 7.99 5.53 -8.51
N ALA A 68 8.48 5.77 -9.72
CA ALA A 68 7.61 5.97 -10.87
C ALA A 68 7.26 4.62 -11.51
N THR A 69 7.59 3.52 -10.84
CA THR A 69 7.31 2.19 -11.36
C THR A 69 6.08 1.56 -10.70
N GLY A 70 5.34 2.35 -9.92
CA GLY A 70 4.16 1.82 -9.26
C GLY A 70 4.53 0.94 -8.08
N THR A 71 5.75 1.11 -7.56
CA THR A 71 6.19 0.30 -6.43
C THR A 71 6.51 1.18 -5.23
N ALA A 72 6.39 0.59 -4.05
CA ALA A 72 6.67 1.32 -2.82
C ALA A 72 7.22 0.39 -1.74
N THR A 73 8.09 0.91 -0.89
CA THR A 73 8.67 0.11 0.17
C THR A 73 8.44 0.77 1.52
N ILE A 74 7.91 -0.01 2.46
CA ILE A 74 7.65 0.49 3.81
C ILE A 74 8.09 -0.55 4.84
N THR A 75 8.67 -0.09 5.95
CA THR A 75 9.15 -1.01 6.97
C THR A 75 8.79 -0.52 8.38
N ASN A 76 9.06 -1.37 9.38
CA ASN A 76 8.76 -1.02 10.77
C ASN A 76 7.28 -0.73 10.96
N LEU A 77 6.43 -1.54 10.33
CA LEU A 77 4.97 -1.35 10.46
C LEU A 77 4.33 -2.56 11.16
N PRO A 78 3.44 -2.34 12.12
CA PRO A 78 2.76 -3.46 12.85
C PRO A 78 1.71 -4.15 11.98
N PRO A 79 1.26 -5.32 12.39
CA PRO A 79 0.24 -6.10 11.62
C PRO A 79 -1.15 -5.45 11.67
N GLY A 80 -1.95 -5.75 10.65
CA GLY A 80 -3.30 -5.19 10.57
C GLY A 80 -3.66 -4.88 9.11
N THR A 81 -4.59 -3.94 8.92
CA THR A 81 -5.00 -3.56 7.58
C THR A 81 -4.44 -2.18 7.25
N TYR A 82 -3.78 -2.06 6.10
CA TYR A 82 -3.18 -0.79 5.71
C TYR A 82 -3.84 -0.19 4.49
N VAL A 83 -3.88 1.14 4.47
CA VAL A 83 -4.45 1.87 3.35
C VAL A 83 -3.38 2.75 2.74
N ILE A 84 -3.39 2.83 1.40
CA ILE A 84 -2.40 3.61 0.67
C ILE A 84 -3.07 4.56 -0.30
N ARG A 85 -2.53 5.77 -0.42
CA ARG A 85 -3.09 6.76 -1.35
C ARG A 85 -2.00 7.68 -1.87
N ASP A 86 -1.97 7.89 -3.19
CA ASP A 86 -0.98 8.77 -3.81
C ASP A 86 -1.15 10.22 -3.32
N THR A 87 -0.37 10.59 -2.33
CA THR A 87 -0.43 11.94 -1.77
C THR A 87 0.01 12.98 -2.80
N ASN A 88 1.04 12.65 -3.57
CA ASN A 88 1.55 13.59 -4.57
C ASN A 88 0.54 13.78 -5.70
N THR A 89 -0.32 14.77 -5.54
CA THR A 89 -1.34 15.05 -6.54
C THR A 89 -0.74 15.74 -7.76
N THR A 90 0.50 16.22 -7.64
CA THR A 90 1.14 16.89 -8.77
C THR A 90 1.34 15.91 -9.91
N LYS A 91 1.82 14.73 -9.57
CA LYS A 91 2.05 13.68 -10.55
C LYS A 91 1.74 12.31 -9.97
N PRO A 92 0.48 12.03 -9.72
CA PRO A 92 0.05 10.73 -9.14
C PRO A 92 0.42 9.57 -10.07
N ARG A 93 0.92 8.50 -9.47
CA ARG A 93 1.32 7.34 -10.24
C ARG A 93 0.38 6.18 -9.96
N PHE A 94 -0.38 6.25 -8.88
CA PHE A 94 -1.30 5.18 -8.54
C PHE A 94 -2.52 5.67 -7.78
N SER A 95 -3.58 4.87 -7.84
CA SER A 95 -4.84 5.16 -7.16
C SER A 95 -4.80 4.51 -5.79
N PRO A 96 -5.69 4.86 -4.90
CA PRO A 96 -5.69 4.27 -3.53
C PRO A 96 -5.66 2.73 -3.57
N LEU A 97 -4.83 2.14 -2.72
CA LEU A 97 -4.69 0.68 -2.67
C LEU A 97 -4.78 0.18 -1.23
N VAL A 98 -5.28 -1.04 -1.06
CA VAL A 98 -5.40 -1.62 0.27
C VAL A 98 -4.75 -3.01 0.31
N ILE A 99 -3.90 -3.23 1.29
CA ILE A 99 -3.24 -4.53 1.43
C ILE A 99 -3.20 -4.96 2.89
N PRO A 100 -3.44 -6.22 3.20
CA PRO A 100 -3.42 -6.73 4.60
C PRO A 100 -2.03 -7.16 5.06
N LEU A 101 -1.82 -7.14 6.36
CA LEU A 101 -0.56 -7.56 6.93
C LEU A 101 -0.86 -8.66 7.95
N GLY A 102 -0.20 -9.81 7.79
CA GLY A 102 -0.41 -10.98 8.66
C GLY A 102 -0.85 -10.57 10.06
N ILE A 103 -2.02 -11.06 10.48
CA ILE A 103 -2.55 -10.71 11.79
C ILE A 103 -1.99 -11.64 12.87
N ASP A 104 -1.10 -11.10 13.69
CA ASP A 104 -0.48 -11.87 14.76
C ASP A 104 0.23 -10.94 15.74
N THR A 105 0.59 -11.45 16.90
CA THR A 105 1.28 -10.62 17.89
C THR A 105 2.52 -10.02 17.27
N THR A 106 3.22 -10.81 16.45
CA THR A 106 4.42 -10.36 15.77
C THR A 106 4.05 -9.63 14.48
N SER A 107 5.02 -8.97 13.85
CA SER A 107 4.76 -8.25 12.62
C SER A 107 5.47 -8.93 11.44
N PRO A 108 4.81 -9.84 10.75
CA PRO A 108 5.40 -10.56 9.57
C PRO A 108 5.49 -9.69 8.33
N THR A 109 6.42 -10.03 7.44
CA THR A 109 6.60 -9.28 6.20
C THR A 109 5.63 -9.77 5.13
N MET A 110 5.18 -8.87 4.26
CA MET A 110 4.24 -9.24 3.21
C MET A 110 4.48 -8.44 1.94
N THR A 111 4.30 -9.09 0.79
CA THR A 111 4.48 -8.43 -0.49
C THR A 111 3.21 -8.63 -1.32
N LEU A 112 2.63 -7.53 -1.79
CA LEU A 112 1.39 -7.61 -2.58
C LEU A 112 1.54 -6.96 -3.95
N ARG A 113 0.78 -7.48 -4.90
CA ARG A 113 0.78 -6.96 -6.26
C ARG A 113 -0.66 -6.76 -6.71
N PRO A 114 -1.28 -5.69 -6.27
CA PRO A 114 -2.71 -5.39 -6.62
C PRO A 114 -2.95 -5.39 -8.13
N LYS A 115 -4.06 -6.01 -8.53
CA LYS A 115 -4.41 -6.08 -9.94
C LYS A 115 -5.80 -5.49 -10.17
N LEU A 116 -5.84 -4.27 -10.68
CA LEU A 116 -7.10 -3.59 -10.94
C LEU A 116 -7.16 -3.08 -12.36
N ILE A 117 -8.36 -2.97 -12.90
CA ILE A 117 -8.52 -2.44 -14.24
C ILE A 117 -8.07 -0.99 -14.24
N ASP A 118 -7.38 -0.60 -15.31
CA ASP A 118 -6.88 0.78 -15.41
C ASP A 118 -8.00 1.78 -15.14
N ALA A 119 -7.66 2.82 -14.39
CA ALA A 119 -8.64 3.85 -14.04
C ALA A 119 -7.95 5.20 -13.90
N THR A 120 -8.65 6.16 -13.30
CA THR A 120 -8.08 7.49 -13.10
C THR A 120 -6.93 7.39 -12.09
N PRO A 121 -6.08 8.38 -12.06
CA PRO A 121 -4.91 8.39 -11.13
C PRO A 121 -5.34 8.12 -9.68
N GLY A 122 -6.51 8.62 -9.30
CA GLY A 122 -7.02 8.39 -7.95
C GLY A 122 -6.87 9.62 -7.07
N ALA A 123 -5.67 10.19 -7.03
CA ALA A 123 -5.44 11.37 -6.21
C ALA A 123 -6.46 12.47 -6.54
N PRO A 124 -6.57 12.89 -7.78
CA PRO A 124 -7.56 13.92 -8.18
C PRO A 124 -8.98 13.35 -8.22
N ASN A 125 -9.06 12.04 -8.36
CA ASN A 125 -10.34 11.35 -8.43
C ASN A 125 -11.23 11.94 -9.53
N VAL A 126 -10.65 12.16 -10.70
CA VAL A 126 -11.40 12.72 -11.81
C VAL A 126 -11.53 11.70 -12.93
N GLN A 1 13.53 -13.61 15.00
CA GLN A 1 12.41 -13.14 14.15
C GLN A 1 12.95 -12.21 13.06
N GLU A 2 12.07 -11.75 12.18
CA GLU A 2 12.46 -10.85 11.10
C GLU A 2 11.59 -9.61 11.08
N ALA A 3 12.18 -8.48 10.72
CA ALA A 3 11.43 -7.22 10.65
C ALA A 3 10.36 -7.31 9.57
N ASN A 4 9.20 -6.71 9.84
CA ASN A 4 8.11 -6.74 8.88
C ASN A 4 8.32 -5.69 7.78
N THR A 5 8.10 -6.10 6.54
CA THR A 5 8.27 -5.19 5.40
C THR A 5 7.07 -5.28 4.46
N LEU A 6 6.55 -4.12 4.07
CA LEU A 6 5.42 -4.07 3.14
C LEU A 6 5.88 -3.73 1.75
N VAL A 7 5.64 -4.62 0.81
CA VAL A 7 6.02 -4.38 -0.58
C VAL A 7 4.77 -4.35 -1.45
N ILE A 8 4.50 -3.20 -2.04
CA ILE A 8 3.34 -3.07 -2.90
C ILE A 8 3.80 -2.81 -4.32
N ASP A 9 3.79 -3.85 -5.15
CA ASP A 9 4.23 -3.71 -6.52
C ASP A 9 3.06 -3.92 -7.49
N LEU A 10 2.63 -2.85 -8.14
CA LEU A 10 1.52 -2.93 -9.08
C LEU A 10 2.00 -3.34 -10.46
N GLU A 11 3.31 -3.53 -10.61
CA GLU A 11 3.88 -3.94 -11.89
C GLU A 11 4.87 -5.08 -11.67
N PRO A 12 5.13 -5.88 -12.68
CA PRO A 12 6.08 -7.02 -12.56
C PRO A 12 7.37 -6.57 -11.86
N PRO A 13 7.71 -7.12 -10.72
CA PRO A 13 8.93 -6.73 -9.96
C PRO A 13 10.19 -7.36 -10.53
N ALA A 14 11.32 -6.80 -10.14
CA ALA A 14 12.62 -7.28 -10.62
C ALA A 14 13.73 -6.39 -10.09
N ALA A 15 14.17 -6.62 -8.86
CA ALA A 15 15.24 -5.82 -8.27
C ALA A 15 16.58 -6.52 -8.42
N PHE A 16 17.44 -5.98 -9.28
CA PHE A 16 18.76 -6.55 -9.49
C PHE A 16 19.64 -5.56 -10.26
N ALA A 17 20.50 -4.85 -9.53
CA ALA A 17 21.38 -3.88 -10.16
C ALA A 17 20.60 -2.99 -11.11
N ASP A 18 19.53 -2.38 -10.61
CA ASP A 18 18.70 -1.52 -11.44
C ASP A 18 17.98 -0.48 -10.59
N ASP A 19 17.19 0.38 -11.26
CA ASP A 19 16.46 1.43 -10.57
C ASP A 19 15.14 0.94 -9.98
N GLN A 20 14.79 -0.32 -10.23
CA GLN A 20 13.54 -0.86 -9.71
C GLN A 20 13.35 -0.57 -8.22
N PRO A 21 14.26 -0.95 -7.37
CA PRO A 21 14.14 -0.70 -5.90
C PRO A 21 14.25 0.79 -5.54
N GLN A 22 14.90 1.56 -6.41
CA GLN A 22 15.04 3.00 -6.16
C GLN A 22 13.78 3.74 -6.58
N GLY A 23 13.34 4.67 -5.75
CA GLY A 23 12.13 5.44 -6.05
C GLY A 23 12.46 6.74 -6.75
N HIS A 24 11.42 7.52 -7.04
CA HIS A 24 11.59 8.79 -7.71
C HIS A 24 11.24 9.95 -6.78
N ASN A 25 9.94 10.19 -6.59
CA ASN A 25 9.53 11.28 -5.72
C ASN A 25 8.01 11.30 -5.53
N ILE A 26 7.35 10.15 -5.60
CA ILE A 26 5.91 10.15 -5.43
C ILE A 26 5.53 10.01 -3.97
N ASP A 27 4.89 11.05 -3.44
CA ASP A 27 4.46 11.04 -2.05
C ASP A 27 3.29 10.07 -1.87
N VAL A 28 3.27 9.38 -0.74
CA VAL A 28 2.19 8.43 -0.47
C VAL A 28 1.76 8.51 0.99
N THR A 29 0.45 8.41 1.22
CA THR A 29 -0.09 8.46 2.57
C THR A 29 -0.36 7.06 3.09
N VAL A 30 0.17 6.78 4.29
CA VAL A 30 -0.01 5.49 4.92
C VAL A 30 -0.74 5.63 6.24
N ALA A 31 -1.80 4.85 6.42
CA ALA A 31 -2.56 4.92 7.66
C ALA A 31 -2.95 3.53 8.11
N LYS A 32 -2.95 3.32 9.41
CA LYS A 32 -3.31 2.03 9.98
C LYS A 32 -4.81 1.83 9.94
N LEU A 33 -5.23 0.69 9.41
CA LEU A 33 -6.64 0.38 9.31
C LEU A 33 -6.99 -0.80 10.22
N HIS A 34 -8.24 -0.88 10.64
CA HIS A 34 -8.68 -1.97 11.51
C HIS A 34 -8.21 -3.30 10.93
N ASN A 35 -7.55 -4.10 11.76
CA ASN A 35 -7.02 -5.39 11.31
C ASN A 35 -8.12 -6.23 10.65
N ILE A 36 -7.85 -6.65 9.42
CA ILE A 36 -8.80 -7.48 8.68
C ILE A 36 -8.14 -8.80 8.29
N ASP A 37 -8.90 -9.87 8.39
CA ASP A 37 -8.37 -11.19 8.06
C ASP A 37 -7.93 -11.22 6.58
N PRO A 38 -6.68 -11.57 6.30
CA PRO A 38 -6.18 -11.63 4.88
C PRO A 38 -6.99 -12.62 4.03
N GLU A 39 -7.69 -13.52 4.70
CA GLU A 39 -8.48 -14.53 4.00
C GLU A 39 -9.56 -13.88 3.15
N ASP A 40 -10.16 -12.81 3.65
CA ASP A 40 -11.22 -12.14 2.91
C ASP A 40 -10.63 -11.27 1.80
N HIS A 41 -10.15 -11.94 0.75
CA HIS A 41 -9.54 -11.26 -0.39
C HIS A 41 -10.55 -10.35 -1.09
N GLU A 42 -11.79 -10.81 -1.22
CA GLU A 42 -12.83 -10.03 -1.88
C GLU A 42 -13.03 -8.69 -1.17
N ARG A 43 -13.06 -8.72 0.14
CA ARG A 43 -13.23 -7.49 0.92
C ARG A 43 -12.04 -6.55 0.72
N ILE A 44 -10.84 -7.12 0.77
CA ILE A 44 -9.63 -6.33 0.63
C ILE A 44 -9.53 -5.69 -0.76
N ARG A 45 -9.70 -6.51 -1.79
CA ARG A 45 -9.62 -6.03 -3.17
C ARG A 45 -10.71 -5.00 -3.46
N ALA A 46 -11.86 -5.17 -2.82
CA ALA A 46 -12.94 -4.23 -3.02
C ALA A 46 -12.48 -2.85 -2.61
N LEU A 47 -11.72 -2.81 -1.52
CA LEU A 47 -11.19 -1.57 -1.01
C LEU A 47 -9.87 -1.21 -1.69
N GLN A 48 -9.25 -2.17 -2.39
CA GLN A 48 -8.00 -1.88 -3.08
C GLN A 48 -8.24 -0.85 -4.17
N ARG A 49 -9.36 -1.00 -4.86
CA ARG A 49 -9.70 -0.08 -5.94
C ARG A 49 -10.66 1.02 -5.48
N ASN A 50 -11.54 0.69 -4.54
CA ASN A 50 -12.51 1.69 -4.05
C ASN A 50 -11.87 2.56 -2.96
N GLY A 51 -10.96 1.97 -2.19
CA GLY A 51 -10.30 2.70 -1.11
C GLY A 51 -11.03 2.45 0.20
N VAL A 52 -10.30 2.51 1.31
CA VAL A 52 -10.91 2.28 2.61
C VAL A 52 -11.45 3.58 3.21
N PRO A 53 -12.70 3.62 3.66
CA PRO A 53 -13.29 4.85 4.28
C PRO A 53 -12.45 5.38 5.44
N SER A 54 -12.36 6.70 5.54
CA SER A 54 -11.61 7.32 6.62
C SER A 54 -12.32 7.16 7.95
N THR A 55 -13.57 6.68 7.92
CA THR A 55 -14.34 6.49 9.14
C THR A 55 -13.74 5.38 9.99
N ILE A 56 -12.96 4.50 9.35
CA ILE A 56 -12.33 3.40 10.06
C ILE A 56 -11.35 3.94 11.09
N SER A 57 -11.27 3.28 12.23
CA SER A 57 -10.37 3.74 13.29
C SER A 57 -8.92 3.56 12.85
N GLU A 58 -8.23 4.68 12.69
CA GLU A 58 -6.83 4.64 12.27
C GLU A 58 -5.94 5.41 13.24
N GLU A 59 -4.65 5.08 13.24
CA GLU A 59 -3.69 5.75 14.09
C GLU A 59 -3.17 7.01 13.40
N GLN A 60 -2.16 7.63 13.98
CA GLN A 60 -1.60 8.85 13.38
C GLN A 60 -1.08 8.55 11.97
N PRO A 61 -1.53 9.25 10.95
CA PRO A 61 -1.07 9.02 9.54
C PRO A 61 0.44 9.20 9.38
N HIS A 62 1.03 8.44 8.45
CA HIS A 62 2.45 8.54 8.18
C HIS A 62 2.68 8.96 6.74
N THR A 63 3.95 9.06 6.36
CA THR A 63 4.30 9.47 5.01
C THR A 63 5.44 8.63 4.46
N ALA A 64 5.42 8.42 3.15
CA ALA A 64 6.45 7.63 2.49
C ALA A 64 6.54 8.03 1.02
N ARG A 65 7.52 7.48 0.30
CA ARG A 65 7.68 7.80 -1.11
C ARG A 65 7.63 6.51 -1.92
N THR A 66 7.17 6.61 -3.16
CA THR A 66 7.08 5.44 -4.02
C THR A 66 7.83 5.68 -5.32
N ASP A 67 8.05 4.58 -6.06
CA ASP A 67 8.78 4.65 -7.32
C ASP A 67 7.83 5.00 -8.46
N ALA A 68 8.42 5.27 -9.63
CA ALA A 68 7.63 5.62 -10.82
C ALA A 68 7.14 4.36 -11.54
N THR A 69 7.26 3.20 -10.88
CA THR A 69 6.83 1.95 -11.50
C THR A 69 5.62 1.37 -10.77
N GLY A 70 4.93 2.18 -9.98
CA GLY A 70 3.77 1.71 -9.24
C GLY A 70 4.20 0.79 -8.10
N THR A 71 5.45 0.98 -7.64
CA THR A 71 5.98 0.16 -6.57
C THR A 71 6.33 1.03 -5.36
N ALA A 72 6.33 0.42 -4.18
CA ALA A 72 6.65 1.14 -2.95
C ALA A 72 7.13 0.18 -1.87
N THR A 73 8.09 0.63 -1.06
CA THR A 73 8.60 -0.21 0.01
C THR A 73 8.60 0.55 1.35
N ILE A 74 7.86 0.02 2.31
CA ILE A 74 7.78 0.64 3.64
C ILE A 74 7.92 -0.43 4.72
N THR A 75 8.76 -0.16 5.72
CA THR A 75 8.98 -1.13 6.80
C THR A 75 8.78 -0.50 8.17
N ASN A 76 9.11 -1.26 9.22
CA ASN A 76 8.95 -0.79 10.59
C ASN A 76 7.50 -0.45 10.90
N LEU A 77 6.59 -1.31 10.46
CA LEU A 77 5.17 -1.08 10.71
C LEU A 77 4.55 -2.25 11.51
N PRO A 78 3.61 -1.98 12.39
CA PRO A 78 2.93 -3.03 13.21
C PRO A 78 1.94 -3.87 12.41
N PRO A 79 1.49 -4.97 12.95
CA PRO A 79 0.50 -5.87 12.27
C PRO A 79 -0.86 -5.20 12.10
N GLY A 80 -1.52 -5.52 11.01
CA GLY A 80 -2.84 -4.96 10.72
C GLY A 80 -2.91 -4.55 9.26
N THR A 81 -3.99 -3.88 8.87
CA THR A 81 -4.14 -3.44 7.50
C THR A 81 -3.66 -2.02 7.33
N TYR A 82 -3.31 -1.66 6.11
CA TYR A 82 -2.84 -0.32 5.83
C TYR A 82 -3.48 0.26 4.59
N VAL A 83 -3.70 1.57 4.62
CA VAL A 83 -4.29 2.27 3.49
C VAL A 83 -3.20 3.06 2.78
N ILE A 84 -3.12 2.91 1.47
CA ILE A 84 -2.08 3.59 0.70
C ILE A 84 -2.69 4.36 -0.46
N ARG A 85 -2.40 5.65 -0.53
CA ARG A 85 -2.93 6.46 -1.63
C ARG A 85 -1.88 7.44 -2.16
N ASP A 86 -2.02 7.81 -3.43
CA ASP A 86 -1.08 8.74 -4.06
C ASP A 86 -1.24 10.14 -3.49
N THR A 87 -0.38 10.49 -2.54
CA THR A 87 -0.44 11.80 -1.91
C THR A 87 -0.11 12.89 -2.94
N ASN A 88 0.89 12.64 -3.76
CA ASN A 88 1.30 13.63 -4.77
C ASN A 88 0.17 13.87 -5.77
N THR A 89 -0.05 15.14 -6.11
CA THR A 89 -1.10 15.48 -7.05
C THR A 89 -0.53 15.80 -8.43
N THR A 90 0.77 16.05 -8.50
CA THR A 90 1.39 16.39 -9.78
C THR A 90 1.31 15.22 -10.75
N LYS A 91 1.67 14.04 -10.26
CA LYS A 91 1.66 12.85 -11.10
C LYS A 91 1.31 11.60 -10.28
N PRO A 92 0.07 11.16 -10.28
CA PRO A 92 -0.33 9.94 -9.51
C PRO A 92 0.31 8.68 -10.07
N ARG A 93 0.72 7.79 -9.18
CA ARG A 93 1.35 6.55 -9.57
C ARG A 93 0.44 5.38 -9.27
N PHE A 94 -0.46 5.57 -8.32
CA PHE A 94 -1.39 4.51 -7.94
C PHE A 94 -2.63 5.09 -7.26
N SER A 95 -3.71 4.30 -7.25
CA SER A 95 -4.96 4.72 -6.64
C SER A 95 -5.03 4.21 -5.20
N PRO A 96 -5.85 4.80 -4.37
CA PRO A 96 -5.99 4.35 -2.96
C PRO A 96 -6.30 2.85 -2.88
N LEU A 97 -5.49 2.13 -2.11
CA LEU A 97 -5.68 0.70 -1.96
C LEU A 97 -5.37 0.24 -0.54
N VAL A 98 -5.71 -1.01 -0.22
CA VAL A 98 -5.48 -1.53 1.11
C VAL A 98 -4.93 -2.95 1.05
N ILE A 99 -4.12 -3.30 2.04
CA ILE A 99 -3.53 -4.63 2.12
C ILE A 99 -3.28 -5.02 3.59
N PRO A 100 -3.57 -6.24 3.98
CA PRO A 100 -3.36 -6.71 5.38
C PRO A 100 -1.93 -7.16 5.66
N LEU A 101 -1.53 -7.11 6.94
CA LEU A 101 -0.20 -7.54 7.33
C LEU A 101 -0.25 -8.26 8.67
N GLY A 102 -0.27 -9.60 8.62
CA GLY A 102 -0.32 -10.43 9.83
C GLY A 102 -1.27 -9.86 10.87
N ILE A 103 -2.49 -10.38 10.93
CA ILE A 103 -3.45 -9.90 11.92
C ILE A 103 -3.18 -10.49 13.30
N ASP A 104 -1.91 -10.52 13.69
CA ASP A 104 -1.51 -11.06 14.99
C ASP A 104 -0.45 -10.16 15.61
N THR A 105 -0.20 -10.34 16.91
CA THR A 105 0.80 -9.53 17.60
C THR A 105 2.12 -9.49 16.83
N THR A 106 2.46 -10.61 16.20
CA THR A 106 3.70 -10.70 15.42
C THR A 106 3.55 -9.92 14.10
N SER A 107 4.63 -9.28 13.68
CA SER A 107 4.59 -8.50 12.44
C SER A 107 5.37 -9.22 11.32
N PRO A 108 4.70 -9.99 10.50
CA PRO A 108 5.34 -10.73 9.36
C PRO A 108 5.56 -9.85 8.14
N THR A 109 6.41 -10.32 7.23
CA THR A 109 6.68 -9.58 6.01
C THR A 109 5.66 -9.95 4.93
N MET A 110 4.98 -8.93 4.39
CA MET A 110 3.98 -9.18 3.36
C MET A 110 4.32 -8.46 2.07
N THR A 111 4.45 -9.24 1.01
CA THR A 111 4.75 -8.69 -0.31
C THR A 111 3.75 -9.23 -1.32
N LEU A 112 2.98 -8.33 -1.94
CA LEU A 112 1.99 -8.74 -2.92
C LEU A 112 1.94 -7.77 -4.08
N ARG A 113 1.29 -8.20 -5.16
CA ARG A 113 1.15 -7.37 -6.35
C ARG A 113 -0.33 -7.22 -6.71
N PRO A 114 -1.02 -6.35 -6.01
CA PRO A 114 -2.48 -6.11 -6.24
C PRO A 114 -2.80 -5.83 -7.71
N LYS A 115 -3.89 -6.41 -8.18
CA LYS A 115 -4.32 -6.20 -9.56
C LYS A 115 -5.38 -5.12 -9.61
N LEU A 116 -4.95 -3.92 -9.97
CA LEU A 116 -5.87 -2.79 -10.05
C LEU A 116 -5.97 -2.30 -11.49
N ILE A 117 -7.20 -2.06 -11.95
CA ILE A 117 -7.39 -1.59 -13.31
C ILE A 117 -6.86 -0.17 -13.44
N ASP A 118 -5.98 0.03 -14.42
CA ASP A 118 -5.38 1.35 -14.63
C ASP A 118 -6.48 2.39 -14.78
N ALA A 119 -6.28 3.53 -14.13
CA ALA A 119 -7.26 4.61 -14.18
C ALA A 119 -6.59 5.96 -13.95
N THR A 120 -7.18 7.02 -14.49
CA THR A 120 -6.62 8.36 -14.33
C THR A 120 -6.79 8.83 -12.88
N PRO A 121 -8.00 8.87 -12.35
CA PRO A 121 -8.25 9.30 -10.95
C PRO A 121 -7.90 8.21 -9.94
N GLY A 122 -7.90 8.58 -8.66
CA GLY A 122 -7.59 7.64 -7.60
C GLY A 122 -7.67 8.35 -6.26
N ALA A 123 -6.65 9.14 -5.96
CA ALA A 123 -6.62 9.90 -4.71
C ALA A 123 -7.91 10.73 -4.57
N PRO A 124 -8.24 11.55 -5.55
CA PRO A 124 -9.50 12.36 -5.48
C PRO A 124 -10.75 11.49 -5.63
N ASN A 125 -10.56 10.31 -6.22
CA ASN A 125 -11.66 9.38 -6.41
C ASN A 125 -12.86 10.10 -7.03
N VAL A 126 -14.01 9.42 -7.06
CA VAL A 126 -15.22 10.01 -7.63
C VAL A 126 -16.06 10.66 -6.54
N GLN A 1 9.44 -14.14 12.89
CA GLN A 1 10.26 -13.11 12.21
C GLN A 1 10.02 -11.75 12.87
N GLU A 2 10.95 -11.34 13.73
CA GLU A 2 10.82 -10.08 14.43
C GLU A 2 10.80 -8.92 13.43
N ALA A 3 11.69 -8.98 12.45
CA ALA A 3 11.78 -7.94 11.43
C ALA A 3 10.56 -7.99 10.51
N ASN A 4 10.10 -6.82 10.07
CA ASN A 4 8.94 -6.77 9.18
C ASN A 4 9.16 -5.72 8.09
N THR A 5 8.81 -6.08 6.87
CA THR A 5 8.96 -5.16 5.74
C THR A 5 7.69 -5.12 4.91
N LEU A 6 7.23 -3.92 4.59
CA LEU A 6 6.03 -3.75 3.78
C LEU A 6 6.39 -3.26 2.38
N VAL A 7 6.18 -4.12 1.38
CA VAL A 7 6.49 -3.75 0.00
C VAL A 7 5.25 -3.84 -0.88
N ILE A 8 4.96 -2.76 -1.60
CA ILE A 8 3.79 -2.73 -2.49
C ILE A 8 4.20 -2.37 -3.90
N ASP A 9 3.89 -3.24 -4.85
CA ASP A 9 4.22 -2.98 -6.25
C ASP A 9 2.95 -3.01 -7.10
N LEU A 10 2.72 -1.94 -7.86
CA LEU A 10 1.54 -1.87 -8.70
C LEU A 10 1.90 -2.06 -10.17
N GLU A 11 3.10 -2.56 -10.44
CA GLU A 11 3.54 -2.78 -11.81
C GLU A 11 4.34 -4.06 -11.92
N PRO A 12 4.43 -4.66 -13.08
CA PRO A 12 5.20 -5.91 -13.26
C PRO A 12 6.62 -5.75 -12.69
N PRO A 13 7.00 -6.53 -11.71
CA PRO A 13 8.35 -6.42 -11.09
C PRO A 13 9.42 -7.05 -11.97
N ALA A 14 10.67 -6.66 -11.76
CA ALA A 14 11.76 -7.22 -12.55
C ALA A 14 12.96 -7.51 -11.67
N ALA A 15 13.33 -6.53 -10.86
CA ALA A 15 14.47 -6.66 -9.95
C ALA A 15 15.78 -6.64 -10.73
N PHE A 16 16.83 -7.24 -10.17
CA PHE A 16 18.15 -7.28 -10.82
C PHE A 16 18.82 -5.91 -10.70
N ALA A 17 18.19 -4.91 -11.31
CA ALA A 17 18.72 -3.55 -11.25
C ALA A 17 18.30 -2.86 -9.95
N ASP A 18 17.48 -3.53 -9.15
CA ASP A 18 17.00 -2.98 -7.88
C ASP A 18 16.20 -1.70 -8.12
N ASP A 19 15.46 -1.68 -9.23
CA ASP A 19 14.64 -0.52 -9.56
C ASP A 19 13.21 -0.68 -9.05
N GLN A 20 12.88 -1.87 -8.52
CA GLN A 20 11.54 -2.10 -8.01
C GLN A 20 11.37 -1.54 -6.59
N PRO A 21 12.20 -1.92 -5.64
CA PRO A 21 12.09 -1.42 -4.24
C PRO A 21 12.48 0.05 -4.11
N GLN A 22 13.21 0.57 -5.08
CA GLN A 22 13.64 1.97 -5.03
C GLN A 22 12.51 2.90 -5.48
N GLY A 23 12.39 4.04 -4.80
CA GLY A 23 11.37 5.02 -5.15
C GLY A 23 11.48 6.26 -4.28
N HIS A 24 11.27 7.43 -4.89
CA HIS A 24 11.35 8.69 -4.15
C HIS A 24 10.94 9.87 -5.04
N ASN A 25 9.66 10.22 -5.01
CA ASN A 25 9.17 11.34 -5.80
C ASN A 25 7.73 11.68 -5.43
N ILE A 26 6.85 10.69 -5.55
CA ILE A 26 5.44 10.92 -5.24
C ILE A 26 5.17 10.67 -3.77
N ASP A 27 4.57 11.65 -3.12
CA ASP A 27 4.24 11.54 -1.71
C ASP A 27 3.01 10.66 -1.53
N VAL A 28 3.17 9.56 -0.80
CA VAL A 28 2.06 8.64 -0.57
C VAL A 28 1.65 8.67 0.89
N THR A 29 0.35 8.52 1.12
CA THR A 29 -0.19 8.53 2.48
C THR A 29 -0.37 7.11 2.98
N VAL A 30 0.15 6.86 4.18
CA VAL A 30 0.07 5.53 4.78
C VAL A 30 -0.72 5.58 6.08
N ALA A 31 -1.73 4.73 6.20
CA ALA A 31 -2.54 4.69 7.41
C ALA A 31 -2.78 3.24 7.80
N LYS A 32 -2.76 2.98 9.10
CA LYS A 32 -2.96 1.62 9.59
C LYS A 32 -4.44 1.33 9.80
N LEU A 33 -5.02 0.62 8.83
CA LEU A 33 -6.42 0.25 8.88
C LEU A 33 -6.66 -0.81 9.95
N HIS A 34 -7.89 -0.88 10.45
CA HIS A 34 -8.23 -1.86 11.47
C HIS A 34 -7.74 -3.24 11.06
N ASN A 35 -7.04 -3.90 11.97
CA ASN A 35 -6.47 -5.22 11.69
C ASN A 35 -7.50 -6.14 11.06
N ILE A 36 -7.18 -6.66 9.87
CA ILE A 36 -8.09 -7.58 9.18
C ILE A 36 -7.31 -8.78 8.64
N ASP A 37 -7.88 -9.97 8.81
CA ASP A 37 -7.22 -11.17 8.34
C ASP A 37 -7.06 -11.14 6.81
N PRO A 38 -5.87 -11.37 6.27
CA PRO A 38 -5.65 -11.39 4.79
C PRO A 38 -6.51 -12.43 4.08
N GLU A 39 -7.14 -13.30 4.87
CA GLU A 39 -7.96 -14.36 4.30
C GLU A 39 -9.11 -13.79 3.46
N ASP A 40 -9.67 -12.67 3.88
CA ASP A 40 -10.77 -12.07 3.13
C ASP A 40 -10.24 -11.27 1.94
N HIS A 41 -9.83 -12.00 0.89
CA HIS A 41 -9.29 -11.36 -0.31
C HIS A 41 -10.33 -10.44 -0.96
N GLU A 42 -11.58 -10.89 -0.97
CA GLU A 42 -12.66 -10.11 -1.55
C GLU A 42 -12.75 -8.78 -0.82
N ARG A 43 -12.57 -8.83 0.50
CA ARG A 43 -12.62 -7.62 1.30
C ARG A 43 -11.48 -6.68 0.91
N ILE A 44 -10.30 -7.25 0.66
CA ILE A 44 -9.15 -6.41 0.31
C ILE A 44 -9.34 -5.78 -1.05
N ARG A 45 -9.52 -6.61 -2.06
CA ARG A 45 -9.68 -6.11 -3.43
C ARG A 45 -10.80 -5.08 -3.49
N ALA A 46 -11.81 -5.25 -2.63
CA ALA A 46 -12.91 -4.32 -2.60
C ALA A 46 -12.41 -2.92 -2.22
N LEU A 47 -11.51 -2.88 -1.24
CA LEU A 47 -10.95 -1.61 -0.80
C LEU A 47 -9.78 -1.18 -1.67
N GLN A 48 -9.18 -2.11 -2.40
CA GLN A 48 -8.06 -1.76 -3.27
C GLN A 48 -8.53 -0.85 -4.39
N ARG A 49 -9.71 -1.14 -4.92
CA ARG A 49 -10.26 -0.34 -6.01
C ARG A 49 -11.18 0.76 -5.50
N ASN A 50 -11.92 0.47 -4.43
CA ASN A 50 -12.84 1.47 -3.86
C ASN A 50 -12.10 2.43 -2.95
N GLY A 51 -11.09 1.93 -2.27
CA GLY A 51 -10.32 2.76 -1.36
C GLY A 51 -10.94 2.73 0.04
N VAL A 52 -10.13 2.85 1.07
CA VAL A 52 -10.67 2.82 2.42
C VAL A 52 -11.26 4.17 2.82
N PRO A 53 -12.41 4.21 3.47
CA PRO A 53 -13.01 5.49 3.92
C PRO A 53 -12.33 6.02 5.17
N SER A 54 -12.33 7.33 5.34
CA SER A 54 -11.70 7.93 6.51
C SER A 54 -12.48 7.56 7.76
N THR A 55 -13.70 7.03 7.58
CA THR A 55 -14.53 6.63 8.72
C THR A 55 -13.93 5.42 9.42
N ILE A 56 -13.10 4.67 8.69
CA ILE A 56 -12.45 3.48 9.25
C ILE A 56 -11.45 3.89 10.32
N SER A 57 -11.35 3.09 11.38
CA SER A 57 -10.41 3.40 12.45
C SER A 57 -8.99 3.26 11.95
N GLU A 58 -8.23 4.35 12.04
CA GLU A 58 -6.85 4.33 11.60
C GLU A 58 -5.91 4.78 12.71
N GLU A 59 -4.65 4.38 12.62
CA GLU A 59 -3.65 4.75 13.61
C GLU A 59 -2.96 6.04 13.22
N GLN A 60 -1.90 6.40 13.94
CA GLN A 60 -1.19 7.63 13.65
C GLN A 60 -0.79 7.68 12.17
N PRO A 61 -1.03 8.78 11.48
CA PRO A 61 -0.67 8.90 10.03
C PRO A 61 0.81 8.67 9.76
N HIS A 62 1.11 8.07 8.61
CA HIS A 62 2.50 7.81 8.23
C HIS A 62 2.79 8.43 6.86
N THR A 63 4.06 8.73 6.61
CA THR A 63 4.45 9.33 5.34
C THR A 63 5.43 8.44 4.61
N ALA A 64 5.34 8.44 3.29
CA ALA A 64 6.24 7.63 2.46
C ALA A 64 6.25 8.14 1.03
N ARG A 65 7.15 7.61 0.21
CA ARG A 65 7.22 8.03 -1.18
C ARG A 65 7.27 6.80 -2.10
N THR A 66 6.76 6.97 -3.32
CA THR A 66 6.72 5.88 -4.28
C THR A 66 7.43 6.26 -5.57
N ASP A 67 7.87 5.24 -6.31
CA ASP A 67 8.58 5.46 -7.56
C ASP A 67 7.63 5.57 -8.74
N ALA A 68 8.19 5.82 -9.92
CA ALA A 68 7.41 5.94 -11.14
C ALA A 68 6.68 4.65 -11.45
N THR A 69 7.24 3.53 -11.02
CA THR A 69 6.65 2.22 -11.29
C THR A 69 5.51 1.87 -10.33
N GLY A 70 5.02 2.84 -9.57
CA GLY A 70 3.92 2.59 -8.65
C GLY A 70 4.36 1.68 -7.51
N THR A 71 5.64 1.72 -7.15
CA THR A 71 6.14 0.89 -6.07
C THR A 71 6.52 1.75 -4.88
N ALA A 72 6.26 1.25 -3.68
CA ALA A 72 6.59 2.00 -2.48
C ALA A 72 7.22 1.09 -1.44
N THR A 73 8.16 1.64 -0.67
CA THR A 73 8.83 0.86 0.36
C THR A 73 8.57 1.42 1.74
N ILE A 74 8.01 0.59 2.62
CA ILE A 74 7.71 1.01 3.98
C ILE A 74 8.21 -0.03 4.98
N THR A 75 8.85 0.42 6.04
CA THR A 75 9.38 -0.49 7.05
C THR A 75 8.86 -0.12 8.44
N ASN A 76 9.11 -0.99 9.41
CA ASN A 76 8.67 -0.75 10.79
C ASN A 76 7.15 -0.62 10.87
N LEU A 77 6.46 -1.55 10.21
CA LEU A 77 4.99 -1.54 10.22
C LEU A 77 4.45 -2.79 10.93
N PRO A 78 3.68 -2.64 11.99
CA PRO A 78 3.12 -3.81 12.75
C PRO A 78 1.97 -4.47 11.98
N PRO A 79 1.55 -5.63 12.43
CA PRO A 79 0.44 -6.38 11.79
C PRO A 79 -0.84 -5.56 11.68
N GLY A 80 -1.58 -5.78 10.61
CA GLY A 80 -2.82 -5.06 10.37
C GLY A 80 -2.94 -4.63 8.93
N THR A 81 -4.01 -3.92 8.60
CA THR A 81 -4.20 -3.46 7.24
C THR A 81 -3.60 -2.08 7.04
N TYR A 82 -3.22 -1.80 5.80
CA TYR A 82 -2.63 -0.51 5.48
C TYR A 82 -3.25 0.09 4.23
N VAL A 83 -3.33 1.41 4.20
CA VAL A 83 -3.88 2.10 3.05
C VAL A 83 -2.78 2.90 2.38
N ILE A 84 -2.78 2.86 1.06
CA ILE A 84 -1.75 3.56 0.29
C ILE A 84 -2.38 4.42 -0.80
N ARG A 85 -2.18 5.73 -0.72
CA ARG A 85 -2.74 6.64 -1.71
C ARG A 85 -1.72 7.69 -2.14
N ASP A 86 -1.60 7.90 -3.44
CA ASP A 86 -0.66 8.90 -3.94
C ASP A 86 -1.17 10.30 -3.69
N THR A 87 -0.62 10.95 -2.67
CA THR A 87 -1.01 12.30 -2.32
C THR A 87 -0.63 13.27 -3.42
N ASN A 88 0.55 13.07 -4.01
CA ASN A 88 1.01 13.96 -5.06
C ASN A 88 0.07 13.89 -6.27
N THR A 89 -0.38 15.05 -6.72
CA THR A 89 -1.28 15.12 -7.86
C THR A 89 -0.55 15.47 -9.14
N THR A 90 0.72 15.86 -9.04
CA THR A 90 1.49 16.23 -10.22
C THR A 90 1.61 15.03 -11.16
N LYS A 91 1.98 13.88 -10.60
CA LYS A 91 2.12 12.67 -11.38
C LYS A 91 1.71 11.44 -10.57
N PRO A 92 0.43 11.21 -10.41
CA PRO A 92 -0.08 10.04 -9.63
C PRO A 92 0.49 8.74 -10.17
N ARG A 93 0.98 7.89 -9.27
CA ARG A 93 1.55 6.62 -9.68
C ARG A 93 0.51 5.52 -9.53
N PHE A 94 -0.44 5.72 -8.64
CA PHE A 94 -1.48 4.72 -8.42
C PHE A 94 -2.62 5.28 -7.57
N SER A 95 -3.76 4.57 -7.60
CA SER A 95 -4.94 4.97 -6.82
C SER A 95 -4.89 4.34 -5.44
N PRO A 96 -5.76 4.75 -4.55
CA PRO A 96 -5.81 4.21 -3.16
C PRO A 96 -5.85 2.68 -3.17
N LEU A 97 -5.01 2.06 -2.34
CA LEU A 97 -4.97 0.60 -2.27
C LEU A 97 -4.90 0.12 -0.82
N VAL A 98 -5.50 -1.04 -0.58
CA VAL A 98 -5.49 -1.61 0.77
C VAL A 98 -4.86 -3.00 0.77
N ILE A 99 -3.90 -3.19 1.66
CA ILE A 99 -3.19 -4.47 1.78
C ILE A 99 -3.13 -4.96 3.24
N PRO A 100 -3.56 -6.16 3.53
CA PRO A 100 -3.53 -6.71 4.92
C PRO A 100 -2.16 -7.30 5.26
N LEU A 101 -1.82 -7.32 6.56
CA LEU A 101 -0.56 -7.90 7.00
C LEU A 101 -0.86 -8.95 8.06
N GLY A 102 -0.35 -10.17 7.83
CA GLY A 102 -0.56 -11.32 8.73
C GLY A 102 -0.93 -10.89 10.14
N ILE A 103 -2.17 -11.18 10.54
CA ILE A 103 -2.64 -10.81 11.87
C ILE A 103 -2.05 -11.72 12.93
N ASP A 104 -1.30 -11.13 13.85
CA ASP A 104 -0.66 -11.89 14.92
C ASP A 104 0.06 -10.96 15.89
N THR A 105 0.54 -11.52 17.00
CA THR A 105 1.25 -10.72 17.99
C THR A 105 2.59 -10.23 17.43
N THR A 106 3.26 -11.09 16.68
CA THR A 106 4.55 -10.74 16.08
C THR A 106 4.33 -9.92 14.81
N SER A 107 5.40 -9.33 14.30
CA SER A 107 5.29 -8.53 13.08
C SER A 107 6.01 -9.22 11.91
N PRO A 108 5.29 -9.95 11.09
CA PRO A 108 5.87 -10.66 9.91
C PRO A 108 6.08 -9.73 8.72
N THR A 109 6.81 -10.24 7.72
CA THR A 109 7.08 -9.47 6.51
C THR A 109 6.02 -9.80 5.45
N MET A 110 5.44 -8.76 4.84
CA MET A 110 4.43 -8.98 3.83
C MET A 110 4.75 -8.18 2.57
N THR A 111 4.86 -8.91 1.48
CA THR A 111 5.14 -8.28 0.19
C THR A 111 4.11 -8.74 -0.82
N LEU A 112 3.35 -7.79 -1.35
CA LEU A 112 2.32 -8.09 -2.33
C LEU A 112 2.36 -7.10 -3.48
N ARG A 113 1.79 -7.50 -4.61
CA ARG A 113 1.76 -6.62 -5.77
C ARG A 113 0.33 -6.55 -6.32
N PRO A 114 -0.54 -5.85 -5.63
CA PRO A 114 -1.96 -5.72 -6.03
C PRO A 114 -2.12 -5.24 -7.47
N LYS A 115 -3.05 -5.86 -8.19
CA LYS A 115 -3.30 -5.48 -9.57
C LYS A 115 -4.61 -4.72 -9.67
N LEU A 116 -4.50 -3.41 -9.75
CA LEU A 116 -5.68 -2.55 -9.84
C LEU A 116 -5.78 -1.95 -11.24
N ILE A 117 -6.95 -2.09 -11.85
CA ILE A 117 -7.15 -1.54 -13.19
C ILE A 117 -7.04 -0.02 -13.14
N ASP A 118 -6.19 0.51 -14.01
CA ASP A 118 -5.98 1.95 -14.09
C ASP A 118 -7.30 2.68 -14.30
N ALA A 119 -7.41 3.87 -13.72
CA ALA A 119 -8.64 4.65 -13.82
C ALA A 119 -8.32 6.11 -14.10
N THR A 120 -9.32 6.85 -14.56
CA THR A 120 -9.14 8.26 -14.87
C THR A 120 -8.42 9.00 -13.75
N PRO A 121 -8.91 8.94 -12.54
CA PRO A 121 -8.23 9.65 -11.41
C PRO A 121 -6.85 9.07 -11.11
N GLY A 122 -6.82 7.88 -10.51
CA GLY A 122 -5.55 7.24 -10.20
C GLY A 122 -4.94 7.82 -8.92
N ALA A 123 -5.75 8.53 -8.15
CA ALA A 123 -5.29 9.15 -6.91
C ALA A 123 -6.41 9.98 -6.28
N PRO A 124 -6.95 10.95 -6.99
CA PRO A 124 -8.07 11.79 -6.46
C PRO A 124 -9.39 11.02 -6.44
N ASN A 125 -9.40 9.87 -7.10
CA ASN A 125 -10.59 9.03 -7.18
C ASN A 125 -11.75 9.79 -7.83
N VAL A 126 -12.98 9.39 -7.51
CA VAL A 126 -14.15 10.04 -8.08
C VAL A 126 -15.19 10.32 -6.99
N GLN A 1 13.81 -11.26 12.42
CA GLN A 1 12.59 -12.10 12.60
C GLN A 1 11.47 -11.25 13.17
N GLU A 2 11.72 -10.69 14.36
CA GLU A 2 10.72 -9.84 15.01
C GLU A 2 10.45 -8.59 14.19
N ALA A 3 11.42 -8.21 13.36
CA ALA A 3 11.27 -7.04 12.52
C ALA A 3 10.19 -7.27 11.46
N ASN A 4 9.48 -6.21 11.10
CA ASN A 4 8.42 -6.32 10.10
C ASN A 4 8.62 -5.30 8.99
N THR A 5 8.48 -5.75 7.74
CA THR A 5 8.64 -4.87 6.60
C THR A 5 7.46 -5.01 5.64
N LEU A 6 6.89 -3.88 5.23
CA LEU A 6 5.77 -3.88 4.31
C LEU A 6 6.20 -3.34 2.96
N VAL A 7 6.20 -4.21 1.94
CA VAL A 7 6.60 -3.78 0.60
C VAL A 7 5.47 -4.00 -0.40
N ILE A 8 5.10 -2.92 -1.10
CA ILE A 8 4.03 -3.00 -2.08
C ILE A 8 4.53 -2.57 -3.45
N ASP A 9 4.35 -3.43 -4.45
CA ASP A 9 4.78 -3.11 -5.81
C ASP A 9 3.62 -3.27 -6.77
N LEU A 10 3.10 -2.14 -7.25
CA LEU A 10 1.99 -2.16 -8.19
C LEU A 10 2.37 -2.94 -9.44
N GLU A 11 3.66 -2.94 -9.75
CA GLU A 11 4.17 -3.64 -10.92
C GLU A 11 5.29 -4.57 -10.50
N PRO A 12 5.56 -5.61 -11.26
CA PRO A 12 6.63 -6.57 -10.91
C PRO A 12 7.97 -5.85 -10.69
N PRO A 13 8.55 -5.91 -9.51
CA PRO A 13 9.84 -5.24 -9.21
C PRO A 13 11.03 -6.07 -9.68
N ALA A 14 11.36 -5.91 -10.96
CA ALA A 14 12.46 -6.65 -11.56
C ALA A 14 12.98 -5.92 -12.80
N ALA A 15 12.05 -5.31 -13.54
CA ALA A 15 12.40 -4.60 -14.76
C ALA A 15 13.09 -5.51 -15.76
N PHE A 16 12.91 -6.82 -15.60
CA PHE A 16 13.50 -7.79 -16.52
C PHE A 16 15.02 -7.67 -16.57
N ALA A 17 15.70 -8.23 -15.59
CA ALA A 17 17.16 -8.19 -15.55
C ALA A 17 17.67 -6.76 -15.41
N ASP A 18 17.23 -6.08 -14.35
CA ASP A 18 17.64 -4.71 -14.11
C ASP A 18 17.64 -4.41 -12.61
N ASP A 19 17.86 -3.15 -12.26
CA ASP A 19 17.89 -2.75 -10.86
C ASP A 19 16.51 -2.25 -10.40
N GLN A 20 15.48 -2.50 -11.21
CA GLN A 20 14.15 -2.04 -10.88
C GLN A 20 14.20 -0.54 -10.65
N PRO A 21 14.48 0.19 -11.71
CA PRO A 21 14.64 1.67 -11.72
C PRO A 21 13.87 2.40 -10.61
N GLN A 22 14.48 2.46 -9.43
CA GLN A 22 13.85 3.14 -8.29
C GLN A 22 13.92 4.65 -8.45
N GLY A 23 12.93 5.34 -7.91
CA GLY A 23 12.89 6.79 -8.01
C GLY A 23 11.84 7.37 -7.06
N HIS A 24 12.15 7.41 -5.77
CA HIS A 24 11.21 7.93 -4.79
C HIS A 24 11.03 9.44 -4.96
N ASN A 25 9.83 9.92 -4.62
CA ASN A 25 9.51 11.35 -4.74
C ASN A 25 8.03 11.60 -4.52
N ILE A 26 7.20 10.56 -4.70
CA ILE A 26 5.76 10.73 -4.54
C ILE A 26 5.31 10.48 -3.11
N ASP A 27 4.73 11.51 -2.51
CA ASP A 27 4.23 11.40 -1.15
C ASP A 27 3.03 10.45 -1.12
N VAL A 28 2.92 9.66 -0.06
CA VAL A 28 1.80 8.73 0.05
C VAL A 28 1.26 8.68 1.47
N THR A 29 -0.06 8.56 1.58
CA THR A 29 -0.72 8.49 2.89
C THR A 29 -0.85 7.05 3.34
N VAL A 30 -0.44 6.80 4.57
CA VAL A 30 -0.53 5.47 5.15
C VAL A 30 -1.39 5.52 6.40
N ALA A 31 -2.37 4.64 6.49
CA ALA A 31 -3.25 4.61 7.65
C ALA A 31 -3.48 3.18 8.09
N LYS A 32 -3.63 2.97 9.39
CA LYS A 32 -3.84 1.63 9.89
C LYS A 32 -5.32 1.35 10.12
N LEU A 33 -5.90 0.65 9.16
CA LEU A 33 -7.30 0.25 9.20
C LEU A 33 -7.49 -0.88 10.21
N HIS A 34 -8.71 -1.02 10.72
CA HIS A 34 -8.99 -2.08 11.67
C HIS A 34 -8.44 -3.40 11.14
N ASN A 35 -7.67 -4.08 11.98
CA ASN A 35 -7.05 -5.35 11.59
C ASN A 35 -8.06 -6.35 11.06
N ILE A 36 -7.81 -6.83 9.83
CA ILE A 36 -8.67 -7.83 9.22
C ILE A 36 -7.84 -9.00 8.70
N ASP A 37 -8.37 -10.21 8.82
CA ASP A 37 -7.65 -11.40 8.38
C ASP A 37 -7.36 -11.33 6.86
N PRO A 38 -6.12 -11.54 6.43
CA PRO A 38 -5.77 -11.51 4.97
C PRO A 38 -6.54 -12.56 4.15
N GLU A 39 -7.09 -13.55 4.84
CA GLU A 39 -7.82 -14.64 4.17
C GLU A 39 -8.94 -14.12 3.28
N ASP A 40 -9.40 -12.89 3.53
CA ASP A 40 -10.48 -12.33 2.74
C ASP A 40 -9.92 -11.60 1.51
N HIS A 41 -9.52 -12.38 0.50
CA HIS A 41 -8.95 -11.81 -0.73
C HIS A 41 -9.94 -10.86 -1.41
N GLU A 42 -11.19 -11.27 -1.48
CA GLU A 42 -12.22 -10.44 -2.10
C GLU A 42 -12.31 -9.11 -1.36
N ARG A 43 -12.19 -9.16 -0.04
CA ARG A 43 -12.23 -7.95 0.75
C ARG A 43 -11.07 -7.02 0.41
N ILE A 44 -9.88 -7.60 0.23
CA ILE A 44 -8.71 -6.78 -0.07
C ILE A 44 -8.82 -6.16 -1.46
N ARG A 45 -9.08 -7.00 -2.45
CA ARG A 45 -9.17 -6.53 -3.83
C ARG A 45 -10.31 -5.54 -4.02
N ALA A 46 -11.41 -5.74 -3.29
CA ALA A 46 -12.56 -4.84 -3.38
C ALA A 46 -12.17 -3.45 -2.91
N LEU A 47 -11.40 -3.41 -1.82
CA LEU A 47 -10.95 -2.14 -1.27
C LEU A 47 -9.71 -1.62 -1.99
N GLN A 48 -9.04 -2.49 -2.74
CA GLN A 48 -7.87 -2.08 -3.50
C GLN A 48 -8.28 -1.10 -4.59
N ARG A 49 -9.42 -1.38 -5.21
CA ARG A 49 -9.93 -0.55 -6.30
C ARG A 49 -10.83 0.57 -5.79
N ASN A 50 -11.70 0.25 -4.84
CA ASN A 50 -12.63 1.25 -4.30
C ASN A 50 -11.94 2.09 -3.24
N GLY A 51 -10.99 1.50 -2.54
CA GLY A 51 -10.27 2.22 -1.49
C GLY A 51 -11.03 2.10 -0.17
N VAL A 52 -10.37 2.42 0.93
CA VAL A 52 -11.03 2.33 2.24
C VAL A 52 -11.36 3.73 2.79
N PRO A 53 -12.60 4.00 3.16
CA PRO A 53 -12.99 5.33 3.72
C PRO A 53 -12.42 5.57 5.10
N SER A 54 -12.29 6.85 5.45
CA SER A 54 -11.76 7.22 6.75
C SER A 54 -12.77 6.88 7.85
N THR A 55 -13.96 6.43 7.46
CA THR A 55 -14.98 6.08 8.44
C THR A 55 -14.54 4.88 9.28
N ILE A 56 -13.62 4.10 8.73
CA ILE A 56 -13.10 2.94 9.44
C ILE A 56 -12.19 3.39 10.58
N SER A 57 -12.22 2.67 11.70
CA SER A 57 -11.40 3.04 12.83
C SER A 57 -9.93 2.99 12.43
N GLU A 58 -9.25 4.13 12.53
CA GLU A 58 -7.86 4.20 12.15
C GLU A 58 -6.98 4.70 13.29
N GLU A 59 -5.73 4.27 13.29
CA GLU A 59 -4.77 4.69 14.30
C GLU A 59 -4.04 5.94 13.81
N GLN A 60 -3.01 6.37 14.53
CA GLN A 60 -2.30 7.57 14.13
C GLN A 60 -1.84 7.43 12.67
N PRO A 61 -1.90 8.50 11.88
CA PRO A 61 -1.49 8.45 10.44
C PRO A 61 0.02 8.37 10.24
N HIS A 62 0.41 7.78 9.12
CA HIS A 62 1.82 7.64 8.77
C HIS A 62 2.06 8.21 7.38
N THR A 63 3.30 8.62 7.13
CA THR A 63 3.64 9.19 5.83
C THR A 63 4.83 8.44 5.23
N ALA A 64 4.89 8.41 3.90
CA ALA A 64 5.97 7.72 3.21
C ALA A 64 6.12 8.21 1.78
N ARG A 65 7.14 7.72 1.09
CA ARG A 65 7.37 8.11 -0.29
C ARG A 65 7.36 6.86 -1.16
N THR A 66 6.96 7.02 -2.43
CA THR A 66 6.92 5.88 -3.33
C THR A 66 7.73 6.18 -4.59
N ASP A 67 8.16 5.12 -5.26
CA ASP A 67 8.96 5.25 -6.47
C ASP A 67 8.07 5.37 -7.70
N ALA A 68 8.63 5.97 -8.76
CA ALA A 68 7.90 6.14 -10.00
C ALA A 68 7.56 4.78 -10.62
N THR A 69 8.22 3.73 -10.15
CA THR A 69 7.97 2.39 -10.66
C THR A 69 6.69 1.78 -10.07
N GLY A 70 5.97 2.56 -9.26
CA GLY A 70 4.74 2.04 -8.66
C GLY A 70 5.03 1.21 -7.41
N THR A 71 6.23 1.34 -6.87
CA THR A 71 6.61 0.58 -5.69
C THR A 71 6.70 1.51 -4.48
N ALA A 72 6.61 0.93 -3.29
CA ALA A 72 6.68 1.71 -2.06
C ALA A 72 7.33 0.89 -0.95
N THR A 73 8.09 1.55 -0.10
CA THR A 73 8.77 0.86 1.00
C THR A 73 8.39 1.47 2.35
N ILE A 74 7.83 0.62 3.22
CA ILE A 74 7.44 1.06 4.56
C ILE A 74 7.83 -0.02 5.57
N THR A 75 8.33 0.39 6.74
CA THR A 75 8.75 -0.58 7.75
C THR A 75 8.33 -0.16 9.15
N ASN A 76 8.53 -1.05 10.11
CA ASN A 76 8.17 -0.78 11.50
C ASN A 76 6.67 -0.54 11.66
N LEU A 77 5.87 -1.39 11.01
CA LEU A 77 4.41 -1.27 11.09
C LEU A 77 3.80 -2.50 11.80
N PRO A 78 2.86 -2.30 12.71
CA PRO A 78 2.19 -3.44 13.43
C PRO A 78 1.20 -4.18 12.53
N PRO A 79 0.73 -5.33 12.96
CA PRO A 79 -0.24 -6.15 12.17
C PRO A 79 -1.59 -5.46 12.04
N GLY A 80 -2.26 -5.69 10.91
CA GLY A 80 -3.56 -5.08 10.67
C GLY A 80 -3.71 -4.75 9.19
N THR A 81 -4.77 -4.01 8.85
CA THR A 81 -5.01 -3.63 7.46
C THR A 81 -4.46 -2.24 7.20
N TYR A 82 -3.75 -2.08 6.08
CA TYR A 82 -3.16 -0.79 5.73
C TYR A 82 -3.75 -0.21 4.45
N VAL A 83 -3.79 1.13 4.40
CA VAL A 83 -4.30 1.85 3.24
C VAL A 83 -3.22 2.75 2.66
N ILE A 84 -3.17 2.83 1.34
CA ILE A 84 -2.16 3.65 0.66
C ILE A 84 -2.83 4.55 -0.36
N ARG A 85 -2.36 5.80 -0.48
CA ARG A 85 -2.95 6.74 -1.44
C ARG A 85 -1.91 7.72 -1.99
N ASP A 86 -1.85 7.86 -3.32
CA ASP A 86 -0.90 8.79 -3.94
C ASP A 86 -1.29 10.24 -3.61
N THR A 87 -0.63 10.81 -2.61
CA THR A 87 -0.91 12.17 -2.21
C THR A 87 -0.21 13.19 -3.10
N ASN A 88 0.73 12.72 -3.92
CA ASN A 88 1.46 13.63 -4.80
C ASN A 88 0.62 13.97 -6.02
N THR A 89 -0.04 15.12 -5.97
CA THR A 89 -0.88 15.54 -7.07
C THR A 89 -0.05 16.01 -8.27
N THR A 90 1.21 16.35 -8.03
CA THR A 90 2.06 16.81 -9.11
C THR A 90 2.28 15.69 -10.13
N LYS A 91 2.63 14.50 -9.64
CA LYS A 91 2.85 13.36 -10.52
C LYS A 91 2.33 12.06 -9.92
N PRO A 92 1.04 11.92 -9.75
CA PRO A 92 0.45 10.66 -9.21
C PRO A 92 0.55 9.56 -10.24
N ARG A 93 0.94 8.37 -9.81
CA ARG A 93 1.08 7.27 -10.75
C ARG A 93 0.36 6.02 -10.29
N PHE A 94 -0.29 6.07 -9.13
CA PHE A 94 -0.99 4.90 -8.65
C PHE A 94 -2.29 5.25 -7.95
N SER A 95 -3.20 4.27 -7.93
CA SER A 95 -4.51 4.43 -7.30
C SER A 95 -4.43 3.90 -5.89
N PRO A 96 -5.36 4.25 -5.04
CA PRO A 96 -5.36 3.78 -3.63
C PRO A 96 -5.16 2.27 -3.54
N LEU A 97 -4.28 1.84 -2.64
CA LEU A 97 -4.00 0.41 -2.48
C LEU A 97 -4.34 -0.07 -1.08
N VAL A 98 -4.84 -1.30 -0.99
CA VAL A 98 -5.20 -1.88 0.30
C VAL A 98 -4.55 -3.25 0.44
N ILE A 99 -3.76 -3.43 1.49
CA ILE A 99 -3.10 -4.70 1.73
C ILE A 99 -3.10 -5.08 3.22
N PRO A 100 -3.57 -6.26 3.58
CA PRO A 100 -3.60 -6.70 5.00
C PRO A 100 -2.27 -7.28 5.46
N LEU A 101 -2.00 -7.17 6.75
CA LEU A 101 -0.76 -7.71 7.31
C LEU A 101 -1.14 -8.75 8.36
N GLY A 102 -0.57 -9.95 8.22
CA GLY A 102 -0.86 -11.07 9.12
C GLY A 102 -1.18 -10.61 10.54
N ILE A 103 -2.38 -10.95 10.99
CA ILE A 103 -2.82 -10.56 12.33
C ILE A 103 -2.25 -11.50 13.38
N ASP A 104 -1.53 -10.92 14.34
CA ASP A 104 -0.91 -11.68 15.41
C ASP A 104 -0.37 -10.74 16.48
N THR A 105 0.08 -11.31 17.59
CA THR A 105 0.64 -10.49 18.68
C THR A 105 1.95 -9.85 18.22
N THR A 106 2.64 -10.54 17.32
CA THR A 106 3.91 -10.04 16.80
C THR A 106 3.69 -9.26 15.50
N SER A 107 4.77 -8.67 14.97
CA SER A 107 4.68 -7.91 13.73
C SER A 107 5.28 -8.71 12.57
N PRO A 108 4.46 -9.38 11.79
CA PRO A 108 4.94 -10.19 10.63
C PRO A 108 5.36 -9.34 9.43
N THR A 109 6.17 -9.92 8.57
CA THR A 109 6.64 -9.24 7.37
C THR A 109 5.83 -9.72 6.16
N MET A 110 5.34 -8.78 5.36
CA MET A 110 4.54 -9.17 4.20
C MET A 110 4.88 -8.32 2.98
N THR A 111 5.02 -9.01 1.87
CA THR A 111 5.32 -8.35 0.62
C THR A 111 4.30 -8.75 -0.44
N LEU A 112 3.66 -7.77 -1.05
CA LEU A 112 2.64 -8.06 -2.06
C LEU A 112 2.83 -7.16 -3.27
N ARG A 113 2.26 -7.59 -4.40
CA ARG A 113 2.35 -6.83 -5.64
C ARG A 113 0.95 -6.66 -6.22
N PRO A 114 0.16 -5.80 -5.65
CA PRO A 114 -1.24 -5.54 -6.12
C PRO A 114 -1.30 -5.21 -7.60
N LYS A 115 -2.27 -5.79 -8.29
CA LYS A 115 -2.44 -5.53 -9.70
C LYS A 115 -3.91 -5.23 -10.00
N LEU A 116 -4.23 -3.95 -10.06
CA LEU A 116 -5.59 -3.50 -10.32
C LEU A 116 -5.60 -2.46 -11.43
N ILE A 117 -6.71 -2.36 -12.15
CA ILE A 117 -6.80 -1.37 -13.21
C ILE A 117 -6.82 0.03 -12.59
N ASP A 118 -5.71 0.75 -12.76
CA ASP A 118 -5.59 2.10 -12.21
C ASP A 118 -6.64 3.04 -12.78
N ALA A 119 -7.19 3.89 -11.92
CA ALA A 119 -8.19 4.86 -12.34
C ALA A 119 -7.51 6.12 -12.85
N THR A 120 -8.15 6.80 -13.80
CA THR A 120 -7.57 8.03 -14.35
C THR A 120 -7.35 9.09 -13.26
N PRO A 121 -8.35 9.47 -12.51
CA PRO A 121 -8.19 10.48 -11.42
C PRO A 121 -7.32 9.98 -10.27
N GLY A 122 -7.38 8.68 -10.02
CA GLY A 122 -6.59 8.08 -8.94
C GLY A 122 -7.08 8.48 -7.55
N ALA A 123 -6.16 8.93 -6.70
CA ALA A 123 -6.49 9.32 -5.33
C ALA A 123 -7.67 10.30 -5.25
N PRO A 124 -7.63 11.42 -5.93
CA PRO A 124 -8.75 12.40 -5.88
C PRO A 124 -10.05 11.79 -6.39
N ASN A 125 -9.93 10.84 -7.30
CA ASN A 125 -11.10 10.17 -7.86
C ASN A 125 -12.11 11.18 -8.39
N VAL A 126 -11.61 12.23 -9.05
CA VAL A 126 -12.48 13.26 -9.60
C VAL A 126 -13.62 12.63 -10.40
N GLN A 1 7.78 -11.31 17.87
CA GLN A 1 8.40 -10.00 17.51
C GLN A 1 9.48 -10.24 16.44
N GLU A 2 9.09 -10.14 15.18
CA GLU A 2 10.03 -10.34 14.08
C GLU A 2 9.96 -9.17 13.10
N ALA A 3 11.06 -8.92 12.40
CA ALA A 3 11.10 -7.84 11.43
C ALA A 3 10.05 -8.06 10.34
N ASN A 4 9.42 -6.97 9.90
CA ASN A 4 8.39 -7.08 8.88
C ASN A 4 8.66 -6.10 7.74
N THR A 5 8.40 -6.53 6.52
CA THR A 5 8.62 -5.68 5.35
C THR A 5 7.37 -5.70 4.46
N LEU A 6 6.93 -4.50 4.07
CA LEU A 6 5.75 -4.38 3.22
C LEU A 6 6.12 -3.84 1.85
N VAL A 7 5.98 -4.68 0.83
CA VAL A 7 6.29 -4.25 -0.54
C VAL A 7 5.05 -4.39 -1.41
N ILE A 8 4.66 -3.30 -2.06
CA ILE A 8 3.49 -3.33 -2.92
C ILE A 8 3.83 -2.80 -4.31
N ASP A 9 3.64 -3.64 -5.33
CA ASP A 9 3.95 -3.23 -6.69
C ASP A 9 2.75 -3.42 -7.60
N LEU A 10 2.31 -2.34 -8.22
CA LEU A 10 1.18 -2.39 -9.15
C LEU A 10 1.52 -3.27 -10.35
N GLU A 11 2.79 -3.22 -10.76
CA GLU A 11 3.26 -3.99 -11.91
C GLU A 11 4.48 -4.81 -11.52
N PRO A 12 4.78 -5.88 -12.22
CA PRO A 12 5.95 -6.73 -11.90
C PRO A 12 7.27 -5.93 -11.95
N PRO A 13 7.97 -5.78 -10.84
CA PRO A 13 9.26 -5.06 -10.80
C PRO A 13 10.44 -5.98 -11.05
N ALA A 14 11.65 -5.48 -10.81
CA ALA A 14 12.85 -6.28 -11.01
C ALA A 14 13.82 -6.12 -9.85
N ALA A 15 13.89 -4.91 -9.31
CA ALA A 15 14.78 -4.63 -8.19
C ALA A 15 16.26 -4.74 -8.59
N PHE A 16 16.52 -4.92 -9.89
CA PHE A 16 17.89 -5.02 -10.38
C PHE A 16 18.03 -4.29 -11.71
N ALA A 17 17.23 -4.72 -12.69
CA ALA A 17 17.26 -4.10 -14.01
C ALA A 17 15.98 -3.31 -14.24
N ASP A 18 15.72 -2.36 -13.35
CA ASP A 18 14.52 -1.54 -13.45
C ASP A 18 14.70 -0.23 -12.69
N ASP A 19 13.66 0.59 -12.68
CA ASP A 19 13.71 1.87 -12.00
C ASP A 19 13.44 1.71 -10.50
N GLN A 20 13.22 0.47 -10.06
CA GLN A 20 12.94 0.20 -8.65
C GLN A 20 13.86 0.99 -7.70
N PRO A 21 15.16 0.90 -7.84
CA PRO A 21 16.12 1.63 -6.94
C PRO A 21 16.12 3.14 -7.16
N GLN A 22 15.66 3.59 -8.32
CA GLN A 22 15.64 5.02 -8.62
C GLN A 22 14.24 5.61 -8.45
N GLY A 23 14.17 6.87 -8.03
CA GLY A 23 12.89 7.52 -7.84
C GLY A 23 12.81 8.23 -6.49
N HIS A 24 11.92 7.74 -5.63
CA HIS A 24 11.75 8.32 -4.31
C HIS A 24 11.34 9.79 -4.44
N ASN A 25 10.56 10.08 -5.48
CA ASN A 25 10.11 11.44 -5.72
C ASN A 25 8.62 11.60 -5.43
N ILE A 26 7.90 10.48 -5.32
CA ILE A 26 6.46 10.57 -5.06
C ILE A 26 6.13 10.33 -3.60
N ASP A 27 5.50 11.32 -2.98
CA ASP A 27 5.10 11.20 -1.59
C ASP A 27 3.86 10.32 -1.48
N VAL A 28 3.86 9.38 -0.54
CA VAL A 28 2.71 8.49 -0.37
C VAL A 28 2.21 8.53 1.06
N THR A 29 0.90 8.46 1.22
CA THR A 29 0.27 8.50 2.53
C THR A 29 -0.05 7.08 3.00
N VAL A 30 0.38 6.76 4.21
CA VAL A 30 0.14 5.44 4.77
C VAL A 30 -0.75 5.55 6.01
N ALA A 31 -1.84 4.80 6.02
CA ALA A 31 -2.77 4.83 7.15
C ALA A 31 -3.02 3.40 7.63
N LYS A 32 -3.11 3.24 8.95
CA LYS A 32 -3.34 1.92 9.50
C LYS A 32 -4.81 1.76 9.88
N LEU A 33 -5.44 0.76 9.29
CA LEU A 33 -6.84 0.46 9.53
C LEU A 33 -6.99 -0.65 10.55
N HIS A 34 -8.15 -0.69 11.21
CA HIS A 34 -8.41 -1.71 12.20
C HIS A 34 -8.06 -3.09 11.61
N ASN A 35 -7.48 -3.95 12.43
CA ASN A 35 -7.06 -5.26 11.97
C ASN A 35 -8.22 -5.99 11.29
N ILE A 36 -7.98 -6.48 10.08
CA ILE A 36 -9.00 -7.22 9.35
C ILE A 36 -8.46 -8.57 8.91
N ASP A 37 -9.29 -9.59 9.00
CA ASP A 37 -8.86 -10.93 8.62
C ASP A 37 -8.38 -10.92 7.16
N PRO A 38 -7.17 -11.36 6.88
CA PRO A 38 -6.64 -11.40 5.48
C PRO A 38 -7.39 -12.45 4.65
N GLU A 39 -8.11 -13.33 5.34
CA GLU A 39 -8.86 -14.39 4.69
C GLU A 39 -9.95 -13.79 3.81
N ASP A 40 -10.50 -12.66 4.24
CA ASP A 40 -11.56 -12.00 3.48
C ASP A 40 -10.95 -11.25 2.30
N HIS A 41 -10.46 -12.00 1.32
CA HIS A 41 -9.82 -11.41 0.14
C HIS A 41 -10.76 -10.48 -0.62
N GLU A 42 -11.99 -10.91 -0.87
CA GLU A 42 -12.94 -10.09 -1.59
C GLU A 42 -13.03 -8.71 -0.93
N ARG A 43 -12.87 -8.69 0.38
CA ARG A 43 -12.91 -7.43 1.12
C ARG A 43 -11.64 -6.61 0.85
N ILE A 44 -10.50 -7.29 0.78
CA ILE A 44 -9.24 -6.59 0.56
C ILE A 44 -9.21 -5.99 -0.84
N ARG A 45 -9.54 -6.81 -1.82
CA ARG A 45 -9.55 -6.37 -3.22
C ARG A 45 -10.58 -5.26 -3.42
N ALA A 46 -11.68 -5.33 -2.68
CA ALA A 46 -12.72 -4.32 -2.78
C ALA A 46 -12.14 -2.97 -2.38
N LEU A 47 -11.32 -2.99 -1.34
CA LEU A 47 -10.68 -1.77 -0.85
C LEU A 47 -9.43 -1.46 -1.65
N GLN A 48 -8.92 -2.44 -2.40
CA GLN A 48 -7.74 -2.21 -3.22
C GLN A 48 -8.08 -1.21 -4.32
N ARG A 49 -9.29 -1.33 -4.84
CA ARG A 49 -9.74 -0.45 -5.92
C ARG A 49 -10.46 0.79 -5.40
N ASN A 50 -11.33 0.60 -4.43
CA ASN A 50 -12.09 1.72 -3.86
C ASN A 50 -11.29 2.46 -2.81
N GLY A 51 -10.39 1.75 -2.15
CA GLY A 51 -9.57 2.35 -1.10
C GLY A 51 -10.25 2.22 0.26
N VAL A 52 -9.50 2.35 1.34
CA VAL A 52 -10.09 2.23 2.67
C VAL A 52 -10.94 3.46 2.99
N PRO A 53 -12.15 3.30 3.51
CA PRO A 53 -13.01 4.46 3.86
C PRO A 53 -12.49 5.19 5.09
N SER A 54 -12.67 6.50 5.12
CA SER A 54 -12.21 7.28 6.26
C SER A 54 -13.08 6.98 7.49
N THR A 55 -14.23 6.32 7.27
CA THR A 55 -15.11 5.97 8.37
C THR A 55 -14.45 4.90 9.25
N ILE A 56 -13.51 4.17 8.67
CA ILE A 56 -12.78 3.14 9.40
C ILE A 56 -11.83 3.78 10.40
N SER A 57 -11.68 3.16 11.57
CA SER A 57 -10.79 3.71 12.58
C SER A 57 -9.37 3.70 12.06
N GLU A 58 -8.65 4.78 12.32
CA GLU A 58 -7.28 4.89 11.85
C GLU A 58 -6.31 5.18 13.00
N GLU A 59 -5.05 4.84 12.78
CA GLU A 59 -4.01 5.09 13.77
C GLU A 59 -3.16 6.27 13.33
N GLN A 60 -2.07 6.54 14.03
CA GLN A 60 -1.21 7.65 13.65
C GLN A 60 -0.76 7.46 12.19
N PRO A 61 -0.84 8.48 11.36
CA PRO A 61 -0.44 8.36 9.93
C PRO A 61 1.07 8.25 9.73
N HIS A 62 1.46 7.59 8.65
CA HIS A 62 2.87 7.42 8.32
C HIS A 62 3.14 7.95 6.91
N THR A 63 4.38 8.30 6.65
CA THR A 63 4.75 8.84 5.35
C THR A 63 5.87 8.04 4.70
N ALA A 64 5.92 8.08 3.38
CA ALA A 64 6.94 7.35 2.63
C ALA A 64 7.06 7.90 1.21
N ARG A 65 8.01 7.38 0.45
CA ARG A 65 8.19 7.82 -0.93
C ARG A 65 8.19 6.62 -1.87
N THR A 66 7.75 6.83 -3.11
CA THR A 66 7.68 5.74 -4.07
C THR A 66 8.55 6.04 -5.30
N ASP A 67 8.86 4.97 -6.06
CA ASP A 67 9.71 5.08 -7.24
C ASP A 67 8.92 5.52 -8.49
N ALA A 68 9.64 5.64 -9.60
CA ALA A 68 9.02 6.05 -10.86
C ALA A 68 7.95 5.05 -11.25
N THR A 69 8.21 3.77 -10.99
CA THR A 69 7.25 2.73 -11.29
C THR A 69 6.21 2.70 -10.17
N GLY A 70 5.14 1.95 -10.36
CA GLY A 70 4.10 1.88 -9.34
C GLY A 70 4.53 0.97 -8.20
N THR A 71 5.69 1.25 -7.61
CA THR A 71 6.19 0.44 -6.52
C THR A 71 6.49 1.30 -5.29
N ALA A 72 6.35 0.71 -4.12
CA ALA A 72 6.61 1.43 -2.88
C ALA A 72 7.13 0.48 -1.81
N THR A 73 8.03 0.97 -0.97
CA THR A 73 8.60 0.14 0.09
C THR A 73 8.37 0.76 1.47
N ILE A 74 7.74 -0.01 2.36
CA ILE A 74 7.48 0.45 3.71
C ILE A 74 7.79 -0.68 4.70
N THR A 75 8.49 -0.36 5.79
CA THR A 75 8.84 -1.40 6.75
C THR A 75 8.73 -0.92 8.19
N ASN A 76 9.00 -1.83 9.12
CA ASN A 76 8.95 -1.52 10.54
C ASN A 76 7.57 -1.04 10.98
N LEU A 77 6.52 -1.78 10.58
CA LEU A 77 5.16 -1.41 10.97
C LEU A 77 4.47 -2.55 11.72
N PRO A 78 3.53 -2.25 12.58
CA PRO A 78 2.76 -3.27 13.36
C PRO A 78 1.74 -4.01 12.50
N PRO A 79 1.20 -5.10 13.00
CA PRO A 79 0.19 -5.92 12.26
C PRO A 79 -1.13 -5.16 12.06
N GLY A 80 -1.78 -5.42 10.93
CA GLY A 80 -3.04 -4.78 10.61
C GLY A 80 -3.16 -4.52 9.12
N THR A 81 -4.23 -3.84 8.72
CA THR A 81 -4.44 -3.53 7.32
C THR A 81 -3.91 -2.13 7.01
N TYR A 82 -3.14 -2.01 5.94
CA TYR A 82 -2.56 -0.71 5.58
C TYR A 82 -3.07 -0.20 4.25
N VAL A 83 -3.15 1.13 4.13
CA VAL A 83 -3.60 1.78 2.91
C VAL A 83 -2.47 2.60 2.33
N ILE A 84 -2.32 2.57 1.02
CA ILE A 84 -1.26 3.31 0.35
C ILE A 84 -1.82 4.16 -0.79
N ARG A 85 -1.63 5.47 -0.71
CA ARG A 85 -2.14 6.36 -1.75
C ARG A 85 -1.07 7.40 -2.12
N ASP A 86 -0.94 7.67 -3.41
CA ASP A 86 0.05 8.64 -3.87
C ASP A 86 -0.38 10.06 -3.54
N THR A 87 0.31 10.66 -2.58
CA THR A 87 0.05 12.02 -2.16
C THR A 87 0.39 12.99 -3.29
N ASN A 88 1.50 12.72 -3.98
CA ASN A 88 1.94 13.59 -5.07
C ASN A 88 0.87 13.65 -6.16
N THR A 89 0.51 14.86 -6.57
CA THR A 89 -0.51 15.04 -7.59
C THR A 89 0.10 15.31 -8.97
N THR A 90 1.38 15.66 -8.99
CA THR A 90 2.03 15.97 -10.26
C THR A 90 2.01 14.75 -11.18
N LYS A 91 2.38 13.60 -10.64
CA LYS A 91 2.39 12.36 -11.43
C LYS A 91 1.94 11.18 -10.57
N PRO A 92 0.64 10.92 -10.46
CA PRO A 92 0.16 9.78 -9.65
C PRO A 92 0.72 8.45 -10.16
N ARG A 93 1.54 7.83 -9.34
CA ARG A 93 2.16 6.57 -9.67
C ARG A 93 1.15 5.44 -9.61
N PHE A 94 0.22 5.54 -8.67
CA PHE A 94 -0.77 4.49 -8.49
C PHE A 94 -2.02 4.96 -7.74
N SER A 95 -3.04 4.12 -7.78
CA SER A 95 -4.31 4.38 -7.11
C SER A 95 -4.23 3.78 -5.71
N PRO A 96 -5.11 4.15 -4.81
CA PRO A 96 -5.08 3.63 -3.41
C PRO A 96 -4.97 2.10 -3.38
N LEU A 97 -4.09 1.58 -2.52
CA LEU A 97 -3.88 0.13 -2.40
C LEU A 97 -4.12 -0.32 -0.96
N VAL A 98 -4.69 -1.51 -0.80
CA VAL A 98 -4.96 -2.03 0.54
C VAL A 98 -4.47 -3.47 0.69
N ILE A 99 -3.70 -3.73 1.74
CA ILE A 99 -3.18 -5.07 1.99
C ILE A 99 -3.16 -5.39 3.51
N PRO A 100 -3.53 -6.59 3.91
CA PRO A 100 -3.53 -7.00 5.34
C PRO A 100 -2.16 -7.46 5.82
N LEU A 101 -1.93 -7.40 7.15
CA LEU A 101 -0.65 -7.83 7.69
C LEU A 101 -0.84 -8.58 9.02
N GLY A 102 -0.83 -9.91 8.95
CA GLY A 102 -0.96 -10.78 10.13
C GLY A 102 -1.77 -10.14 11.25
N ILE A 103 -3.07 -10.43 11.31
CA ILE A 103 -3.91 -9.87 12.37
C ILE A 103 -3.67 -10.59 13.70
N ASP A 104 -2.46 -10.45 14.24
CA ASP A 104 -2.11 -11.08 15.49
C ASP A 104 -0.96 -10.34 16.17
N THR A 105 -0.73 -10.65 17.44
CA THR A 105 0.34 -9.99 18.19
C THR A 105 1.65 -9.99 17.40
N THR A 106 1.83 -11.01 16.57
CA THR A 106 3.05 -11.10 15.76
C THR A 106 2.95 -10.21 14.53
N SER A 107 4.09 -9.94 13.91
CA SER A 107 4.11 -9.09 12.72
C SER A 107 4.84 -9.80 11.57
N PRO A 108 4.12 -10.45 10.69
CA PRO A 108 4.73 -11.18 9.53
C PRO A 108 5.15 -10.24 8.40
N THR A 109 5.87 -10.80 7.43
CA THR A 109 6.33 -10.04 6.28
C THR A 109 5.41 -10.30 5.08
N MET A 110 4.98 -9.24 4.42
CA MET A 110 4.08 -9.39 3.28
C MET A 110 4.64 -8.71 2.04
N THR A 111 4.91 -9.52 1.02
CA THR A 111 5.42 -8.99 -0.23
C THR A 111 4.45 -9.35 -1.35
N LEU A 112 3.83 -8.36 -1.94
CA LEU A 112 2.86 -8.60 -3.01
C LEU A 112 2.98 -7.59 -4.14
N ARG A 113 2.40 -7.95 -5.28
CA ARG A 113 2.39 -7.09 -6.44
C ARG A 113 0.95 -6.97 -6.94
N PRO A 114 0.13 -6.23 -6.25
CA PRO A 114 -1.32 -6.06 -6.60
C PRO A 114 -1.56 -5.65 -8.04
N LYS A 115 -2.57 -6.26 -8.65
CA LYS A 115 -2.94 -5.94 -10.02
C LYS A 115 -4.42 -5.61 -10.09
N LEU A 116 -4.72 -4.32 -10.17
CA LEU A 116 -6.11 -3.86 -10.22
C LEU A 116 -6.31 -2.93 -11.40
N ILE A 117 -7.55 -2.86 -11.90
CA ILE A 117 -7.83 -1.97 -13.01
C ILE A 117 -7.62 -0.53 -12.55
N ASP A 118 -6.68 0.15 -13.18
CA ASP A 118 -6.38 1.54 -12.82
C ASP A 118 -7.60 2.42 -13.00
N ALA A 119 -7.77 3.36 -12.06
CA ALA A 119 -8.89 4.28 -12.11
C ALA A 119 -8.46 5.63 -12.69
N THR A 120 -9.32 6.23 -13.50
CA THR A 120 -9.00 7.51 -14.11
C THR A 120 -8.73 8.60 -13.06
N PRO A 121 -9.60 8.84 -12.13
CA PRO A 121 -9.37 9.88 -11.08
C PRO A 121 -8.20 9.52 -10.16
N GLY A 122 -8.02 8.23 -9.95
CA GLY A 122 -6.92 7.74 -9.10
C GLY A 122 -7.12 8.07 -7.62
N ALA A 123 -6.10 8.65 -7.00
CA ALA A 123 -6.16 8.98 -5.57
C ALA A 123 -7.45 9.71 -5.19
N PRO A 124 -7.78 10.82 -5.82
CA PRO A 124 -9.03 11.57 -5.49
C PRO A 124 -10.30 10.73 -5.71
N ASN A 125 -10.22 9.77 -6.63
CA ASN A 125 -11.38 8.90 -6.91
C ASN A 125 -12.61 9.74 -7.30
N VAL A 126 -13.43 10.10 -6.32
CA VAL A 126 -14.64 10.88 -6.59
C VAL A 126 -15.61 10.09 -7.46
N GLN A 1 8.28 -6.78 18.56
CA GLN A 1 9.46 -7.63 18.88
C GLN A 1 10.13 -8.08 17.58
N GLU A 2 9.44 -8.92 16.82
CA GLU A 2 9.98 -9.41 15.56
C GLU A 2 10.01 -8.30 14.52
N ALA A 3 11.05 -8.31 13.68
CA ALA A 3 11.19 -7.31 12.64
C ALA A 3 10.02 -7.40 11.65
N ASN A 4 9.61 -6.26 11.12
CA ASN A 4 8.50 -6.23 10.18
C ASN A 4 8.85 -5.46 8.91
N THR A 5 8.35 -5.93 7.77
CA THR A 5 8.61 -5.27 6.50
C THR A 5 7.38 -5.33 5.61
N LEU A 6 7.05 -4.21 4.98
CA LEU A 6 5.89 -4.14 4.11
C LEU A 6 6.31 -3.62 2.74
N VAL A 7 6.25 -4.48 1.73
CA VAL A 7 6.64 -4.10 0.37
C VAL A 7 5.46 -4.27 -0.59
N ILE A 8 5.13 -3.20 -1.30
CA ILE A 8 4.04 -3.24 -2.26
C ILE A 8 4.57 -2.94 -3.65
N ASP A 9 4.49 -3.92 -4.56
CA ASP A 9 5.00 -3.71 -5.91
C ASP A 9 3.92 -4.03 -6.96
N LEU A 10 3.42 -2.99 -7.61
CA LEU A 10 2.39 -3.18 -8.64
C LEU A 10 2.90 -4.10 -9.73
N GLU A 11 4.21 -4.06 -9.97
CA GLU A 11 4.82 -4.91 -10.99
C GLU A 11 6.03 -5.61 -10.40
N PRO A 12 6.47 -6.69 -11.00
CA PRO A 12 7.64 -7.44 -10.48
C PRO A 12 8.82 -6.48 -10.24
N PRO A 13 9.42 -6.50 -9.07
CA PRO A 13 10.55 -5.60 -8.75
C PRO A 13 11.90 -6.20 -9.11
N ALA A 14 12.12 -6.38 -10.40
CA ALA A 14 13.38 -6.94 -10.89
C ALA A 14 14.11 -5.93 -11.77
N ALA A 15 13.78 -5.91 -13.06
CA ALA A 15 14.42 -4.98 -13.98
C ALA A 15 13.83 -5.09 -15.38
N PHE A 16 13.95 -4.02 -16.16
CA PHE A 16 13.44 -4.00 -17.52
C PHE A 16 13.93 -2.75 -18.23
N ALA A 17 13.30 -1.62 -17.92
CA ALA A 17 13.67 -0.35 -18.52
C ALA A 17 14.55 0.44 -17.55
N ASP A 18 15.22 -0.28 -16.65
CA ASP A 18 16.09 0.35 -15.66
C ASP A 18 15.30 1.32 -14.79
N ASP A 19 13.99 1.09 -14.69
CA ASP A 19 13.13 1.95 -13.88
C ASP A 19 12.75 1.25 -12.58
N GLN A 20 12.74 -0.09 -12.62
CA GLN A 20 12.40 -0.88 -11.44
C GLN A 20 13.36 -0.61 -10.27
N PRO A 21 14.65 -0.75 -10.46
CA PRO A 21 15.64 -0.50 -9.37
C PRO A 21 15.73 0.98 -8.98
N GLN A 22 15.35 1.87 -9.90
CA GLN A 22 15.39 3.30 -9.63
C GLN A 22 14.23 3.72 -8.73
N GLY A 23 14.49 4.66 -7.84
CA GLY A 23 13.46 5.12 -6.91
C GLY A 23 12.85 6.45 -7.36
N HIS A 24 12.01 7.02 -6.49
CA HIS A 24 11.36 8.29 -6.81
C HIS A 24 11.01 9.05 -5.52
N ASN A 25 10.11 10.03 -5.63
CA ASN A 25 9.72 10.83 -4.47
C ASN A 25 8.20 10.86 -4.29
N ILE A 26 7.51 9.83 -4.78
CA ILE A 26 6.04 9.83 -4.65
C ILE A 26 5.64 9.70 -3.19
N ASP A 27 5.01 10.75 -2.69
CA ASP A 27 4.55 10.76 -1.31
C ASP A 27 3.34 9.83 -1.15
N VAL A 28 3.37 8.96 -0.15
CA VAL A 28 2.27 8.03 0.08
C VAL A 28 1.79 8.07 1.52
N THR A 29 0.48 7.87 1.72
CA THR A 29 -0.10 7.88 3.05
C THR A 29 -0.47 6.48 3.49
N VAL A 30 -0.05 6.11 4.70
CA VAL A 30 -0.35 4.80 5.24
C VAL A 30 -1.27 4.95 6.45
N ALA A 31 -2.37 4.23 6.45
CA ALA A 31 -3.32 4.31 7.55
C ALA A 31 -3.73 2.90 7.98
N LYS A 32 -3.63 2.65 9.27
CA LYS A 32 -3.99 1.34 9.81
C LYS A 32 -5.50 1.20 9.89
N LEU A 33 -5.99 0.02 9.55
CA LEU A 33 -7.43 -0.25 9.55
C LEU A 33 -7.76 -1.36 10.52
N HIS A 34 -9.01 -1.40 10.99
CA HIS A 34 -9.43 -2.44 11.91
C HIS A 34 -8.96 -3.80 11.40
N ASN A 35 -8.28 -4.54 12.27
CA ASN A 35 -7.73 -5.83 11.89
C ASN A 35 -8.75 -6.74 11.21
N ILE A 36 -8.39 -7.20 10.02
CA ILE A 36 -9.25 -8.11 9.25
C ILE A 36 -8.41 -9.23 8.67
N ASP A 37 -8.95 -10.45 8.68
CA ASP A 37 -8.20 -11.59 8.17
C ASP A 37 -7.79 -11.38 6.71
N PRO A 38 -6.63 -11.86 6.32
CA PRO A 38 -6.12 -11.71 4.92
C PRO A 38 -6.78 -12.71 3.97
N GLU A 39 -7.48 -13.68 4.56
CA GLU A 39 -8.14 -14.71 3.77
C GLU A 39 -9.26 -14.12 2.92
N ASP A 40 -9.79 -12.98 3.35
CA ASP A 40 -10.87 -12.32 2.63
C ASP A 40 -10.32 -11.55 1.43
N HIS A 41 -9.96 -12.28 0.37
CA HIS A 41 -9.42 -11.66 -0.82
C HIS A 41 -10.45 -10.74 -1.48
N GLU A 42 -11.70 -11.18 -1.51
CA GLU A 42 -12.78 -10.39 -2.11
C GLU A 42 -12.95 -9.07 -1.36
N ARG A 43 -12.94 -9.13 -0.04
CA ARG A 43 -13.10 -7.93 0.76
C ARG A 43 -11.96 -6.95 0.53
N ILE A 44 -10.73 -7.48 0.56
CA ILE A 44 -9.56 -6.65 0.38
C ILE A 44 -9.50 -6.03 -1.01
N ARG A 45 -9.67 -6.86 -2.03
CA ARG A 45 -9.61 -6.38 -3.41
C ARG A 45 -10.72 -5.37 -3.67
N ALA A 46 -11.85 -5.54 -2.99
CA ALA A 46 -12.95 -4.61 -3.15
C ALA A 46 -12.49 -3.22 -2.75
N LEU A 47 -11.73 -3.17 -1.66
CA LEU A 47 -11.22 -1.90 -1.16
C LEU A 47 -9.92 -1.51 -1.88
N GLN A 48 -9.29 -2.46 -2.58
CA GLN A 48 -8.08 -2.15 -3.32
C GLN A 48 -8.42 -1.17 -4.43
N ARG A 49 -9.58 -1.37 -5.04
CA ARG A 49 -10.02 -0.51 -6.13
C ARG A 49 -10.91 0.63 -5.64
N ASN A 50 -11.73 0.38 -4.63
CA ASN A 50 -12.63 1.41 -4.11
C ASN A 50 -11.93 2.33 -3.11
N GLY A 51 -11.00 1.77 -2.35
CA GLY A 51 -10.27 2.56 -1.35
C GLY A 51 -10.96 2.46 0.00
N VAL A 52 -10.24 2.80 1.07
CA VAL A 52 -10.83 2.69 2.41
C VAL A 52 -11.19 4.08 2.99
N PRO A 53 -12.47 4.37 3.18
CA PRO A 53 -12.91 5.67 3.77
C PRO A 53 -12.32 5.91 5.16
N SER A 54 -12.03 7.17 5.46
CA SER A 54 -11.48 7.54 6.76
C SER A 54 -12.44 7.18 7.89
N THR A 55 -13.69 6.83 7.55
CA THR A 55 -14.68 6.48 8.56
C THR A 55 -14.26 5.22 9.33
N ILE A 56 -13.46 4.38 8.68
CA ILE A 56 -12.99 3.15 9.32
C ILE A 56 -12.10 3.49 10.51
N SER A 57 -12.20 2.70 11.57
CA SER A 57 -11.40 2.95 12.76
C SER A 57 -9.93 2.82 12.42
N GLU A 58 -9.23 3.94 12.35
CA GLU A 58 -7.82 3.94 12.02
C GLU A 58 -6.99 4.64 13.08
N GLU A 59 -5.67 4.49 12.98
CA GLU A 59 -4.75 5.12 13.91
C GLU A 59 -4.15 6.36 13.24
N GLN A 60 -3.15 6.97 13.88
CA GLN A 60 -2.53 8.15 13.29
C GLN A 60 -1.91 7.79 11.93
N PRO A 61 -1.90 8.70 10.99
CA PRO A 61 -1.33 8.44 9.63
C PRO A 61 0.20 8.42 9.60
N HIS A 62 0.74 7.68 8.64
CA HIS A 62 2.18 7.60 8.46
C HIS A 62 2.54 8.00 7.04
N THR A 63 3.75 8.50 6.85
CA THR A 63 4.18 8.96 5.52
C THR A 63 5.41 8.20 5.04
N ALA A 64 5.52 8.08 3.72
CA ALA A 64 6.64 7.38 3.10
C ALA A 64 6.74 7.78 1.62
N ARG A 65 7.81 7.36 0.96
CA ARG A 65 7.99 7.68 -0.46
C ARG A 65 8.02 6.39 -1.29
N THR A 66 7.56 6.48 -2.54
CA THR A 66 7.55 5.31 -3.40
C THR A 66 8.29 5.58 -4.71
N ASP A 67 8.58 4.50 -5.44
CA ASP A 67 9.32 4.59 -6.69
C ASP A 67 8.37 4.92 -7.85
N ALA A 68 8.96 5.16 -9.02
CA ALA A 68 8.18 5.50 -10.21
C ALA A 68 7.73 4.23 -10.94
N THR A 69 7.81 3.08 -10.28
CA THR A 69 7.41 1.83 -10.91
C THR A 69 6.28 1.14 -10.14
N GLY A 70 5.55 1.90 -9.32
CA GLY A 70 4.45 1.33 -8.56
C GLY A 70 4.96 0.49 -7.39
N THR A 71 6.22 0.71 -7.00
CA THR A 71 6.80 -0.04 -5.90
C THR A 71 7.08 0.87 -4.71
N ALA A 72 7.09 0.29 -3.52
CA ALA A 72 7.35 1.08 -2.31
C ALA A 72 7.79 0.17 -1.16
N THR A 73 8.64 0.71 -0.29
CA THR A 73 9.12 -0.04 0.87
C THR A 73 8.83 0.71 2.16
N ILE A 74 8.10 0.07 3.07
CA ILE A 74 7.77 0.69 4.34
C ILE A 74 7.95 -0.31 5.48
N THR A 75 8.50 0.16 6.60
CA THR A 75 8.73 -0.72 7.73
C THR A 75 8.27 -0.09 9.03
N ASN A 76 8.48 -0.81 10.14
CA ASN A 76 8.08 -0.32 11.45
C ASN A 76 6.58 -0.07 11.55
N LEU A 77 5.79 -1.02 11.05
CA LEU A 77 4.32 -0.89 11.10
C LEU A 77 3.72 -2.07 11.86
N PRO A 78 2.60 -1.88 12.54
CA PRO A 78 1.93 -2.96 13.32
C PRO A 78 1.14 -3.91 12.43
N PRO A 79 0.79 -5.06 12.94
CA PRO A 79 0.00 -6.08 12.17
C PRO A 79 -1.43 -5.60 11.93
N GLY A 80 -1.98 -5.96 10.78
CA GLY A 80 -3.33 -5.58 10.44
C GLY A 80 -3.42 -5.19 8.97
N THR A 81 -4.55 -4.61 8.60
CA THR A 81 -4.77 -4.18 7.23
C THR A 81 -4.68 -2.67 7.14
N TYR A 82 -3.98 -2.18 6.13
CA TYR A 82 -3.82 -0.74 5.97
C TYR A 82 -4.03 -0.29 4.54
N VAL A 83 -4.29 1.01 4.38
CA VAL A 83 -4.53 1.58 3.06
C VAL A 83 -3.35 2.44 2.62
N ILE A 84 -3.14 2.49 1.31
CA ILE A 84 -2.04 3.26 0.74
C ILE A 84 -2.56 4.15 -0.39
N ARG A 85 -2.35 5.46 -0.27
CA ARG A 85 -2.82 6.39 -1.29
C ARG A 85 -1.73 7.38 -1.69
N ASP A 86 -1.64 7.67 -3.00
CA ASP A 86 -0.65 8.61 -3.50
C ASP A 86 -0.90 10.02 -2.97
N THR A 87 -0.16 10.39 -1.96
CA THR A 87 -0.28 11.71 -1.36
C THR A 87 0.09 12.80 -2.35
N ASN A 88 1.19 12.60 -3.08
CA ASN A 88 1.64 13.59 -4.04
C ASN A 88 0.70 13.64 -5.24
N THR A 89 0.43 14.84 -5.75
CA THR A 89 -0.44 14.99 -6.89
C THR A 89 0.34 15.26 -8.18
N THR A 90 1.62 15.59 -8.06
CA THR A 90 2.42 15.90 -9.24
C THR A 90 2.51 14.68 -10.15
N LYS A 91 2.86 13.54 -9.56
CA LYS A 91 2.98 12.30 -10.33
C LYS A 91 2.37 11.13 -9.59
N PRO A 92 1.06 11.00 -9.57
CA PRO A 92 0.40 9.87 -8.87
C PRO A 92 0.85 8.55 -9.45
N ARG A 93 1.50 7.75 -8.62
CA ARG A 93 2.01 6.46 -9.05
C ARG A 93 0.95 5.38 -8.95
N PHE A 94 0.01 5.56 -8.03
CA PHE A 94 -1.03 4.57 -7.85
C PHE A 94 -2.25 5.14 -7.13
N SER A 95 -3.39 4.45 -7.25
CA SER A 95 -4.62 4.86 -6.61
C SER A 95 -4.69 4.17 -5.24
N PRO A 96 -5.67 4.46 -4.41
CA PRO A 96 -5.77 3.82 -3.06
C PRO A 96 -5.68 2.29 -3.16
N LEU A 97 -4.86 1.69 -2.29
CA LEU A 97 -4.69 0.23 -2.28
C LEU A 97 -4.82 -0.32 -0.85
N VAL A 98 -5.27 -1.58 -0.75
CA VAL A 98 -5.43 -2.21 0.55
C VAL A 98 -4.73 -3.56 0.62
N ILE A 99 -3.95 -3.76 1.68
CA ILE A 99 -3.24 -5.03 1.88
C ILE A 99 -3.20 -5.41 3.38
N PRO A 100 -3.23 -6.67 3.70
CA PRO A 100 -3.18 -7.18 5.11
C PRO A 100 -1.76 -7.50 5.55
N LEU A 101 -1.53 -7.54 6.87
CA LEU A 101 -0.20 -7.86 7.41
C LEU A 101 -0.33 -8.67 8.68
N GLY A 102 -0.19 -9.99 8.56
CA GLY A 102 -0.26 -10.92 9.70
C GLY A 102 -1.21 -10.43 10.79
N ILE A 103 -2.46 -10.84 10.75
CA ILE A 103 -3.42 -10.40 11.76
C ILE A 103 -3.16 -11.14 13.07
N ASP A 104 -2.20 -10.63 13.84
CA ASP A 104 -1.85 -11.23 15.12
C ASP A 104 -1.14 -10.21 16.02
N THR A 105 -0.72 -10.66 17.20
CA THR A 105 -0.03 -9.79 18.15
C THR A 105 1.34 -9.37 17.67
N THR A 106 1.98 -10.22 16.87
CA THR A 106 3.32 -9.92 16.34
C THR A 106 3.20 -9.23 14.99
N SER A 107 4.33 -8.75 14.47
CA SER A 107 4.32 -8.07 13.18
C SER A 107 5.25 -8.77 12.18
N PRO A 108 4.73 -9.68 11.38
CA PRO A 108 5.53 -10.40 10.35
C PRO A 108 5.71 -9.57 9.08
N THR A 109 6.63 -9.99 8.23
CA THR A 109 6.88 -9.28 6.98
C THR A 109 5.94 -9.81 5.89
N MET A 110 5.51 -8.94 4.99
CA MET A 110 4.62 -9.36 3.91
C MET A 110 4.89 -8.56 2.66
N THR A 111 5.03 -9.27 1.55
CA THR A 111 5.25 -8.62 0.26
C THR A 111 4.25 -9.16 -0.75
N LEU A 112 3.57 -8.23 -1.42
CA LEU A 112 2.56 -8.63 -2.40
C LEU A 112 2.64 -7.74 -3.64
N ARG A 113 2.05 -8.21 -4.73
CA ARG A 113 2.03 -7.46 -5.97
C ARG A 113 0.61 -7.34 -6.48
N PRO A 114 -0.18 -6.50 -5.87
CA PRO A 114 -1.62 -6.30 -6.24
C PRO A 114 -1.81 -6.00 -7.72
N LYS A 115 -2.83 -6.63 -8.30
CA LYS A 115 -3.15 -6.41 -9.71
C LYS A 115 -4.42 -5.57 -9.80
N LEU A 116 -4.24 -4.28 -10.00
CA LEU A 116 -5.36 -3.36 -10.09
C LEU A 116 -5.41 -2.72 -11.47
N ILE A 117 -6.56 -2.81 -12.12
CA ILE A 117 -6.71 -2.20 -13.45
C ILE A 117 -6.79 -0.70 -13.30
N ASP A 118 -5.97 0.01 -14.07
CA ASP A 118 -5.93 1.47 -14.02
C ASP A 118 -7.35 2.04 -14.05
N ALA A 119 -7.68 2.81 -13.03
CA ALA A 119 -9.01 3.40 -12.92
C ALA A 119 -8.93 4.91 -12.96
N THR A 120 -8.27 5.48 -11.97
CA THR A 120 -8.13 6.93 -11.87
C THR A 120 -6.78 7.27 -11.25
N PRO A 121 -6.33 8.49 -11.38
CA PRO A 121 -5.02 8.91 -10.80
C PRO A 121 -4.89 8.52 -9.34
N GLY A 122 -6.01 8.58 -8.61
CA GLY A 122 -6.00 8.21 -7.20
C GLY A 122 -6.51 9.37 -6.34
N ALA A 123 -5.66 9.83 -5.44
CA ALA A 123 -6.02 10.93 -4.55
C ALA A 123 -6.59 12.13 -5.32
N PRO A 124 -5.95 12.59 -6.37
CA PRO A 124 -6.46 13.73 -7.18
C PRO A 124 -7.91 13.53 -7.62
N ASN A 125 -8.28 12.27 -7.86
CA ASN A 125 -9.64 11.95 -8.29
C ASN A 125 -9.97 12.63 -9.61
N VAL A 126 -10.50 13.86 -9.54
CA VAL A 126 -10.85 14.59 -10.75
C VAL A 126 -9.89 15.76 -10.96
N GLN A 1 16.76 -5.77 10.58
CA GLN A 1 16.30 -6.97 9.80
C GLN A 1 15.21 -7.69 10.58
N GLU A 2 15.29 -7.62 11.91
CA GLU A 2 14.30 -8.27 12.75
C GLU A 2 12.91 -7.68 12.52
N ALA A 3 12.86 -6.37 12.34
CA ALA A 3 11.59 -5.68 12.09
C ALA A 3 10.99 -6.13 10.77
N ASN A 4 9.67 -6.20 10.71
CA ASN A 4 8.99 -6.62 9.49
C ASN A 4 9.09 -5.53 8.41
N THR A 5 8.88 -5.92 7.17
CA THR A 5 8.96 -4.98 6.06
C THR A 5 7.72 -5.06 5.18
N LEU A 6 7.16 -3.91 4.85
CA LEU A 6 5.97 -3.85 4.00
C LEU A 6 6.38 -3.47 2.58
N VAL A 7 6.15 -4.38 1.63
CA VAL A 7 6.50 -4.11 0.24
C VAL A 7 5.26 -4.20 -0.64
N ILE A 8 4.95 -3.09 -1.33
CA ILE A 8 3.79 -3.06 -2.20
C ILE A 8 4.17 -2.71 -3.62
N ASP A 9 3.82 -3.58 -4.57
CA ASP A 9 4.13 -3.33 -5.97
C ASP A 9 2.84 -3.24 -6.78
N LEU A 10 2.60 -2.08 -7.38
CA LEU A 10 1.39 -1.88 -8.18
C LEU A 10 1.35 -2.82 -9.37
N GLU A 11 2.51 -3.03 -9.99
CA GLU A 11 2.62 -3.90 -11.16
C GLU A 11 3.86 -4.75 -11.07
N PRO A 12 3.93 -5.83 -11.81
CA PRO A 12 5.12 -6.72 -11.77
C PRO A 12 6.43 -5.93 -11.91
N PRO A 13 7.31 -5.97 -10.93
CA PRO A 13 8.60 -5.24 -10.98
C PRO A 13 9.67 -6.03 -11.71
N ALA A 14 10.89 -5.52 -11.66
CA ALA A 14 12.02 -6.18 -12.33
C ALA A 14 11.67 -6.51 -13.78
N ALA A 15 11.11 -5.54 -14.48
CA ALA A 15 10.74 -5.74 -15.88
C ALA A 15 11.95 -6.06 -16.75
N PHE A 16 13.06 -5.38 -16.49
CA PHE A 16 14.28 -5.60 -17.27
C PHE A 16 15.49 -5.20 -16.43
N ALA A 17 15.45 -3.98 -15.93
CA ALA A 17 16.53 -3.47 -15.10
C ALA A 17 16.65 -4.32 -13.83
N ASP A 18 15.58 -5.07 -13.53
CA ASP A 18 15.52 -5.92 -12.34
C ASP A 18 15.36 -5.07 -11.10
N ASP A 19 16.37 -4.27 -10.77
CA ASP A 19 16.29 -3.40 -9.62
C ASP A 19 15.31 -2.26 -9.86
N GLN A 20 14.84 -2.15 -11.11
CA GLN A 20 13.89 -1.11 -11.49
C GLN A 20 14.48 0.28 -11.25
N PRO A 21 13.97 1.29 -11.90
CA PRO A 21 14.48 2.68 -11.75
C PRO A 21 14.19 3.25 -10.37
N GLN A 22 14.98 2.81 -9.39
CA GLN A 22 14.80 3.27 -8.01
C GLN A 22 14.63 4.79 -7.95
N GLY A 23 14.00 5.26 -6.89
CA GLY A 23 13.77 6.69 -6.72
C GLY A 23 13.09 6.95 -5.37
N HIS A 24 12.59 8.16 -5.18
CA HIS A 24 11.93 8.51 -3.92
C HIS A 24 11.43 9.95 -3.93
N ASN A 25 10.50 10.26 -4.82
CA ASN A 25 9.97 11.62 -4.89
C ASN A 25 8.44 11.64 -4.75
N ILE A 26 7.84 10.49 -4.41
CA ILE A 26 6.38 10.45 -4.24
C ILE A 26 6.01 10.29 -2.78
N ASP A 27 5.00 11.03 -2.34
CA ASP A 27 4.54 10.93 -0.96
C ASP A 27 3.35 9.98 -0.88
N VAL A 28 3.32 9.15 0.16
CA VAL A 28 2.25 8.18 0.35
C VAL A 28 1.68 8.28 1.75
N THR A 29 0.37 8.07 1.85
CA THR A 29 -0.31 8.14 3.14
C THR A 29 -0.75 6.75 3.60
N VAL A 30 -0.43 6.42 4.85
CA VAL A 30 -0.80 5.14 5.42
C VAL A 30 -1.76 5.33 6.58
N ALA A 31 -2.89 4.64 6.54
CA ALA A 31 -3.88 4.74 7.60
C ALA A 31 -4.28 3.36 8.08
N LYS A 32 -4.14 3.13 9.37
CA LYS A 32 -4.49 1.84 9.94
C LYS A 32 -6.00 1.60 9.82
N LEU A 33 -6.34 0.39 9.41
CA LEU A 33 -7.73 0.01 9.21
C LEU A 33 -8.11 -1.10 10.19
N HIS A 34 -9.40 -1.19 10.50
CA HIS A 34 -9.89 -2.20 11.42
C HIS A 34 -9.33 -3.57 11.00
N ASN A 35 -8.71 -4.26 11.94
CA ASN A 35 -8.09 -5.55 11.66
C ASN A 35 -9.01 -6.47 10.87
N ILE A 36 -8.49 -6.96 9.74
CA ILE A 36 -9.23 -7.87 8.88
C ILE A 36 -8.33 -9.02 8.44
N ASP A 37 -8.85 -10.24 8.43
CA ASP A 37 -8.04 -11.40 8.05
C ASP A 37 -7.62 -11.28 6.58
N PRO A 38 -6.45 -11.79 6.21
CA PRO A 38 -5.97 -11.74 4.80
C PRO A 38 -6.77 -12.68 3.91
N GLU A 39 -7.48 -13.60 4.55
CA GLU A 39 -8.28 -14.59 3.82
C GLU A 39 -9.38 -13.95 2.99
N ASP A 40 -10.00 -12.90 3.53
CA ASP A 40 -11.08 -12.24 2.81
C ASP A 40 -10.54 -11.34 1.70
N HIS A 41 -10.07 -11.96 0.63
CA HIS A 41 -9.52 -11.22 -0.50
C HIS A 41 -10.61 -10.41 -1.20
N GLU A 42 -11.85 -10.89 -1.12
CA GLU A 42 -12.96 -10.20 -1.76
C GLU A 42 -13.17 -8.82 -1.12
N ARG A 43 -13.13 -8.78 0.19
CA ARG A 43 -13.30 -7.53 0.92
C ARG A 43 -12.08 -6.62 0.72
N ILE A 44 -10.90 -7.21 0.78
CA ILE A 44 -9.67 -6.44 0.63
C ILE A 44 -9.56 -5.83 -0.76
N ARG A 45 -9.74 -6.64 -1.78
CA ARG A 45 -9.64 -6.16 -3.15
C ARG A 45 -10.71 -5.11 -3.43
N ALA A 46 -11.87 -5.25 -2.82
CA ALA A 46 -12.93 -4.29 -3.02
C ALA A 46 -12.47 -2.91 -2.54
N LEU A 47 -11.76 -2.91 -1.42
CA LEU A 47 -11.25 -1.67 -0.85
C LEU A 47 -9.92 -1.28 -1.48
N GLN A 48 -9.28 -2.19 -2.18
CA GLN A 48 -8.02 -1.87 -2.82
C GLN A 48 -8.31 -1.10 -4.13
N ARG A 49 -9.55 -1.23 -4.61
CA ARG A 49 -9.96 -0.55 -5.85
C ARG A 49 -10.64 0.78 -5.54
N ASN A 50 -11.47 0.79 -4.50
CA ASN A 50 -12.20 2.00 -4.14
C ASN A 50 -11.53 2.72 -2.97
N GLY A 51 -10.79 1.98 -2.16
CA GLY A 51 -10.11 2.58 -1.01
C GLY A 51 -10.94 2.38 0.25
N VAL A 52 -10.32 2.47 1.42
CA VAL A 52 -11.04 2.28 2.67
C VAL A 52 -11.81 3.55 3.07
N PRO A 53 -13.11 3.48 3.30
CA PRO A 53 -13.88 4.68 3.75
C PRO A 53 -13.31 5.26 5.04
N SER A 54 -13.30 6.57 5.14
CA SER A 54 -12.78 7.21 6.35
C SER A 54 -13.68 6.91 7.55
N THR A 55 -14.86 6.36 7.28
CA THR A 55 -15.80 6.03 8.36
C THR A 55 -15.24 4.92 9.24
N ILE A 56 -14.30 4.15 8.69
CA ILE A 56 -13.67 3.06 9.41
C ILE A 56 -12.72 3.60 10.48
N SER A 57 -12.69 2.92 11.63
CA SER A 57 -11.82 3.36 12.72
C SER A 57 -10.38 3.34 12.27
N GLU A 58 -9.64 4.40 12.58
CA GLU A 58 -8.26 4.49 12.19
C GLU A 58 -7.35 4.75 13.40
N GLU A 59 -6.07 4.46 13.22
CA GLU A 59 -5.08 4.68 14.27
C GLU A 59 -4.23 5.89 13.90
N GLN A 60 -3.16 6.14 14.66
CA GLN A 60 -2.30 7.28 14.37
C GLN A 60 -1.85 7.23 12.90
N PRO A 61 -2.02 8.29 12.13
CA PRO A 61 -1.59 8.31 10.69
C PRO A 61 -0.09 8.10 10.51
N HIS A 62 0.28 7.43 9.42
CA HIS A 62 1.69 7.19 9.11
C HIS A 62 2.02 7.76 7.73
N THR A 63 3.26 8.21 7.58
CA THR A 63 3.69 8.78 6.31
C THR A 63 4.90 8.05 5.77
N ALA A 64 5.03 8.04 4.44
CA ALA A 64 6.15 7.37 3.79
C ALA A 64 6.29 7.89 2.37
N ARG A 65 7.32 7.45 1.67
CA ARG A 65 7.52 7.88 0.29
C ARG A 65 7.75 6.68 -0.62
N THR A 66 7.35 6.81 -1.88
CA THR A 66 7.51 5.71 -2.83
C THR A 66 8.54 6.06 -3.89
N ASP A 67 9.05 5.01 -4.55
CA ASP A 67 10.07 5.15 -5.57
C ASP A 67 9.50 5.74 -6.87
N ALA A 68 10.38 5.90 -7.86
CA ALA A 68 9.98 6.44 -9.16
C ALA A 68 8.92 5.54 -9.78
N THR A 69 8.89 4.27 -9.36
CA THR A 69 7.91 3.33 -9.86
C THR A 69 6.77 3.24 -8.85
N GLY A 70 5.70 2.52 -9.19
CA GLY A 70 4.58 2.39 -8.26
C GLY A 70 4.89 1.38 -7.16
N THR A 71 6.05 1.52 -6.52
CA THR A 71 6.45 0.62 -5.47
C THR A 71 6.87 1.42 -4.24
N ALA A 72 6.68 0.84 -3.06
CA ALA A 72 7.04 1.52 -1.83
C ALA A 72 7.47 0.53 -0.76
N THR A 73 8.28 1.01 0.17
CA THR A 73 8.75 0.17 1.27
C THR A 73 8.65 0.89 2.61
N ILE A 74 7.94 0.28 3.53
CA ILE A 74 7.76 0.87 4.87
C ILE A 74 8.02 -0.20 5.93
N THR A 75 8.78 0.16 6.97
CA THR A 75 9.09 -0.81 8.03
C THR A 75 8.66 -0.30 9.40
N ASN A 76 8.64 -1.22 10.37
CA ASN A 76 8.26 -0.92 11.76
C ASN A 76 6.74 -0.86 11.95
N LEU A 77 5.98 -1.06 10.87
CA LEU A 77 4.53 -1.02 10.97
C LEU A 77 3.99 -2.19 11.81
N PRO A 78 3.00 -1.95 12.66
CA PRO A 78 2.40 -3.03 13.52
C PRO A 78 1.42 -3.88 12.71
N PRO A 79 1.06 -5.03 13.19
CA PRO A 79 0.11 -5.93 12.48
C PRO A 79 -1.28 -5.31 12.33
N GLY A 80 -1.93 -5.60 11.21
CA GLY A 80 -3.25 -5.08 10.92
C GLY A 80 -3.35 -4.76 9.44
N THR A 81 -4.49 -4.23 9.01
CA THR A 81 -4.66 -3.90 7.60
C THR A 81 -4.70 -2.39 7.43
N TYR A 82 -3.94 -1.89 6.47
CA TYR A 82 -3.89 -0.44 6.26
C TYR A 82 -4.21 -0.07 4.81
N VAL A 83 -4.37 1.22 4.58
CA VAL A 83 -4.66 1.73 3.26
C VAL A 83 -3.51 2.62 2.79
N ILE A 84 -3.24 2.59 1.48
CA ILE A 84 -2.14 3.35 0.92
C ILE A 84 -2.61 4.19 -0.26
N ARG A 85 -2.25 5.47 -0.28
CA ARG A 85 -2.62 6.34 -1.39
C ARG A 85 -1.48 7.29 -1.73
N ASP A 86 -1.37 7.64 -3.00
CA ASP A 86 -0.31 8.53 -3.45
C ASP A 86 -0.75 9.99 -3.36
N THR A 87 -0.24 10.70 -2.35
CA THR A 87 -0.58 12.11 -2.17
C THR A 87 0.07 12.97 -3.24
N ASN A 88 1.19 12.49 -3.80
CA ASN A 88 1.87 13.24 -4.84
C ASN A 88 1.01 13.34 -6.09
N THR A 89 0.18 14.38 -6.14
CA THR A 89 -0.72 14.58 -7.27
C THR A 89 0.03 15.03 -8.51
N THR A 90 1.28 15.47 -8.35
CA THR A 90 2.06 15.92 -9.50
C THR A 90 2.26 14.78 -10.48
N LYS A 91 2.68 13.64 -9.95
CA LYS A 91 2.90 12.45 -10.78
C LYS A 91 2.44 11.18 -10.05
N PRO A 92 1.16 11.00 -9.91
CA PRO A 92 0.60 9.78 -9.22
C PRO A 92 1.12 8.51 -9.86
N ARG A 93 1.54 7.57 -9.04
CA ARG A 93 2.06 6.31 -9.54
C ARG A 93 1.12 5.17 -9.21
N PHE A 94 0.24 5.38 -8.22
CA PHE A 94 -0.69 4.34 -7.84
C PHE A 94 -1.97 4.92 -7.23
N SER A 95 -3.02 4.13 -7.25
CA SER A 95 -4.31 4.53 -6.71
C SER A 95 -4.49 3.95 -5.30
N PRO A 96 -5.47 4.40 -4.55
CA PRO A 96 -5.70 3.87 -3.17
C PRO A 96 -5.74 2.35 -3.15
N LEU A 97 -4.98 1.75 -2.24
CA LEU A 97 -4.91 0.30 -2.13
C LEU A 97 -4.97 -0.13 -0.67
N VAL A 98 -5.22 -1.42 -0.44
CA VAL A 98 -5.27 -1.94 0.92
C VAL A 98 -4.52 -3.27 1.00
N ILE A 99 -3.86 -3.51 2.11
CA ILE A 99 -3.09 -4.73 2.30
C ILE A 99 -3.06 -5.14 3.79
N PRO A 100 -3.48 -6.35 4.12
CA PRO A 100 -3.48 -6.85 5.53
C PRO A 100 -2.10 -7.36 5.96
N LEU A 101 -1.79 -7.22 7.24
CA LEU A 101 -0.51 -7.70 7.75
C LEU A 101 -0.71 -8.53 9.01
N GLY A 102 -0.56 -9.85 8.86
CA GLY A 102 -0.69 -10.80 9.98
C GLY A 102 -1.59 -10.30 11.09
N ILE A 103 -2.86 -10.67 11.06
CA ILE A 103 -3.78 -10.21 12.10
C ILE A 103 -3.50 -10.95 13.40
N ASP A 104 -2.59 -10.39 14.18
CA ASP A 104 -2.20 -10.99 15.46
C ASP A 104 -1.23 -10.07 16.20
N THR A 105 -0.83 -10.47 17.41
CA THR A 105 0.10 -9.66 18.19
C THR A 105 1.46 -9.56 17.51
N THR A 106 1.86 -10.64 16.83
CA THR A 106 3.15 -10.66 16.15
C THR A 106 3.11 -9.78 14.89
N SER A 107 4.28 -9.40 14.38
CA SER A 107 4.34 -8.56 13.20
C SER A 107 5.16 -9.23 12.09
N PRO A 108 4.52 -9.93 11.18
CA PRO A 108 5.20 -10.60 10.04
C PRO A 108 5.47 -9.63 8.88
N THR A 109 6.15 -10.13 7.85
CA THR A 109 6.45 -9.29 6.68
C THR A 109 5.48 -9.61 5.55
N MET A 110 5.19 -8.61 4.71
CA MET A 110 4.28 -8.81 3.59
C MET A 110 4.84 -8.25 2.30
N THR A 111 5.11 -9.14 1.35
CA THR A 111 5.62 -8.72 0.05
C THR A 111 4.67 -9.22 -1.02
N LEU A 112 3.91 -8.30 -1.62
CA LEU A 112 2.95 -8.68 -2.64
C LEU A 112 2.91 -7.66 -3.78
N ARG A 113 2.29 -8.05 -4.89
CA ARG A 113 2.16 -7.17 -6.04
C ARG A 113 0.68 -7.04 -6.41
N PRO A 114 -0.06 -6.24 -5.68
CA PRO A 114 -1.53 -6.05 -5.92
C PRO A 114 -1.83 -5.61 -7.35
N LYS A 115 -2.89 -6.17 -7.91
CA LYS A 115 -3.30 -5.83 -9.26
C LYS A 115 -4.54 -4.93 -9.21
N LEU A 116 -4.39 -3.71 -9.69
CA LEU A 116 -5.49 -2.76 -9.69
C LEU A 116 -5.68 -2.19 -11.09
N ILE A 117 -6.93 -2.10 -11.54
CA ILE A 117 -7.19 -1.55 -12.86
C ILE A 117 -6.55 -0.17 -12.97
N ASP A 118 -5.57 -0.05 -13.87
CA ASP A 118 -4.86 1.21 -14.07
C ASP A 118 -5.83 2.32 -14.45
N ALA A 119 -5.71 3.46 -13.77
CA ALA A 119 -6.58 4.60 -14.04
C ALA A 119 -5.74 5.84 -14.33
N THR A 120 -6.21 6.67 -15.25
CA THR A 120 -5.49 7.89 -15.61
C THR A 120 -5.24 8.77 -14.38
N PRO A 121 -6.27 9.15 -13.65
CA PRO A 121 -6.09 10.02 -12.44
C PRO A 121 -5.46 9.24 -11.28
N GLY A 122 -6.15 8.21 -10.82
CA GLY A 122 -5.64 7.40 -9.71
C GLY A 122 -6.08 7.98 -8.36
N ALA A 123 -5.15 8.66 -7.69
CA ALA A 123 -5.47 9.25 -6.40
C ALA A 123 -6.68 10.18 -6.50
N PRO A 124 -6.69 11.14 -7.41
CA PRO A 124 -7.83 12.06 -7.59
C PRO A 124 -8.99 11.42 -8.37
N ASN A 125 -8.86 10.13 -8.67
CA ASN A 125 -9.90 9.42 -9.42
C ASN A 125 -11.23 9.49 -8.68
N VAL A 126 -11.19 9.31 -7.38
CA VAL A 126 -12.40 9.34 -6.57
C VAL A 126 -12.87 10.78 -6.37
N GLN A 1 11.88 -12.22 16.84
CA GLN A 1 10.77 -11.46 16.19
C GLN A 1 11.31 -10.70 14.98
N GLU A 2 11.24 -11.35 13.82
CA GLU A 2 11.73 -10.74 12.59
C GLU A 2 10.95 -9.47 12.27
N ALA A 3 11.68 -8.40 11.94
CA ALA A 3 11.04 -7.12 11.61
C ALA A 3 10.13 -7.28 10.39
N ASN A 4 8.97 -6.63 10.44
CA ASN A 4 8.03 -6.72 9.33
C ASN A 4 8.36 -5.70 8.25
N THR A 5 8.16 -6.09 7.00
CA THR A 5 8.43 -5.20 5.87
C THR A 5 7.21 -5.12 4.97
N LEU A 6 6.79 -3.90 4.64
CA LEU A 6 5.63 -3.71 3.79
C LEU A 6 6.02 -3.19 2.41
N VAL A 7 5.93 -4.05 1.41
CA VAL A 7 6.27 -3.66 0.04
C VAL A 7 5.06 -3.84 -0.87
N ILE A 8 4.66 -2.77 -1.54
CA ILE A 8 3.51 -2.84 -2.43
C ILE A 8 3.91 -2.45 -3.85
N ASP A 9 3.68 -3.35 -4.80
CA ASP A 9 4.01 -3.07 -6.19
C ASP A 9 2.80 -3.26 -7.10
N LEU A 10 2.35 -2.18 -7.71
CA LEU A 10 1.21 -2.21 -8.60
C LEU A 10 1.48 -3.13 -9.79
N GLU A 11 2.72 -3.10 -10.27
CA GLU A 11 3.10 -3.92 -11.42
C GLU A 11 4.41 -4.64 -11.12
N PRO A 12 4.71 -5.69 -11.82
CA PRO A 12 5.96 -6.46 -11.58
C PRO A 12 7.18 -5.52 -11.51
N PRO A 13 7.87 -5.47 -10.39
CA PRO A 13 9.07 -4.60 -10.23
C PRO A 13 10.31 -5.21 -10.87
N ALA A 14 11.43 -4.55 -10.68
CA ALA A 14 12.70 -5.04 -11.24
C ALA A 14 12.57 -5.19 -12.75
N ALA A 15 11.81 -4.28 -13.36
CA ALA A 15 11.59 -4.32 -14.80
C ALA A 15 12.73 -3.61 -15.56
N PHE A 16 13.73 -3.13 -14.83
CA PHE A 16 14.85 -2.45 -15.48
C PHE A 16 16.16 -3.05 -15.01
N ALA A 17 16.71 -3.96 -15.82
CA ALA A 17 17.96 -4.62 -15.46
C ALA A 17 17.87 -5.19 -14.05
N ASP A 18 16.65 -5.45 -13.59
CA ASP A 18 16.45 -5.98 -12.25
C ASP A 18 17.21 -5.15 -11.23
N ASP A 19 17.25 -3.84 -11.44
CA ASP A 19 17.96 -2.94 -10.54
C ASP A 19 16.97 -2.03 -9.81
N GLN A 20 15.81 -1.83 -10.39
CA GLN A 20 14.80 -0.97 -9.76
C GLN A 20 15.44 0.37 -9.40
N PRO A 21 15.54 1.27 -10.35
CA PRO A 21 16.17 2.62 -10.14
C PRO A 21 15.52 3.38 -8.99
N GLN A 22 14.26 3.05 -8.68
CA GLN A 22 13.54 3.71 -7.61
C GLN A 22 13.42 5.22 -7.88
N GLY A 23 12.87 5.95 -6.91
CA GLY A 23 12.71 7.39 -7.07
C GLY A 23 12.41 8.07 -5.74
N HIS A 24 11.46 7.51 -4.99
CA HIS A 24 11.08 8.07 -3.70
C HIS A 24 10.67 9.54 -3.86
N ASN A 25 10.04 9.86 -4.99
CA ASN A 25 9.60 11.23 -5.24
C ASN A 25 8.12 11.41 -4.95
N ILE A 26 7.39 10.33 -4.68
CA ILE A 26 5.97 10.45 -4.41
C ILE A 26 5.64 10.15 -2.96
N ASP A 27 4.99 11.12 -2.32
CA ASP A 27 4.58 10.97 -0.93
C ASP A 27 3.36 10.06 -0.83
N VAL A 28 3.44 9.05 0.01
CA VAL A 28 2.33 8.12 0.18
C VAL A 28 1.86 8.12 1.63
N THR A 29 0.56 8.05 1.82
CA THR A 29 -0.02 8.06 3.17
C THR A 29 -0.43 6.66 3.59
N VAL A 30 -0.05 6.30 4.81
CA VAL A 30 -0.36 5.00 5.38
C VAL A 30 -1.18 5.18 6.65
N ALA A 31 -2.28 4.45 6.75
CA ALA A 31 -3.13 4.52 7.92
C ALA A 31 -3.39 3.12 8.45
N LYS A 32 -3.35 2.97 9.76
CA LYS A 32 -3.55 1.66 10.35
C LYS A 32 -5.02 1.44 10.70
N LEU A 33 -5.68 0.68 9.82
CA LEU A 33 -7.09 0.35 9.98
C LEU A 33 -7.25 -0.79 10.97
N HIS A 34 -8.43 -0.88 11.57
CA HIS A 34 -8.71 -1.95 12.53
C HIS A 34 -8.26 -3.28 11.93
N ASN A 35 -7.48 -4.02 12.69
CA ASN A 35 -6.95 -5.30 12.22
C ASN A 35 -8.04 -6.24 11.70
N ILE A 36 -7.87 -6.69 10.47
CA ILE A 36 -8.82 -7.63 9.85
C ILE A 36 -8.05 -8.81 9.27
N ASP A 37 -8.63 -9.99 9.35
CA ASP A 37 -7.96 -11.17 8.82
C ASP A 37 -7.67 -10.99 7.33
N PRO A 38 -6.47 -11.29 6.87
CA PRO A 38 -6.09 -11.13 5.44
C PRO A 38 -6.77 -12.15 4.53
N GLU A 39 -7.42 -13.14 5.14
CA GLU A 39 -8.10 -14.20 4.40
C GLU A 39 -9.23 -13.64 3.54
N ASP A 40 -9.88 -12.57 3.99
CA ASP A 40 -10.99 -12.00 3.24
C ASP A 40 -10.49 -11.23 2.03
N HIS A 41 -9.98 -11.96 1.04
CA HIS A 41 -9.45 -11.33 -0.17
C HIS A 41 -10.50 -10.43 -0.81
N GLU A 42 -11.77 -10.81 -0.67
CA GLU A 42 -12.85 -10.01 -1.23
C GLU A 42 -12.87 -8.66 -0.52
N ARG A 43 -12.69 -8.69 0.79
CA ARG A 43 -12.67 -7.48 1.59
C ARG A 43 -11.50 -6.59 1.19
N ILE A 44 -10.34 -7.20 0.97
CA ILE A 44 -9.15 -6.43 0.61
C ILE A 44 -9.29 -5.82 -0.77
N ARG A 45 -9.60 -6.67 -1.74
CA ARG A 45 -9.73 -6.21 -3.13
C ARG A 45 -10.87 -5.21 -3.28
N ALA A 46 -11.94 -5.39 -2.51
CA ALA A 46 -13.07 -4.48 -2.58
C ALA A 46 -12.64 -3.07 -2.17
N LEU A 47 -11.83 -2.98 -1.13
CA LEU A 47 -11.37 -1.68 -0.64
C LEU A 47 -10.10 -1.24 -1.37
N GLN A 48 -9.44 -2.16 -2.07
CA GLN A 48 -8.22 -1.79 -2.78
C GLN A 48 -8.59 -0.95 -4.00
N ARG A 49 -9.79 -1.17 -4.53
CA ARG A 49 -10.24 -0.40 -5.69
C ARG A 49 -11.16 0.75 -5.26
N ASN A 50 -11.99 0.51 -4.26
CA ASN A 50 -12.92 1.53 -3.77
C ASN A 50 -12.23 2.46 -2.77
N GLY A 51 -11.30 1.91 -2.02
CA GLY A 51 -10.58 2.69 -1.02
C GLY A 51 -11.24 2.53 0.35
N VAL A 52 -10.46 2.70 1.41
CA VAL A 52 -11.01 2.55 2.76
C VAL A 52 -11.52 3.89 3.32
N PRO A 53 -12.80 4.03 3.60
CA PRO A 53 -13.36 5.29 4.19
C PRO A 53 -12.72 5.61 5.53
N SER A 54 -12.62 6.90 5.83
CA SER A 54 -12.04 7.32 7.10
C SER A 54 -12.96 6.98 8.26
N THR A 55 -14.17 6.47 7.94
CA THR A 55 -15.12 6.10 8.98
C THR A 55 -14.60 4.93 9.80
N ILE A 56 -13.68 4.16 9.22
CA ILE A 56 -13.09 3.02 9.90
C ILE A 56 -12.04 3.49 10.90
N SER A 57 -11.96 2.81 12.04
CA SER A 57 -11.00 3.19 13.06
C SER A 57 -9.61 3.30 12.45
N GLU A 58 -9.01 4.48 12.58
CA GLU A 58 -7.71 4.71 12.04
C GLU A 58 -6.73 5.17 13.11
N GLU A 59 -5.52 4.63 13.09
CA GLU A 59 -4.50 5.00 14.06
C GLU A 59 -3.71 6.20 13.55
N GLN A 60 -2.64 6.57 14.26
CA GLN A 60 -1.84 7.71 13.86
C GLN A 60 -1.33 7.51 12.41
N PRO A 61 -1.46 8.49 11.54
CA PRO A 61 -1.01 8.37 10.13
C PRO A 61 0.50 8.39 9.98
N HIS A 62 0.99 7.70 8.94
CA HIS A 62 2.41 7.64 8.66
C HIS A 62 2.68 8.10 7.23
N THR A 63 3.84 8.71 7.01
CA THR A 63 4.19 9.19 5.69
C THR A 63 5.49 8.56 5.20
N ALA A 64 5.60 8.41 3.89
CA ALA A 64 6.81 7.83 3.30
C ALA A 64 6.88 8.19 1.82
N ARG A 65 8.03 7.91 1.20
CA ARG A 65 8.19 8.21 -0.21
C ARG A 65 8.20 6.91 -1.01
N THR A 66 7.72 6.97 -2.24
CA THR A 66 7.66 5.78 -3.08
C THR A 66 8.27 6.03 -4.45
N ASP A 67 8.52 4.94 -5.18
CA ASP A 67 9.12 5.02 -6.51
C ASP A 67 8.07 5.36 -7.57
N ALA A 68 8.54 5.90 -8.69
CA ALA A 68 7.63 6.24 -9.78
C ALA A 68 7.33 5.00 -10.63
N THR A 69 7.79 3.84 -10.19
CA THR A 69 7.56 2.60 -10.92
C THR A 69 6.36 1.83 -10.37
N GLY A 70 5.55 2.48 -9.53
CA GLY A 70 4.39 1.81 -8.96
C GLY A 70 4.78 0.94 -7.78
N THR A 71 5.94 1.21 -7.19
CA THR A 71 6.40 0.42 -6.05
C THR A 71 6.65 1.31 -4.84
N ALA A 72 6.58 0.72 -3.65
CA ALA A 72 6.78 1.48 -2.43
C ALA A 72 7.37 0.60 -1.33
N THR A 73 8.22 1.19 -0.50
CA THR A 73 8.83 0.43 0.60
C THR A 73 8.58 1.13 1.93
N ILE A 74 7.88 0.44 2.83
CA ILE A 74 7.59 0.99 4.15
C ILE A 74 7.80 -0.08 5.22
N THR A 75 8.40 0.29 6.34
CA THR A 75 8.66 -0.68 7.41
C THR A 75 8.31 -0.10 8.79
N ASN A 76 8.62 -0.88 9.82
CA ASN A 76 8.35 -0.48 11.20
C ASN A 76 6.86 -0.24 11.44
N LEU A 77 6.02 -1.13 10.91
CA LEU A 77 4.59 -1.00 11.09
C LEU A 77 4.00 -2.25 11.77
N PRO A 78 3.12 -2.09 12.74
CA PRO A 78 2.49 -3.25 13.46
C PRO A 78 1.49 -4.00 12.57
N PRO A 79 1.06 -5.17 12.99
CA PRO A 79 0.10 -5.99 12.21
C PRO A 79 -1.29 -5.35 12.17
N GLY A 80 -2.08 -5.70 11.16
CA GLY A 80 -3.42 -5.14 11.03
C GLY A 80 -3.69 -4.75 9.58
N THR A 81 -4.81 -4.08 9.34
CA THR A 81 -5.16 -3.67 7.99
C THR A 81 -4.57 -2.30 7.67
N TYR A 82 -3.90 -2.18 6.53
CA TYR A 82 -3.29 -0.92 6.14
C TYR A 82 -3.89 -0.34 4.86
N VAL A 83 -3.93 0.98 4.78
CA VAL A 83 -4.45 1.67 3.62
C VAL A 83 -3.35 2.54 3.01
N ILE A 84 -3.31 2.58 1.69
CA ILE A 84 -2.28 3.36 0.99
C ILE A 84 -2.91 4.27 -0.06
N ARG A 85 -2.39 5.48 -0.18
CA ARG A 85 -2.89 6.43 -1.19
C ARG A 85 -1.78 7.37 -1.63
N ASP A 86 -1.78 7.74 -2.91
CA ASP A 86 -0.76 8.64 -3.44
C ASP A 86 -1.13 10.10 -3.17
N THR A 87 -0.45 10.70 -2.19
CA THR A 87 -0.70 12.10 -1.86
C THR A 87 0.03 13.04 -2.81
N ASN A 88 0.92 12.49 -3.63
CA ASN A 88 1.66 13.31 -4.57
C ASN A 88 0.81 13.60 -5.80
N THR A 89 0.02 14.66 -5.71
CA THR A 89 -0.86 15.02 -6.82
C THR A 89 -0.06 15.56 -8.00
N THR A 90 1.21 15.89 -7.78
CA THR A 90 2.03 16.41 -8.87
C THR A 90 2.20 15.35 -9.95
N LYS A 91 2.53 14.14 -9.51
CA LYS A 91 2.70 13.01 -10.44
C LYS A 91 2.19 11.72 -9.84
N PRO A 92 0.90 11.58 -9.65
CA PRO A 92 0.32 10.33 -9.08
C PRO A 92 0.50 9.17 -10.04
N ARG A 93 0.83 8.00 -9.49
CA ARG A 93 1.05 6.83 -10.32
C ARG A 93 0.14 5.69 -9.90
N PHE A 94 -0.51 5.82 -8.73
CA PHE A 94 -1.38 4.75 -8.28
C PHE A 94 -2.62 5.28 -7.55
N SER A 95 -3.64 4.43 -7.48
CA SER A 95 -4.90 4.78 -6.83
C SER A 95 -4.92 4.16 -5.43
N PRO A 96 -5.73 4.68 -4.55
CA PRO A 96 -5.80 4.13 -3.16
C PRO A 96 -5.94 2.61 -3.15
N LEU A 97 -5.05 1.96 -2.39
CA LEU A 97 -5.05 0.51 -2.29
C LEU A 97 -5.03 0.08 -0.83
N VAL A 98 -5.30 -1.19 -0.58
CA VAL A 98 -5.31 -1.69 0.79
C VAL A 98 -4.59 -3.04 0.87
N ILE A 99 -3.78 -3.21 1.91
CA ILE A 99 -3.04 -4.44 2.12
C ILE A 99 -3.12 -4.88 3.59
N PRO A 100 -3.56 -6.09 3.88
CA PRO A 100 -3.66 -6.57 5.28
C PRO A 100 -2.39 -7.23 5.78
N LEU A 101 -2.16 -7.11 7.09
CA LEU A 101 -1.01 -7.74 7.71
C LEU A 101 -1.52 -8.82 8.65
N GLY A 102 -0.98 -10.02 8.51
CA GLY A 102 -1.40 -11.16 9.33
C GLY A 102 -1.61 -10.74 10.78
N ILE A 103 -2.77 -11.07 11.31
CA ILE A 103 -3.10 -10.72 12.69
C ILE A 103 -2.50 -11.73 13.65
N ASP A 104 -1.56 -11.25 14.46
CA ASP A 104 -0.90 -12.11 15.44
C ASP A 104 0.07 -11.30 16.30
N THR A 105 0.55 -11.89 17.39
CA THR A 105 1.50 -11.23 18.27
C THR A 105 2.86 -11.10 17.60
N THR A 106 3.14 -12.00 16.66
CA THR A 106 4.40 -11.99 15.93
C THR A 106 4.41 -10.90 14.87
N SER A 107 5.57 -10.63 14.30
CA SER A 107 5.68 -9.60 13.27
C SER A 107 5.91 -10.24 11.89
N PRO A 108 4.87 -10.44 11.12
CA PRO A 108 4.97 -11.03 9.74
C PRO A 108 5.39 -10.00 8.70
N THR A 109 5.85 -10.49 7.55
CA THR A 109 6.26 -9.62 6.45
C THR A 109 5.24 -9.71 5.32
N MET A 110 4.80 -8.56 4.83
CA MET A 110 3.81 -8.53 3.76
C MET A 110 4.36 -7.88 2.49
N THR A 111 4.71 -8.72 1.55
CA THR A 111 5.21 -8.22 0.27
C THR A 111 4.39 -8.84 -0.85
N LEU A 112 3.67 -8.01 -1.58
CA LEU A 112 2.83 -8.49 -2.67
C LEU A 112 2.85 -7.52 -3.84
N ARG A 113 2.37 -7.99 -4.99
CA ARG A 113 2.31 -7.17 -6.18
C ARG A 113 0.86 -7.07 -6.66
N PRO A 114 0.08 -6.22 -6.03
CA PRO A 114 -1.38 -6.04 -6.37
C PRO A 114 -1.62 -5.78 -7.85
N LYS A 115 -2.67 -6.42 -8.36
CA LYS A 115 -3.04 -6.26 -9.76
C LYS A 115 -4.44 -5.64 -9.85
N LEU A 116 -4.48 -4.33 -10.05
CA LEU A 116 -5.73 -3.61 -10.14
C LEU A 116 -5.85 -2.94 -11.50
N ILE A 117 -7.05 -2.96 -12.08
CA ILE A 117 -7.25 -2.35 -13.38
C ILE A 117 -6.87 -0.87 -13.33
N ASP A 118 -5.89 -0.49 -14.14
CA ASP A 118 -5.40 0.88 -14.17
C ASP A 118 -6.49 1.85 -14.58
N ALA A 119 -6.25 3.14 -14.36
CA ALA A 119 -7.21 4.18 -14.68
C ALA A 119 -6.51 5.44 -15.15
N THR A 120 -7.20 6.23 -15.98
CA THR A 120 -6.63 7.47 -16.50
C THR A 120 -6.37 8.50 -15.39
N PRO A 121 -7.38 8.90 -14.64
CA PRO A 121 -7.20 9.91 -13.55
C PRO A 121 -6.35 9.37 -12.40
N GLY A 122 -6.45 8.06 -12.16
CA GLY A 122 -5.67 7.42 -11.10
C GLY A 122 -6.10 7.89 -9.70
N ALA A 123 -5.12 8.28 -8.89
CA ALA A 123 -5.38 8.71 -7.52
C ALA A 123 -6.57 9.68 -7.42
N PRO A 124 -6.56 10.80 -8.11
CA PRO A 124 -7.70 11.77 -8.04
C PRO A 124 -9.02 11.14 -8.49
N ASN A 125 -8.94 10.26 -9.49
CA ASN A 125 -10.13 9.58 -10.01
C ASN A 125 -11.08 10.57 -10.69
N VAL A 126 -11.79 11.39 -9.91
CA VAL A 126 -12.72 12.36 -10.47
C VAL A 126 -13.86 11.66 -11.21
N GLN A 1 15.22 -11.32 16.62
CA GLN A 1 13.87 -10.77 16.29
C GLN A 1 13.76 -10.55 14.79
N GLU A 2 12.58 -10.14 14.34
CA GLU A 2 12.35 -9.89 12.92
C GLU A 2 11.74 -8.51 12.70
N ALA A 3 12.12 -7.86 11.60
CA ALA A 3 11.60 -6.55 11.29
C ALA A 3 10.48 -6.64 10.26
N ASN A 4 9.38 -5.94 10.50
CA ASN A 4 8.25 -5.96 9.58
C ASN A 4 8.49 -5.01 8.41
N THR A 5 8.29 -5.52 7.19
CA THR A 5 8.49 -4.70 6.00
C THR A 5 7.32 -4.87 5.04
N LEU A 6 6.82 -3.75 4.52
CA LEU A 6 5.70 -3.78 3.57
C LEU A 6 6.18 -3.42 2.18
N VAL A 7 6.00 -4.34 1.23
CA VAL A 7 6.41 -4.11 -0.14
C VAL A 7 5.21 -4.21 -1.08
N ILE A 8 5.00 -3.17 -1.88
CA ILE A 8 3.89 -3.15 -2.83
C ILE A 8 4.40 -2.85 -4.22
N ASP A 9 4.06 -3.71 -5.18
CA ASP A 9 4.49 -3.51 -6.56
C ASP A 9 3.31 -3.53 -7.51
N LEU A 10 3.18 -2.48 -8.32
CA LEU A 10 2.07 -2.39 -9.27
C LEU A 10 2.47 -2.93 -10.64
N GLU A 11 3.68 -3.49 -10.74
CA GLU A 11 4.16 -4.03 -12.00
C GLU A 11 5.19 -5.11 -11.72
N PRO A 12 5.52 -5.95 -12.67
CA PRO A 12 6.53 -7.02 -12.45
C PRO A 12 7.79 -6.41 -11.81
N PRO A 13 8.20 -6.87 -10.66
CA PRO A 13 9.38 -6.30 -9.94
C PRO A 13 10.70 -6.65 -10.59
N ALA A 14 11.68 -5.79 -10.37
CA ALA A 14 13.02 -5.98 -10.93
C ALA A 14 12.98 -6.05 -12.44
N ALA A 15 11.88 -5.59 -13.03
CA ALA A 15 11.72 -5.60 -14.48
C ALA A 15 12.08 -6.96 -15.06
N PHE A 16 13.31 -7.12 -15.55
CA PHE A 16 13.73 -8.40 -16.13
C PHE A 16 14.79 -9.07 -15.26
N ALA A 17 15.60 -8.27 -14.59
CA ALA A 17 16.65 -8.78 -13.72
C ALA A 17 17.52 -7.64 -13.21
N ASP A 18 16.93 -6.75 -12.44
CA ASP A 18 17.65 -5.61 -11.89
C ASP A 18 16.90 -5.00 -10.72
N ASP A 19 17.41 -3.90 -10.20
CA ASP A 19 16.77 -3.22 -9.08
C ASP A 19 15.72 -2.23 -9.57
N GLN A 20 15.36 -2.34 -10.85
CA GLN A 20 14.37 -1.46 -11.44
C GLN A 20 14.80 0.00 -11.35
N PRO A 21 14.17 0.84 -12.11
CA PRO A 21 14.48 2.30 -12.14
C PRO A 21 13.87 3.03 -10.95
N GLN A 22 14.35 2.70 -9.75
CA GLN A 22 13.85 3.31 -8.53
C GLN A 22 14.07 4.82 -8.58
N GLY A 23 13.07 5.56 -8.11
CA GLY A 23 13.15 7.02 -8.10
C GLY A 23 12.08 7.61 -7.19
N HIS A 24 12.42 7.76 -5.92
CA HIS A 24 11.47 8.31 -4.95
C HIS A 24 11.22 9.78 -5.25
N ASN A 25 9.99 10.22 -5.02
CA ASN A 25 9.62 11.62 -5.26
C ASN A 25 8.15 11.91 -4.94
N ILE A 26 7.36 10.88 -4.65
CA ILE A 26 5.94 11.10 -4.38
C ILE A 26 5.56 10.73 -2.95
N ASP A 27 4.88 11.66 -2.28
CA ASP A 27 4.42 11.46 -0.92
C ASP A 27 3.23 10.51 -0.89
N VAL A 28 3.17 9.66 0.13
CA VAL A 28 2.05 8.73 0.26
C VAL A 28 1.52 8.75 1.69
N THR A 29 0.24 8.45 1.83
CA THR A 29 -0.40 8.45 3.14
C THR A 29 -0.76 7.04 3.57
N VAL A 30 -0.40 6.70 4.81
CA VAL A 30 -0.68 5.39 5.37
C VAL A 30 -1.58 5.52 6.58
N ALA A 31 -2.68 4.77 6.58
CA ALA A 31 -3.63 4.82 7.69
C ALA A 31 -3.86 3.42 8.22
N LYS A 32 -3.88 3.31 9.54
CA LYS A 32 -4.09 2.02 10.19
C LYS A 32 -5.57 1.69 10.27
N LEU A 33 -5.90 0.49 9.80
CA LEU A 33 -7.29 0.02 9.79
C LEU A 33 -7.42 -1.17 10.72
N HIS A 34 -8.61 -1.40 11.24
CA HIS A 34 -8.82 -2.54 12.12
C HIS A 34 -8.32 -3.80 11.42
N ASN A 35 -7.48 -4.57 12.11
CA ASN A 35 -6.91 -5.77 11.52
C ASN A 35 -7.97 -6.67 10.92
N ILE A 36 -7.74 -7.09 9.67
CA ILE A 36 -8.68 -7.98 8.98
C ILE A 36 -7.91 -9.19 8.49
N ASP A 37 -8.54 -10.36 8.56
CA ASP A 37 -7.86 -11.57 8.13
C ASP A 37 -7.42 -11.44 6.66
N PRO A 38 -6.17 -11.71 6.35
CA PRO A 38 -5.65 -11.63 4.95
C PRO A 38 -6.25 -12.70 4.06
N GLU A 39 -6.93 -13.67 4.67
CA GLU A 39 -7.55 -14.77 3.93
C GLU A 39 -8.61 -14.24 2.99
N ASP A 40 -9.33 -13.20 3.42
CA ASP A 40 -10.39 -12.63 2.59
C ASP A 40 -9.79 -11.83 1.44
N HIS A 41 -9.28 -12.54 0.44
CA HIS A 41 -8.68 -11.88 -0.72
C HIS A 41 -9.68 -10.97 -1.42
N GLU A 42 -10.88 -11.46 -1.62
CA GLU A 42 -11.91 -10.67 -2.28
C GLU A 42 -12.17 -9.40 -1.46
N ARG A 43 -12.01 -9.50 -0.16
CA ARG A 43 -12.22 -8.36 0.72
C ARG A 43 -11.08 -7.34 0.56
N ILE A 44 -9.84 -7.83 0.43
CA ILE A 44 -8.70 -6.93 0.29
C ILE A 44 -8.77 -6.23 -1.05
N ARG A 45 -8.98 -7.01 -2.10
CA ARG A 45 -9.04 -6.45 -3.45
C ARG A 45 -10.25 -5.53 -3.62
N ALA A 46 -11.33 -5.85 -2.91
CA ALA A 46 -12.53 -5.04 -3.00
C ALA A 46 -12.24 -3.63 -2.50
N LEU A 47 -11.48 -3.54 -1.42
CA LEU A 47 -11.13 -2.25 -0.85
C LEU A 47 -9.86 -1.70 -1.49
N GLN A 48 -9.12 -2.53 -2.20
CA GLN A 48 -7.89 -2.06 -2.85
C GLN A 48 -8.27 -1.15 -4.02
N ARG A 49 -9.42 -1.44 -4.63
CA ARG A 49 -9.86 -0.64 -5.77
C ARG A 49 -10.81 0.48 -5.33
N ASN A 50 -11.69 0.18 -4.38
CA ASN A 50 -12.64 1.17 -3.89
C ASN A 50 -12.01 2.05 -2.81
N GLY A 51 -11.11 1.46 -2.04
CA GLY A 51 -10.44 2.19 -0.95
C GLY A 51 -11.16 1.92 0.36
N VAL A 52 -10.43 1.97 1.48
CA VAL A 52 -11.06 1.71 2.76
C VAL A 52 -12.01 2.85 3.16
N PRO A 53 -13.17 2.56 3.73
CA PRO A 53 -14.09 3.62 4.19
C PRO A 53 -13.46 4.43 5.32
N SER A 54 -13.71 5.73 5.35
CA SER A 54 -13.16 6.55 6.42
C SER A 54 -13.85 6.21 7.74
N THR A 55 -14.97 5.50 7.66
CA THR A 55 -15.72 5.12 8.86
C THR A 55 -14.97 4.05 9.65
N ILE A 56 -14.06 3.35 8.97
CA ILE A 56 -13.27 2.30 9.61
C ILE A 56 -12.44 2.90 10.75
N SER A 57 -12.28 2.13 11.82
CA SER A 57 -11.50 2.61 12.95
C SER A 57 -10.11 2.97 12.46
N GLU A 58 -9.60 4.11 12.92
CA GLU A 58 -8.29 4.56 12.49
C GLU A 58 -7.35 4.79 13.66
N GLU A 59 -6.06 4.77 13.36
CA GLU A 59 -5.02 4.99 14.37
C GLU A 59 -4.14 6.16 13.93
N GLN A 60 -3.05 6.40 14.64
CA GLN A 60 -2.17 7.51 14.28
C GLN A 60 -1.72 7.36 12.81
N PRO A 61 -1.85 8.39 11.99
CA PRO A 61 -1.45 8.32 10.55
C PRO A 61 0.07 8.29 10.35
N HIS A 62 0.49 7.68 9.25
CA HIS A 62 1.91 7.59 8.92
C HIS A 62 2.16 8.10 7.52
N THR A 63 3.41 8.44 7.23
CA THR A 63 3.76 8.95 5.91
C THR A 63 5.01 8.27 5.36
N ALA A 64 5.12 8.29 4.05
CA ALA A 64 6.24 7.66 3.36
C ALA A 64 6.38 8.19 1.94
N ARG A 65 7.42 7.75 1.23
CA ARG A 65 7.63 8.17 -0.14
C ARG A 65 7.66 6.95 -1.05
N THR A 66 7.23 7.11 -2.30
CA THR A 66 7.23 5.98 -3.23
C THR A 66 7.93 6.36 -4.53
N ASP A 67 8.37 5.34 -5.26
CA ASP A 67 9.09 5.54 -6.52
C ASP A 67 8.15 5.65 -7.71
N ALA A 68 8.69 6.13 -8.83
CA ALA A 68 7.92 6.30 -10.05
C ALA A 68 7.62 4.94 -10.71
N THR A 69 8.16 3.87 -10.14
CA THR A 69 7.93 2.53 -10.69
C THR A 69 6.62 1.93 -10.17
N GLY A 70 5.83 2.71 -9.43
CA GLY A 70 4.59 2.20 -8.90
C GLY A 70 4.86 1.26 -7.73
N THR A 71 6.01 1.45 -7.09
CA THR A 71 6.40 0.60 -5.98
C THR A 71 6.54 1.42 -4.69
N ALA A 72 6.43 0.73 -3.56
CA ALA A 72 6.55 1.40 -2.27
C ALA A 72 7.22 0.48 -1.26
N THR A 73 8.04 1.07 -0.38
CA THR A 73 8.72 0.29 0.65
C THR A 73 8.64 1.01 1.99
N ILE A 74 7.82 0.47 2.89
CA ILE A 74 7.66 1.06 4.21
C ILE A 74 7.85 0.00 5.29
N THR A 75 8.65 0.30 6.31
CA THR A 75 8.91 -0.65 7.38
C THR A 75 8.43 -0.11 8.73
N ASN A 76 8.56 -0.93 9.76
CA ASN A 76 8.14 -0.55 11.10
C ASN A 76 6.63 -0.27 11.16
N LEU A 77 5.85 -1.16 10.56
CA LEU A 77 4.39 -1.01 10.56
C LEU A 77 3.74 -2.10 11.43
N PRO A 78 2.94 -1.74 12.42
CA PRO A 78 2.26 -2.75 13.29
C PRO A 78 1.33 -3.66 12.48
N PRO A 79 0.96 -4.79 13.02
CA PRO A 79 0.06 -5.75 12.31
C PRO A 79 -1.35 -5.21 12.14
N GLY A 80 -1.99 -5.58 11.05
CA GLY A 80 -3.34 -5.12 10.77
C GLY A 80 -3.52 -4.82 9.29
N THR A 81 -4.54 -4.04 8.98
CA THR A 81 -4.81 -3.69 7.59
C THR A 81 -4.49 -2.21 7.38
N TYR A 82 -3.75 -1.90 6.33
CA TYR A 82 -3.37 -0.51 6.06
C TYR A 82 -3.86 -0.02 4.70
N VAL A 83 -4.09 1.28 4.62
CA VAL A 83 -4.53 1.91 3.38
C VAL A 83 -3.39 2.76 2.83
N ILE A 84 -3.25 2.76 1.52
CA ILE A 84 -2.17 3.53 0.89
C ILE A 84 -2.72 4.39 -0.24
N ARG A 85 -2.32 5.66 -0.27
CA ARG A 85 -2.79 6.55 -1.33
C ARG A 85 -1.72 7.57 -1.71
N ASP A 86 -1.74 7.99 -2.96
CA ASP A 86 -0.78 8.96 -3.47
C ASP A 86 -1.09 10.36 -2.96
N THR A 87 -0.32 10.82 -1.97
CA THR A 87 -0.51 12.15 -1.41
C THR A 87 -0.16 13.22 -2.42
N ASN A 88 0.94 13.02 -3.15
CA ASN A 88 1.37 13.99 -4.15
C ASN A 88 0.31 14.12 -5.24
N THR A 89 -0.06 15.35 -5.58
CA THR A 89 -1.08 15.58 -6.60
C THR A 89 -0.46 15.95 -7.94
N THR A 90 0.81 16.34 -7.94
CA THR A 90 1.48 16.72 -9.18
C THR A 90 1.53 15.54 -10.13
N LYS A 91 1.92 14.39 -9.61
CA LYS A 91 2.01 13.19 -10.41
C LYS A 91 1.55 11.98 -9.61
N PRO A 92 0.29 11.59 -9.69
CA PRO A 92 -0.20 10.41 -8.94
C PRO A 92 0.46 9.14 -9.45
N ARG A 93 1.25 8.54 -8.59
CA ARG A 93 1.95 7.31 -8.91
C ARG A 93 1.00 6.13 -8.93
N PHE A 94 0.06 6.14 -7.99
CA PHE A 94 -0.87 5.02 -7.88
C PHE A 94 -2.20 5.45 -7.25
N SER A 95 -3.20 4.60 -7.42
CA SER A 95 -4.53 4.85 -6.87
C SER A 95 -4.64 4.21 -5.49
N PRO A 96 -5.58 4.62 -4.68
CA PRO A 96 -5.74 4.06 -3.31
C PRO A 96 -5.73 2.54 -3.30
N LEU A 97 -5.00 1.95 -2.35
CA LEU A 97 -4.88 0.49 -2.25
C LEU A 97 -4.90 0.04 -0.79
N VAL A 98 -5.11 -1.25 -0.58
CA VAL A 98 -5.13 -1.80 0.78
C VAL A 98 -4.37 -3.13 0.83
N ILE A 99 -3.67 -3.37 1.94
CA ILE A 99 -2.92 -4.61 2.10
C ILE A 99 -2.92 -5.06 3.57
N PRO A 100 -3.16 -6.34 3.85
CA PRO A 100 -3.15 -6.87 5.24
C PRO A 100 -1.74 -7.23 5.73
N LEU A 101 -1.54 -7.25 7.04
CA LEU A 101 -0.24 -7.59 7.60
C LEU A 101 -0.40 -8.36 8.91
N GLY A 102 -0.31 -9.68 8.81
CA GLY A 102 -0.42 -10.57 9.98
C GLY A 102 -1.31 -10.01 11.07
N ILE A 103 -2.60 -10.28 11.00
CA ILE A 103 -3.53 -9.78 12.02
C ILE A 103 -3.09 -10.16 13.43
N ASP A 104 -2.21 -11.15 13.54
CA ASP A 104 -1.72 -11.60 14.83
C ASP A 104 -0.96 -10.48 15.53
N THR A 105 -0.99 -10.50 16.87
CA THR A 105 -0.32 -9.48 17.67
C THR A 105 1.12 -9.26 17.17
N THR A 106 1.71 -10.29 16.59
CA THR A 106 3.07 -10.19 16.08
C THR A 106 3.09 -9.35 14.80
N SER A 107 4.28 -8.91 14.39
CA SER A 107 4.39 -8.10 13.18
C SER A 107 5.28 -8.80 12.14
N PRO A 108 4.70 -9.57 11.25
CA PRO A 108 5.45 -10.29 10.18
C PRO A 108 5.76 -9.39 8.99
N THR A 109 6.55 -9.92 8.06
CA THR A 109 6.93 -9.19 6.85
C THR A 109 6.11 -9.71 5.67
N MET A 110 5.47 -8.79 4.94
CA MET A 110 4.64 -9.19 3.81
C MET A 110 4.93 -8.36 2.56
N THR A 111 5.06 -9.06 1.44
CA THR A 111 5.30 -8.42 0.15
C THR A 111 4.25 -8.89 -0.84
N LEU A 112 3.58 -7.94 -1.48
CA LEU A 112 2.54 -8.30 -2.44
C LEU A 112 2.57 -7.37 -3.65
N ARG A 113 1.94 -7.80 -4.73
CA ARG A 113 1.87 -6.99 -5.95
C ARG A 113 0.42 -6.80 -6.35
N PRO A 114 -0.29 -5.91 -5.68
CA PRO A 114 -1.73 -5.63 -5.95
C PRO A 114 -2.01 -5.31 -7.41
N LYS A 115 -3.13 -5.84 -7.91
CA LYS A 115 -3.52 -5.60 -9.29
C LYS A 115 -4.72 -4.66 -9.32
N LEU A 116 -4.50 -3.44 -9.80
CA LEU A 116 -5.56 -2.46 -9.88
C LEU A 116 -5.67 -1.89 -11.29
N ILE A 117 -6.88 -1.94 -11.85
CA ILE A 117 -7.08 -1.40 -13.18
C ILE A 117 -6.91 0.12 -13.15
N ASP A 118 -6.06 0.64 -14.03
CA ASP A 118 -5.80 2.07 -14.09
C ASP A 118 -7.10 2.86 -14.01
N ALA A 119 -7.38 3.39 -12.82
CA ALA A 119 -8.61 4.15 -12.60
C ALA A 119 -8.29 5.62 -12.31
N THR A 120 -8.66 6.49 -13.24
CA THR A 120 -8.43 7.94 -13.08
C THR A 120 -6.96 8.22 -12.78
N PRO A 121 -6.56 9.47 -12.80
CA PRO A 121 -5.14 9.87 -12.52
C PRO A 121 -4.64 9.28 -11.20
N GLY A 122 -5.53 9.22 -10.22
CA GLY A 122 -5.18 8.68 -8.91
C GLY A 122 -6.03 9.34 -7.82
N ALA A 123 -5.39 9.65 -6.70
CA ALA A 123 -6.10 10.30 -5.60
C ALA A 123 -6.91 11.51 -6.10
N PRO A 124 -6.32 12.42 -6.84
CA PRO A 124 -7.06 13.61 -7.36
C PRO A 124 -7.91 13.24 -8.58
N ASN A 125 -8.92 12.40 -8.34
CA ASN A 125 -9.80 11.96 -9.42
C ASN A 125 -10.85 13.03 -9.71
N VAL A 126 -11.72 12.74 -10.68
CA VAL A 126 -12.77 13.68 -11.06
C VAL A 126 -14.07 12.94 -11.34
N GLN A 1 7.66 -1.81 16.77
CA GLN A 1 7.81 -1.77 15.29
C GLN A 1 8.29 -3.14 14.79
N GLU A 2 9.16 -3.78 15.56
CA GLU A 2 9.69 -5.08 15.19
C GLU A 2 10.31 -5.03 13.80
N ALA A 3 10.85 -6.15 13.35
CA ALA A 3 11.48 -6.22 12.03
C ALA A 3 10.53 -6.85 11.03
N ASN A 4 10.17 -6.08 10.00
CA ASN A 4 9.27 -6.57 8.96
C ASN A 4 9.39 -5.71 7.71
N THR A 5 9.01 -6.26 6.56
CA THR A 5 9.10 -5.52 5.32
C THR A 5 7.81 -5.65 4.50
N LEU A 6 7.31 -4.51 4.03
CA LEU A 6 6.08 -4.50 3.23
C LEU A 6 6.38 -3.90 1.86
N VAL A 7 6.23 -4.71 0.82
CA VAL A 7 6.50 -4.24 -0.54
C VAL A 7 5.26 -4.34 -1.41
N ILE A 8 4.90 -3.22 -2.03
CA ILE A 8 3.72 -3.19 -2.90
C ILE A 8 4.13 -2.84 -4.32
N ASP A 9 3.75 -3.69 -5.27
CA ASP A 9 4.07 -3.46 -6.67
C ASP A 9 2.81 -3.37 -7.52
N LEU A 10 2.54 -2.18 -8.02
CA LEU A 10 1.37 -1.95 -8.86
C LEU A 10 1.44 -2.79 -10.13
N GLU A 11 2.64 -2.93 -10.67
CA GLU A 11 2.84 -3.68 -11.91
C GLU A 11 4.00 -4.64 -11.76
N PRO A 12 4.05 -5.69 -12.55
CA PRO A 12 5.17 -6.68 -12.47
C PRO A 12 6.53 -6.01 -12.66
N PRO A 13 7.39 -6.03 -11.65
CA PRO A 13 8.74 -5.42 -11.72
C PRO A 13 9.75 -6.34 -12.38
N ALA A 14 11.03 -6.00 -12.23
CA ALA A 14 12.09 -6.81 -12.83
C ALA A 14 13.46 -6.30 -12.41
N ALA A 15 13.79 -6.46 -11.14
CA ALA A 15 15.08 -6.02 -10.62
C ALA A 15 15.77 -7.16 -9.89
N PHE A 16 17.09 -7.04 -9.73
CA PHE A 16 17.86 -8.07 -9.06
C PHE A 16 17.44 -8.22 -7.60
N ALA A 17 17.22 -7.10 -6.93
CA ALA A 17 16.81 -7.12 -5.54
C ALA A 17 15.62 -6.19 -5.31
N ASP A 18 15.50 -5.17 -6.15
CA ASP A 18 14.42 -4.20 -6.05
C ASP A 18 13.27 -4.59 -6.98
N ASP A 19 12.30 -3.69 -7.10
CA ASP A 19 11.14 -3.93 -7.95
C ASP A 19 11.12 -2.92 -9.11
N GLN A 20 12.31 -2.56 -9.59
CA GLN A 20 12.44 -1.58 -10.65
C GLN A 20 11.83 -0.24 -10.23
N PRO A 21 12.35 0.32 -9.15
CA PRO A 21 11.84 1.61 -8.64
C PRO A 21 12.26 2.80 -9.52
N GLN A 22 13.53 3.14 -9.46
CA GLN A 22 14.07 4.24 -10.26
C GLN A 22 13.16 5.47 -10.19
N GLY A 23 12.72 5.82 -8.98
CA GLY A 23 11.84 6.99 -8.82
C GLY A 23 12.03 7.65 -7.46
N HIS A 24 11.21 7.26 -6.50
CA HIS A 24 11.28 7.82 -5.15
C HIS A 24 11.05 9.34 -5.16
N ASN A 25 10.09 9.80 -5.97
CA ASN A 25 9.80 11.23 -6.01
C ASN A 25 8.32 11.52 -5.73
N ILE A 26 7.52 10.48 -5.46
CA ILE A 26 6.10 10.69 -5.16
C ILE A 26 5.82 10.42 -3.69
N ASP A 27 5.21 11.39 -3.03
CA ASP A 27 4.85 11.23 -1.62
C ASP A 27 3.57 10.44 -1.52
N VAL A 28 3.49 9.54 -0.53
CA VAL A 28 2.30 8.73 -0.35
C VAL A 28 1.86 8.72 1.11
N THR A 29 0.56 8.52 1.31
CA THR A 29 0.00 8.48 2.67
C THR A 29 -0.34 7.05 3.05
N VAL A 30 0.11 6.66 4.24
CA VAL A 30 -0.15 5.32 4.74
C VAL A 30 -0.99 5.36 6.01
N ALA A 31 -2.07 4.58 6.02
CA ALA A 31 -2.94 4.53 7.17
C ALA A 31 -3.14 3.07 7.60
N LYS A 32 -3.36 2.88 8.88
CA LYS A 32 -3.54 1.53 9.42
C LYS A 32 -5.00 1.26 9.74
N LEU A 33 -5.55 0.19 9.17
CA LEU A 33 -6.94 -0.18 9.42
C LEU A 33 -7.01 -1.39 10.31
N HIS A 34 -8.14 -1.56 11.00
CA HIS A 34 -8.32 -2.69 11.91
C HIS A 34 -7.85 -3.97 11.24
N ASN A 35 -7.12 -4.78 11.99
CA ASN A 35 -6.57 -6.02 11.45
C ASN A 35 -7.63 -6.88 10.78
N ILE A 36 -7.53 -7.03 9.47
CA ILE A 36 -8.47 -7.86 8.73
C ILE A 36 -7.78 -9.12 8.22
N ASP A 37 -8.49 -10.23 8.24
CA ASP A 37 -7.93 -11.50 7.79
C ASP A 37 -7.44 -11.41 6.33
N PRO A 38 -6.19 -11.71 6.06
CA PRO A 38 -5.63 -11.65 4.66
C PRO A 38 -6.34 -12.62 3.71
N GLU A 39 -7.02 -13.61 4.29
CA GLU A 39 -7.74 -14.60 3.50
C GLU A 39 -8.83 -13.95 2.65
N ASP A 40 -9.51 -12.96 3.22
CA ASP A 40 -10.57 -12.27 2.50
C ASP A 40 -10.00 -11.33 1.45
N HIS A 41 -9.50 -11.90 0.36
CA HIS A 41 -8.94 -11.10 -0.71
C HIS A 41 -10.03 -10.33 -1.46
N GLU A 42 -11.26 -10.81 -1.35
CA GLU A 42 -12.39 -10.17 -2.03
C GLU A 42 -12.64 -8.76 -1.49
N ARG A 43 -12.56 -8.60 -0.17
CA ARG A 43 -12.77 -7.29 0.42
C ARG A 43 -11.49 -6.45 0.33
N ILE A 44 -10.35 -7.12 0.44
CA ILE A 44 -9.07 -6.43 0.37
C ILE A 44 -8.91 -5.79 -1.00
N ARG A 45 -9.18 -6.58 -2.04
CA ARG A 45 -9.07 -6.08 -3.40
C ARG A 45 -10.16 -5.05 -3.67
N ALA A 46 -11.31 -5.23 -3.03
CA ALA A 46 -12.40 -4.28 -3.19
C ALA A 46 -11.93 -2.91 -2.71
N LEU A 47 -11.19 -2.93 -1.62
CA LEU A 47 -10.65 -1.69 -1.05
C LEU A 47 -9.34 -1.31 -1.74
N GLN A 48 -8.73 -2.23 -2.47
CA GLN A 48 -7.50 -1.91 -3.16
C GLN A 48 -7.84 -1.16 -4.45
N ARG A 49 -9.13 -1.18 -4.83
CA ARG A 49 -9.57 -0.49 -6.03
C ARG A 49 -10.25 0.84 -5.68
N ASN A 50 -11.05 0.84 -4.61
CA ASN A 50 -11.76 2.04 -4.20
C ASN A 50 -11.09 2.70 -3.00
N GLY A 51 -10.35 1.91 -2.21
CA GLY A 51 -9.67 2.44 -1.03
C GLY A 51 -10.43 2.09 0.25
N VAL A 52 -9.70 2.02 1.35
CA VAL A 52 -10.31 1.68 2.64
C VAL A 52 -11.21 2.83 3.12
N PRO A 53 -12.37 2.56 3.68
CA PRO A 53 -13.26 3.65 4.19
C PRO A 53 -12.71 4.29 5.44
N SER A 54 -12.95 5.59 5.59
CA SER A 54 -12.48 6.32 6.75
C SER A 54 -13.27 5.90 7.99
N THR A 55 -14.39 5.22 7.77
CA THR A 55 -15.22 4.77 8.88
C THR A 55 -14.47 3.73 9.72
N ILE A 56 -13.53 3.04 9.08
CA ILE A 56 -12.73 2.04 9.76
C ILE A 56 -11.84 2.69 10.80
N SER A 57 -11.70 2.04 11.95
CA SER A 57 -10.87 2.59 13.00
C SER A 57 -9.44 2.68 12.50
N GLU A 58 -8.79 3.80 12.74
CA GLU A 58 -7.43 3.98 12.26
C GLU A 58 -6.46 4.34 13.39
N GLU A 59 -5.18 4.11 13.13
CA GLU A 59 -4.13 4.42 14.09
C GLU A 59 -3.40 5.67 13.60
N GLN A 60 -2.29 6.01 14.26
CA GLN A 60 -1.55 7.20 13.84
C GLN A 60 -1.13 7.04 12.37
N PRO A 61 -1.07 8.12 11.64
CA PRO A 61 -0.69 8.08 10.18
C PRO A 61 0.80 7.84 9.95
N HIS A 62 1.10 7.26 8.80
CA HIS A 62 2.48 6.97 8.41
C HIS A 62 2.77 7.60 7.05
N THR A 63 4.03 7.87 6.78
CA THR A 63 4.42 8.50 5.52
C THR A 63 5.43 7.64 4.78
N ALA A 64 5.41 7.77 3.45
CA ALA A 64 6.33 7.00 2.61
C ALA A 64 6.42 7.61 1.21
N ARG A 65 7.29 7.06 0.38
CA ARG A 65 7.46 7.55 -0.98
C ARG A 65 7.42 6.37 -1.95
N THR A 66 6.97 6.62 -3.18
CA THR A 66 6.88 5.55 -4.18
C THR A 66 7.53 5.96 -5.50
N ASP A 67 7.74 4.97 -6.36
CA ASP A 67 8.37 5.18 -7.66
C ASP A 67 7.35 5.26 -8.79
N ALA A 68 7.83 5.70 -9.95
CA ALA A 68 6.98 5.85 -11.14
C ALA A 68 6.36 4.52 -11.55
N THR A 69 6.97 3.42 -11.12
CA THR A 69 6.48 2.09 -11.47
C THR A 69 5.36 1.63 -10.53
N GLY A 70 4.89 2.53 -9.67
CA GLY A 70 3.82 2.17 -8.74
C GLY A 70 4.34 1.25 -7.65
N THR A 71 5.64 1.29 -7.41
CA THR A 71 6.25 0.45 -6.38
C THR A 71 6.68 1.29 -5.19
N ALA A 72 6.41 0.80 -3.99
CA ALA A 72 6.79 1.53 -2.78
C ALA A 72 7.25 0.56 -1.69
N THR A 73 8.08 1.07 -0.78
CA THR A 73 8.60 0.24 0.30
C THR A 73 8.27 0.82 1.67
N ILE A 74 7.68 -0.01 2.53
CA ILE A 74 7.33 0.40 3.88
C ILE A 74 7.81 -0.64 4.88
N THR A 75 8.45 -0.19 5.96
CA THR A 75 8.97 -1.13 6.96
C THR A 75 8.73 -0.63 8.39
N ASN A 76 8.99 -1.52 9.35
CA ASN A 76 8.81 -1.20 10.76
C ASN A 76 7.37 -0.84 11.11
N LEU A 77 6.41 -1.56 10.52
CA LEU A 77 4.99 -1.31 10.82
C LEU A 77 4.39 -2.50 11.58
N PRO A 78 3.40 -2.26 12.42
CA PRO A 78 2.75 -3.35 13.22
C PRO A 78 1.83 -4.21 12.35
N PRO A 79 1.52 -5.41 12.77
CA PRO A 79 0.64 -6.34 12.00
C PRO A 79 -0.74 -5.74 11.76
N GLY A 80 -1.28 -6.02 10.57
CA GLY A 80 -2.59 -5.51 10.20
C GLY A 80 -2.63 -5.16 8.73
N THR A 81 -3.69 -4.48 8.31
CA THR A 81 -3.83 -4.09 6.92
C THR A 81 -3.50 -2.62 6.74
N TYR A 82 -2.87 -2.30 5.62
CA TYR A 82 -2.46 -0.92 5.37
C TYR A 82 -3.17 -0.37 4.13
N VAL A 83 -3.25 0.95 4.06
CA VAL A 83 -3.84 1.61 2.91
C VAL A 83 -2.81 2.55 2.32
N ILE A 84 -2.67 2.55 1.00
CA ILE A 84 -1.68 3.39 0.34
C ILE A 84 -2.31 4.24 -0.75
N ARG A 85 -2.04 5.55 -0.71
CA ARG A 85 -2.60 6.44 -1.72
C ARG A 85 -1.56 7.46 -2.16
N ASP A 86 -1.72 7.98 -3.38
CA ASP A 86 -0.77 8.94 -3.93
C ASP A 86 -1.04 10.37 -3.44
N THR A 87 -0.22 10.81 -2.50
CA THR A 87 -0.33 12.16 -1.94
C THR A 87 0.10 13.24 -2.94
N ASN A 88 1.15 12.97 -3.71
CA ASN A 88 1.67 13.95 -4.66
C ASN A 88 0.62 14.32 -5.70
N THR A 89 0.44 15.61 -5.93
CA THR A 89 -0.57 16.06 -6.89
C THR A 89 0.04 16.32 -8.27
N THR A 90 1.36 16.41 -8.36
CA THR A 90 2.00 16.68 -9.64
C THR A 90 1.72 15.56 -10.64
N LYS A 91 1.94 14.31 -10.21
CA LYS A 91 1.69 13.16 -11.08
C LYS A 91 1.22 11.95 -10.28
N PRO A 92 -0.06 11.66 -10.22
CA PRO A 92 -0.56 10.47 -9.47
C PRO A 92 0.15 9.21 -9.92
N ARG A 93 0.63 8.45 -8.95
CA ARG A 93 1.34 7.22 -9.24
C ARG A 93 0.40 6.04 -9.19
N PHE A 94 -0.61 6.13 -8.34
CA PHE A 94 -1.57 5.03 -8.22
C PHE A 94 -2.82 5.44 -7.42
N SER A 95 -3.83 4.58 -7.50
CA SER A 95 -5.07 4.79 -6.78
C SER A 95 -4.95 4.11 -5.42
N PRO A 96 -5.86 4.33 -4.50
CA PRO A 96 -5.79 3.71 -3.14
C PRO A 96 -5.61 2.19 -3.23
N LEU A 97 -4.66 1.66 -2.45
CA LEU A 97 -4.37 0.22 -2.43
C LEU A 97 -4.44 -0.32 -1.01
N VAL A 98 -4.92 -1.56 -0.86
CA VAL A 98 -5.02 -2.17 0.47
C VAL A 98 -4.36 -3.55 0.50
N ILE A 99 -3.49 -3.77 1.47
CA ILE A 99 -2.80 -5.06 1.61
C ILE A 99 -2.68 -5.47 3.10
N PRO A 100 -2.86 -6.75 3.41
CA PRO A 100 -2.77 -7.27 4.82
C PRO A 100 -1.35 -7.70 5.22
N LEU A 101 -1.08 -7.71 6.54
CA LEU A 101 0.22 -8.13 7.03
C LEU A 101 0.08 -8.85 8.37
N GLY A 102 0.10 -10.19 8.32
CA GLY A 102 0.00 -11.03 9.51
C GLY A 102 -0.96 -10.47 10.57
N ILE A 103 -2.17 -11.00 10.61
CA ILE A 103 -3.14 -10.55 11.60
C ILE A 103 -2.88 -11.21 12.96
N ASP A 104 -1.66 -11.10 13.44
CA ASP A 104 -1.29 -11.70 14.71
C ASP A 104 -0.38 -10.75 15.50
N THR A 105 0.01 -11.16 16.70
CA THR A 105 0.88 -10.33 17.54
C THR A 105 2.26 -10.19 16.92
N THR A 106 2.67 -11.19 16.15
CA THR A 106 3.97 -11.16 15.50
C THR A 106 3.93 -10.27 14.26
N SER A 107 5.10 -9.91 13.74
CA SER A 107 5.16 -9.06 12.56
C SER A 107 5.91 -9.77 11.43
N PRO A 108 5.21 -10.47 10.56
CA PRO A 108 5.83 -11.18 9.42
C PRO A 108 6.17 -10.26 8.25
N THR A 109 6.87 -10.80 7.27
CA THR A 109 7.26 -10.03 6.09
C THR A 109 6.40 -10.46 4.89
N MET A 110 5.78 -9.49 4.24
CA MET A 110 4.92 -9.81 3.10
C MET A 110 5.19 -8.90 1.90
N THR A 111 5.24 -9.52 0.73
CA THR A 111 5.46 -8.79 -0.51
C THR A 111 4.36 -9.16 -1.49
N LEU A 112 3.66 -8.15 -2.00
CA LEU A 112 2.57 -8.39 -2.93
C LEU A 112 2.56 -7.36 -4.05
N ARG A 113 2.15 -7.78 -5.23
CA ARG A 113 2.09 -6.87 -6.37
C ARG A 113 0.65 -6.79 -6.87
N PRO A 114 -0.17 -5.99 -6.23
CA PRO A 114 -1.62 -5.84 -6.59
C PRO A 114 -1.86 -5.51 -8.06
N LYS A 115 -2.87 -6.15 -8.64
CA LYS A 115 -3.23 -5.90 -10.03
C LYS A 115 -4.46 -5.00 -10.07
N LEU A 116 -4.24 -3.73 -10.35
CA LEU A 116 -5.33 -2.77 -10.39
C LEU A 116 -5.58 -2.27 -11.80
N ILE A 117 -6.85 -2.28 -12.21
CA ILE A 117 -7.20 -1.79 -13.52
C ILE A 117 -7.06 -0.28 -13.57
N ASP A 118 -6.35 0.23 -14.57
CA ASP A 118 -6.12 1.67 -14.69
C ASP A 118 -7.44 2.42 -14.53
N ALA A 119 -7.43 3.41 -13.62
CA ALA A 119 -8.61 4.21 -13.34
C ALA A 119 -8.22 5.59 -12.85
N THR A 120 -9.21 6.43 -12.60
CA THR A 120 -8.97 7.78 -12.12
C THR A 120 -8.13 7.73 -10.84
N PRO A 121 -7.22 8.65 -10.63
CA PRO A 121 -6.35 8.66 -9.41
C PRO A 121 -7.15 8.48 -8.12
N GLY A 122 -8.30 9.14 -8.03
CA GLY A 122 -9.15 9.02 -6.85
C GLY A 122 -8.62 9.82 -5.67
N ALA A 123 -7.37 9.58 -5.28
CA ALA A 123 -6.80 10.29 -4.15
C ALA A 123 -6.88 11.81 -4.34
N PRO A 124 -6.33 12.36 -5.40
CA PRO A 124 -6.41 13.82 -5.65
C PRO A 124 -7.81 14.24 -6.05
N ASN A 125 -8.54 13.30 -6.65
CA ASN A 125 -9.92 13.54 -7.08
C ASN A 125 -10.00 14.76 -8.00
N VAL A 126 -9.04 14.90 -8.91
CA VAL A 126 -9.03 16.01 -9.85
C VAL A 126 -8.29 15.63 -11.13
N GLN A 1 7.81 -12.20 13.58
CA GLN A 1 8.84 -11.61 14.48
C GLN A 1 8.57 -10.12 14.64
N GLU A 2 9.35 -9.46 15.50
CA GLU A 2 9.18 -8.03 15.74
C GLU A 2 9.44 -7.24 14.45
N ALA A 3 10.49 -7.61 13.74
CA ALA A 3 10.84 -6.93 12.49
C ALA A 3 9.79 -7.19 11.43
N ASN A 4 9.47 -6.16 10.64
CA ASN A 4 8.48 -6.30 9.58
C ASN A 4 8.76 -5.32 8.45
N THR A 5 8.41 -5.72 7.23
CA THR A 5 8.62 -4.88 6.06
C THR A 5 7.36 -4.87 5.18
N LEU A 6 6.96 -3.68 4.76
CA LEU A 6 5.79 -3.54 3.91
C LEU A 6 6.20 -3.15 2.50
N VAL A 7 5.92 -4.02 1.54
CA VAL A 7 6.28 -3.74 0.16
C VAL A 7 5.03 -3.74 -0.73
N ILE A 8 4.79 -2.63 -1.39
CA ILE A 8 3.63 -2.50 -2.28
C ILE A 8 4.10 -2.30 -3.70
N ASP A 9 3.94 -3.34 -4.53
CA ASP A 9 4.37 -3.26 -5.92
C ASP A 9 3.16 -3.26 -6.86
N LEU A 10 3.13 -2.30 -7.78
CA LEU A 10 2.02 -2.20 -8.73
C LEU A 10 2.50 -2.39 -10.17
N GLU A 11 3.76 -2.77 -10.35
CA GLU A 11 4.31 -2.99 -11.68
C GLU A 11 5.17 -4.23 -11.70
N PRO A 12 5.40 -4.81 -12.85
CA PRO A 12 6.24 -6.04 -12.94
C PRO A 12 7.57 -5.83 -12.20
N PRO A 13 7.95 -6.71 -11.32
CA PRO A 13 9.20 -6.56 -10.55
C PRO A 13 10.41 -7.16 -11.26
N ALA A 14 11.48 -6.39 -11.33
CA ALA A 14 12.69 -6.87 -12.00
C ALA A 14 12.37 -7.35 -13.41
N ALA A 15 11.56 -6.56 -14.11
CA ALA A 15 11.18 -6.92 -15.48
C ALA A 15 12.41 -7.02 -16.37
N PHE A 16 13.36 -6.13 -16.15
CA PHE A 16 14.59 -6.14 -16.95
C PHE A 16 15.72 -6.85 -16.22
N ALA A 17 15.40 -7.56 -15.14
CA ALA A 17 16.41 -8.28 -14.38
C ALA A 17 17.44 -7.30 -13.81
N ASP A 18 16.94 -6.24 -13.18
CA ASP A 18 17.80 -5.23 -12.60
C ASP A 18 17.06 -4.47 -11.50
N ASP A 19 17.66 -3.40 -10.99
CA ASP A 19 17.04 -2.61 -9.93
C ASP A 19 15.75 -1.93 -10.42
N GLN A 20 15.52 -1.98 -11.74
CA GLN A 20 14.34 -1.37 -12.34
C GLN A 20 14.46 0.15 -12.27
N PRO A 21 13.64 0.85 -13.01
CA PRO A 21 13.67 2.34 -13.05
C PRO A 21 13.71 2.96 -11.66
N GLN A 22 14.91 3.28 -11.19
CA GLN A 22 15.06 3.88 -9.86
C GLN A 22 14.52 5.30 -9.84
N GLY A 23 13.88 5.66 -8.74
CA GLY A 23 13.31 7.00 -8.57
C GLY A 23 12.77 7.16 -7.15
N HIS A 24 12.49 8.40 -6.75
CA HIS A 24 11.99 8.64 -5.41
C HIS A 24 11.55 10.09 -5.23
N ASN A 25 10.38 10.43 -5.78
CA ASN A 25 9.87 11.79 -5.66
C ASN A 25 8.36 11.78 -5.42
N ILE A 26 7.80 10.63 -5.05
CA ILE A 26 6.36 10.55 -4.84
C ILE A 26 6.02 10.38 -3.36
N ASP A 27 5.07 11.18 -2.90
CA ASP A 27 4.63 11.12 -1.51
C ASP A 27 3.38 10.25 -1.40
N VAL A 28 3.29 9.47 -0.33
CA VAL A 28 2.14 8.60 -0.13
C VAL A 28 1.63 8.69 1.30
N THR A 29 0.34 8.43 1.47
CA THR A 29 -0.28 8.47 2.79
C THR A 29 -0.64 7.08 3.26
N VAL A 30 -0.26 6.77 4.50
CA VAL A 30 -0.54 5.48 5.09
C VAL A 30 -1.34 5.66 6.39
N ALA A 31 -2.43 4.92 6.50
CA ALA A 31 -3.27 5.01 7.69
C ALA A 31 -3.59 3.61 8.19
N LYS A 32 -3.45 3.42 9.49
CA LYS A 32 -3.73 2.13 10.09
C LYS A 32 -5.21 1.83 10.05
N LEU A 33 -5.55 0.61 9.67
CA LEU A 33 -6.95 0.20 9.57
C LEU A 33 -7.23 -0.98 10.48
N HIS A 34 -8.49 -1.13 10.88
CA HIS A 34 -8.88 -2.23 11.74
C HIS A 34 -8.36 -3.55 11.15
N ASN A 35 -7.79 -4.38 12.00
CA ASN A 35 -7.22 -5.64 11.55
C ASN A 35 -8.24 -6.48 10.80
N ILE A 36 -7.89 -6.89 9.58
CA ILE A 36 -8.79 -7.72 8.78
C ILE A 36 -8.06 -8.97 8.30
N ASP A 37 -8.77 -10.09 8.32
CA ASP A 37 -8.18 -11.36 7.91
C ASP A 37 -7.62 -11.28 6.47
N PRO A 38 -6.33 -11.54 6.27
CA PRO A 38 -5.72 -11.51 4.91
C PRO A 38 -6.37 -12.52 3.97
N GLU A 39 -7.09 -13.49 4.54
CA GLU A 39 -7.75 -14.52 3.76
C GLU A 39 -8.75 -13.91 2.79
N ASP A 40 -9.44 -12.87 3.24
CA ASP A 40 -10.43 -12.21 2.40
C ASP A 40 -9.74 -11.38 1.33
N HIS A 41 -9.17 -12.06 0.33
CA HIS A 41 -8.47 -11.35 -0.74
C HIS A 41 -9.42 -10.44 -1.50
N GLU A 42 -10.64 -10.92 -1.72
CA GLU A 42 -11.64 -10.12 -2.43
C GLU A 42 -11.94 -8.83 -1.67
N ARG A 43 -12.08 -8.94 -0.36
CA ARG A 43 -12.37 -7.78 0.47
C ARG A 43 -11.25 -6.74 0.38
N ILE A 44 -10.01 -7.20 0.46
CA ILE A 44 -8.86 -6.29 0.40
C ILE A 44 -8.82 -5.59 -0.95
N ARG A 45 -9.00 -6.37 -2.02
CA ARG A 45 -8.97 -5.81 -3.37
C ARG A 45 -10.13 -4.85 -3.58
N ALA A 46 -11.29 -5.18 -3.01
CA ALA A 46 -12.45 -4.33 -3.17
C ALA A 46 -12.16 -2.94 -2.61
N LEU A 47 -11.49 -2.90 -1.47
CA LEU A 47 -11.13 -1.63 -0.84
C LEU A 47 -9.88 -1.05 -1.50
N GLN A 48 -9.12 -1.89 -2.20
CA GLN A 48 -7.91 -1.41 -2.87
C GLN A 48 -8.31 -0.59 -4.09
N ARG A 49 -9.47 -0.91 -4.66
CA ARG A 49 -9.94 -0.20 -5.84
C ARG A 49 -10.96 0.88 -5.46
N ASN A 50 -11.80 0.60 -4.48
CA ASN A 50 -12.80 1.56 -4.03
C ASN A 50 -12.20 2.54 -3.03
N GLY A 51 -11.24 2.06 -2.25
CA GLY A 51 -10.58 2.89 -1.25
C GLY A 51 -11.18 2.63 0.13
N VAL A 52 -10.34 2.76 1.16
CA VAL A 52 -10.78 2.52 2.52
C VAL A 52 -11.62 3.70 3.07
N PRO A 53 -12.82 3.44 3.58
CA PRO A 53 -13.68 4.53 4.14
C PRO A 53 -13.13 5.05 5.46
N SER A 54 -13.34 6.34 5.70
CA SER A 54 -12.88 6.95 6.94
C SER A 54 -13.74 6.50 8.12
N THR A 55 -14.84 5.81 7.82
CA THR A 55 -15.74 5.35 8.87
C THR A 55 -15.06 4.27 9.73
N ILE A 56 -14.04 3.63 9.16
CA ILE A 56 -13.31 2.60 9.87
C ILE A 56 -12.35 3.23 10.86
N SER A 57 -12.22 2.63 12.05
CA SER A 57 -11.34 3.18 13.07
C SER A 57 -9.89 3.12 12.59
N GLU A 58 -9.23 4.28 12.63
CA GLU A 58 -7.85 4.36 12.21
C GLU A 58 -6.97 4.92 13.32
N GLU A 59 -5.70 4.51 13.33
CA GLU A 59 -4.75 4.99 14.33
C GLU A 59 -3.99 6.19 13.78
N GLN A 60 -2.96 6.62 14.51
CA GLN A 60 -2.16 7.76 14.08
C GLN A 60 -1.67 7.57 12.64
N PRO A 61 -1.78 8.57 11.78
CA PRO A 61 -1.35 8.47 10.36
C PRO A 61 0.17 8.45 10.20
N HIS A 62 0.63 7.83 9.11
CA HIS A 62 2.06 7.74 8.82
C HIS A 62 2.35 8.29 7.43
N THR A 63 3.58 8.70 7.21
CA THR A 63 3.98 9.23 5.93
C THR A 63 5.08 8.39 5.31
N ALA A 64 5.10 8.34 3.97
CA ALA A 64 6.11 7.56 3.27
C ALA A 64 6.24 8.05 1.84
N ARG A 65 7.28 7.62 1.15
CA ARG A 65 7.50 8.01 -0.24
C ARG A 65 7.76 6.79 -1.10
N THR A 66 7.35 6.85 -2.35
CA THR A 66 7.52 5.73 -3.26
C THR A 66 8.16 6.16 -4.56
N ASP A 67 8.66 5.19 -5.33
CA ASP A 67 9.31 5.50 -6.59
C ASP A 67 8.30 5.53 -7.73
N ALA A 68 8.78 5.80 -8.95
CA ALA A 68 7.92 5.84 -10.12
C ALA A 68 7.64 4.44 -10.66
N THR A 69 8.34 3.45 -10.12
CA THR A 69 8.15 2.07 -10.57
C THR A 69 6.90 1.44 -9.96
N GLY A 70 6.15 2.21 -9.17
CA GLY A 70 4.95 1.69 -8.55
C GLY A 70 5.30 0.82 -7.34
N THR A 71 6.53 0.97 -6.84
CA THR A 71 6.95 0.19 -5.69
C THR A 71 7.10 1.08 -4.46
N ALA A 72 6.88 0.50 -3.29
CA ALA A 72 6.97 1.26 -2.05
C ALA A 72 7.59 0.41 -0.93
N THR A 73 8.26 1.06 0.01
CA THR A 73 8.87 0.35 1.12
C THR A 73 8.63 1.08 2.44
N ILE A 74 8.07 0.36 3.41
CA ILE A 74 7.80 0.93 4.72
C ILE A 74 8.26 -0.02 5.82
N THR A 75 8.93 0.53 6.84
CA THR A 75 9.44 -0.29 7.94
C THR A 75 8.85 0.16 9.28
N ASN A 76 8.95 -0.71 10.29
CA ASN A 76 8.43 -0.39 11.61
C ASN A 76 6.92 -0.19 11.62
N LEU A 77 6.20 -1.16 11.08
CA LEU A 77 4.73 -1.08 11.04
C LEU A 77 4.11 -2.22 11.85
N PRO A 78 3.10 -1.94 12.66
CA PRO A 78 2.43 -2.98 13.49
C PRO A 78 1.50 -3.85 12.64
N PRO A 79 1.06 -4.97 13.17
CA PRO A 79 0.15 -5.88 12.42
C PRO A 79 -1.22 -5.24 12.20
N GLY A 80 -1.76 -5.42 11.01
CA GLY A 80 -3.05 -4.85 10.67
C GLY A 80 -3.13 -4.53 9.19
N THR A 81 -4.19 -3.85 8.79
CA THR A 81 -4.37 -3.49 7.40
C THR A 81 -4.16 -2.00 7.22
N TYR A 82 -3.39 -1.64 6.20
CA TYR A 82 -3.11 -0.22 5.96
C TYR A 82 -3.77 0.26 4.68
N VAL A 83 -4.06 1.56 4.65
CA VAL A 83 -4.65 2.19 3.48
C VAL A 83 -3.59 3.07 2.84
N ILE A 84 -3.40 2.90 1.54
CA ILE A 84 -2.40 3.66 0.82
C ILE A 84 -3.04 4.50 -0.27
N ARG A 85 -2.53 5.70 -0.48
CA ARG A 85 -3.07 6.57 -1.52
C ARG A 85 -2.01 7.57 -1.99
N ASP A 86 -1.92 7.73 -3.31
CA ASP A 86 -0.94 8.65 -3.89
C ASP A 86 -1.18 10.08 -3.39
N THR A 87 -0.36 10.50 -2.43
CA THR A 87 -0.47 11.85 -1.86
C THR A 87 -0.10 12.89 -2.91
N ASN A 88 0.92 12.60 -3.71
CA ASN A 88 1.36 13.54 -4.73
C ASN A 88 0.23 13.81 -5.73
N THR A 89 0.00 15.08 -6.02
CA THR A 89 -1.06 15.46 -6.95
C THR A 89 -0.50 15.88 -8.29
N THR A 90 0.81 16.12 -8.35
CA THR A 90 1.43 16.55 -9.58
C THR A 90 1.44 15.43 -10.61
N LYS A 91 1.82 14.24 -10.17
CA LYS A 91 1.87 13.09 -11.05
C LYS A 91 1.55 11.81 -10.27
N PRO A 92 0.30 11.51 -10.05
CA PRO A 92 -0.09 10.30 -9.28
C PRO A 92 0.62 9.06 -9.80
N ARG A 93 1.39 8.45 -8.91
CA ARG A 93 2.16 7.26 -9.26
C ARG A 93 1.26 6.04 -9.31
N PHE A 94 0.26 6.02 -8.43
CA PHE A 94 -0.65 4.87 -8.39
C PHE A 94 -1.95 5.22 -7.69
N SER A 95 -2.95 4.36 -7.90
CA SER A 95 -4.25 4.53 -7.27
C SER A 95 -4.21 3.93 -5.87
N PRO A 96 -5.09 4.32 -5.01
CA PRO A 96 -5.12 3.80 -3.61
C PRO A 96 -5.04 2.29 -3.56
N LEU A 97 -4.38 1.77 -2.51
CA LEU A 97 -4.20 0.33 -2.35
C LEU A 97 -4.43 -0.09 -0.90
N VAL A 98 -4.87 -1.32 -0.71
CA VAL A 98 -5.11 -1.85 0.63
C VAL A 98 -4.39 -3.19 0.80
N ILE A 99 -3.65 -3.34 1.88
CA ILE A 99 -2.93 -4.59 2.12
C ILE A 99 -2.88 -4.97 3.61
N PRO A 100 -3.29 -6.17 3.97
CA PRO A 100 -3.25 -6.64 5.38
C PRO A 100 -1.88 -7.17 5.79
N LEU A 101 -1.60 -7.15 7.09
CA LEU A 101 -0.32 -7.64 7.60
C LEU A 101 -0.50 -8.40 8.92
N GLY A 102 -0.50 -9.73 8.82
CA GLY A 102 -0.63 -10.62 9.98
C GLY A 102 -1.51 -10.02 11.08
N ILE A 103 -2.79 -10.34 11.06
CA ILE A 103 -3.70 -9.81 12.08
C ILE A 103 -3.50 -10.53 13.42
N ASP A 104 -2.34 -10.34 14.02
CA ASP A 104 -2.04 -10.98 15.30
C ASP A 104 -1.13 -10.08 16.14
N THR A 105 -0.75 -10.57 17.32
CA THR A 105 0.11 -9.80 18.21
C THR A 105 1.49 -9.58 17.58
N THR A 106 1.96 -10.56 16.82
CA THR A 106 3.26 -10.44 16.17
C THR A 106 3.15 -9.62 14.89
N SER A 107 4.29 -9.19 14.36
CA SER A 107 4.29 -8.40 13.13
C SER A 107 5.13 -9.08 12.05
N PRO A 108 4.51 -9.87 11.20
CA PRO A 108 5.23 -10.57 10.09
C PRO A 108 5.51 -9.64 8.91
N THR A 109 6.47 -10.02 8.07
CA THR A 109 6.81 -9.23 6.91
C THR A 109 5.88 -9.60 5.75
N MET A 110 5.22 -8.60 5.18
CA MET A 110 4.30 -8.85 4.08
C MET A 110 4.76 -8.15 2.80
N THR A 111 4.96 -8.94 1.76
CA THR A 111 5.40 -8.42 0.48
C THR A 111 4.47 -8.91 -0.62
N LEU A 112 3.71 -7.99 -1.21
CA LEU A 112 2.80 -8.35 -2.28
C LEU A 112 2.89 -7.36 -3.44
N ARG A 113 2.38 -7.76 -4.59
CA ARG A 113 2.38 -6.93 -5.76
C ARG A 113 0.95 -6.78 -6.28
N PRO A 114 0.16 -5.95 -5.64
CA PRO A 114 -1.27 -5.72 -6.02
C PRO A 114 -1.43 -5.38 -7.49
N LYS A 115 -2.40 -6.03 -8.13
CA LYS A 115 -2.67 -5.77 -9.53
C LYS A 115 -3.94 -4.93 -9.66
N LEU A 116 -3.76 -3.66 -9.98
CA LEU A 116 -4.89 -2.75 -10.14
C LEU A 116 -4.85 -2.10 -11.51
N ILE A 117 -5.95 -2.20 -12.25
CA ILE A 117 -6.00 -1.60 -13.58
C ILE A 117 -5.70 -0.10 -13.47
N ASP A 118 -4.68 0.33 -14.20
CA ASP A 118 -4.29 1.74 -14.17
C ASP A 118 -5.47 2.62 -14.57
N ALA A 119 -5.45 3.87 -14.10
CA ALA A 119 -6.52 4.80 -14.41
C ALA A 119 -6.07 6.23 -14.19
N THR A 120 -6.74 7.18 -14.85
CA THR A 120 -6.41 8.58 -14.69
C THR A 120 -6.53 9.00 -13.21
N PRO A 121 -7.68 8.81 -12.60
CA PRO A 121 -7.90 9.18 -11.17
C PRO A 121 -7.30 8.14 -10.22
N GLY A 122 -7.69 8.23 -8.95
CA GLY A 122 -7.18 7.30 -7.93
C GLY A 122 -7.39 7.91 -6.56
N ALA A 123 -6.42 8.72 -6.13
CA ALA A 123 -6.54 9.39 -4.85
C ALA A 123 -7.90 10.11 -4.76
N PRO A 124 -8.24 10.93 -5.72
CA PRO A 124 -9.56 11.64 -5.74
C PRO A 124 -10.70 10.71 -6.15
N ASN A 125 -10.38 9.48 -6.53
CA ASN A 125 -11.41 8.52 -6.96
C ASN A 125 -12.43 8.31 -5.84
N VAL A 126 -11.94 8.20 -4.61
CA VAL A 126 -12.82 8.00 -3.47
C VAL A 126 -13.83 9.13 -3.36
N GLN A 1 9.38 -2.82 19.55
CA GLN A 1 8.74 -2.92 18.21
C GLN A 1 9.46 -3.99 17.40
N GLU A 2 8.74 -4.58 16.44
CA GLU A 2 9.32 -5.61 15.59
C GLU A 2 9.48 -5.09 14.16
N ALA A 3 10.69 -5.22 13.63
CA ALA A 3 10.97 -4.76 12.27
C ALA A 3 10.14 -5.54 11.26
N ASN A 4 9.71 -4.86 10.20
CA ASN A 4 8.90 -5.50 9.18
C ASN A 4 9.10 -4.83 7.82
N THR A 5 8.92 -5.59 6.75
CA THR A 5 9.10 -5.05 5.40
C THR A 5 7.82 -5.23 4.58
N LEU A 6 7.38 -4.14 3.96
CA LEU A 6 6.18 -4.17 3.14
C LEU A 6 6.51 -3.68 1.72
N VAL A 7 6.32 -4.56 0.73
CA VAL A 7 6.60 -4.20 -0.65
C VAL A 7 5.36 -4.32 -1.52
N ILE A 8 5.07 -3.24 -2.25
CA ILE A 8 3.90 -3.22 -3.14
C ILE A 8 4.32 -3.01 -4.58
N ASP A 9 3.86 -3.90 -5.45
CA ASP A 9 4.19 -3.81 -6.87
C ASP A 9 2.91 -3.80 -7.70
N LEU A 10 2.50 -2.61 -8.12
CA LEU A 10 1.29 -2.45 -8.93
C LEU A 10 1.40 -3.27 -10.20
N GLU A 11 2.61 -3.34 -10.75
CA GLU A 11 2.85 -4.08 -11.98
C GLU A 11 4.01 -5.05 -11.76
N PRO A 12 4.08 -6.11 -12.52
CA PRO A 12 5.18 -7.09 -12.37
C PRO A 12 6.55 -6.40 -12.48
N PRO A 13 7.36 -6.42 -11.44
CA PRO A 13 8.70 -5.77 -11.46
C PRO A 13 9.74 -6.66 -12.12
N ALA A 14 10.97 -6.19 -12.13
CA ALA A 14 12.07 -6.95 -12.75
C ALA A 14 13.10 -7.33 -11.69
N ALA A 15 13.91 -6.36 -11.30
CA ALA A 15 14.94 -6.60 -10.29
C ALA A 15 14.28 -6.98 -8.97
N PHE A 16 15.03 -7.70 -8.14
CA PHE A 16 14.50 -8.13 -6.85
C PHE A 16 14.40 -6.95 -5.90
N ALA A 17 13.41 -6.10 -6.15
CA ALA A 17 13.19 -4.93 -5.31
C ALA A 17 14.50 -4.13 -5.16
N ASP A 18 15.27 -4.05 -6.24
CA ASP A 18 16.54 -3.33 -6.19
C ASP A 18 16.43 -1.93 -6.81
N ASP A 19 15.96 -1.86 -8.05
CA ASP A 19 15.83 -0.56 -8.73
C ASP A 19 14.38 -0.15 -8.92
N GLN A 20 13.49 -1.13 -9.01
CA GLN A 20 12.06 -0.85 -9.19
C GLN A 20 11.47 -0.05 -8.02
N PRO A 21 11.60 -0.52 -6.80
CA PRO A 21 11.04 0.20 -5.61
C PRO A 21 11.76 1.53 -5.33
N GLN A 22 12.93 1.71 -5.93
CA GLN A 22 13.68 2.95 -5.71
C GLN A 22 13.00 4.12 -6.44
N GLY A 23 12.16 4.85 -5.72
CA GLY A 23 11.45 5.98 -6.31
C GLY A 23 11.90 7.29 -5.66
N HIS A 24 11.46 7.51 -4.42
CA HIS A 24 11.81 8.72 -3.70
C HIS A 24 11.35 9.96 -4.46
N ASN A 25 10.19 9.87 -5.09
CA ASN A 25 9.65 11.00 -5.85
C ASN A 25 8.19 11.26 -5.49
N ILE A 26 7.37 10.23 -5.61
CA ILE A 26 5.94 10.37 -5.32
C ILE A 26 5.66 10.11 -3.85
N ASP A 27 5.06 11.10 -3.19
CA ASP A 27 4.72 10.97 -1.78
C ASP A 27 3.45 10.13 -1.64
N VAL A 28 3.48 9.12 -0.78
CA VAL A 28 2.31 8.26 -0.57
C VAL A 28 1.91 8.26 0.89
N THR A 29 0.60 8.23 1.12
CA THR A 29 0.06 8.21 2.47
C THR A 29 -0.26 6.78 2.90
N VAL A 30 0.23 6.42 4.08
CA VAL A 30 -0.01 5.08 4.61
C VAL A 30 -0.78 5.16 5.92
N ALA A 31 -1.88 4.41 6.01
CA ALA A 31 -2.69 4.41 7.22
C ALA A 31 -2.95 2.97 7.66
N LYS A 32 -3.01 2.77 8.96
CA LYS A 32 -3.23 1.44 9.50
C LYS A 32 -4.72 1.22 9.77
N LEU A 33 -5.23 0.10 9.28
CA LEU A 33 -6.63 -0.26 9.45
C LEU A 33 -6.77 -1.46 10.37
N HIS A 34 -7.95 -1.60 10.97
CA HIS A 34 -8.20 -2.71 11.87
C HIS A 34 -7.72 -4.01 11.22
N ASN A 35 -6.91 -4.76 11.95
CA ASN A 35 -6.34 -6.00 11.42
C ASN A 35 -7.42 -6.96 10.90
N ILE A 36 -7.37 -7.23 9.60
CA ILE A 36 -8.28 -8.17 8.98
C ILE A 36 -7.42 -9.23 8.27
N ASP A 37 -7.83 -10.48 8.35
CA ASP A 37 -7.03 -11.53 7.73
C ASP A 37 -6.86 -11.29 6.23
N PRO A 38 -5.74 -11.66 5.67
CA PRO A 38 -5.46 -11.49 4.21
C PRO A 38 -6.18 -12.52 3.35
N GLU A 39 -6.83 -13.47 4.01
CA GLU A 39 -7.56 -14.54 3.33
C GLU A 39 -8.71 -13.99 2.52
N ASP A 40 -9.39 -12.97 3.04
CA ASP A 40 -10.52 -12.39 2.35
C ASP A 40 -10.05 -11.54 1.17
N HIS A 41 -9.71 -12.21 0.07
CA HIS A 41 -9.23 -11.52 -1.11
C HIS A 41 -10.31 -10.57 -1.64
N GLU A 42 -11.55 -11.01 -1.58
CA GLU A 42 -12.66 -10.20 -2.05
C GLU A 42 -12.75 -8.90 -1.24
N ARG A 43 -12.56 -9.02 0.07
CA ARG A 43 -12.62 -7.85 0.93
C ARG A 43 -11.50 -6.86 0.60
N ILE A 44 -10.28 -7.36 0.46
CA ILE A 44 -9.15 -6.49 0.15
C ILE A 44 -9.28 -5.86 -1.23
N ARG A 45 -9.54 -6.69 -2.24
CA ARG A 45 -9.67 -6.18 -3.61
C ARG A 45 -10.83 -5.21 -3.71
N ALA A 46 -11.86 -5.43 -2.91
CA ALA A 46 -13.02 -4.55 -2.91
C ALA A 46 -12.60 -3.15 -2.51
N LEU A 47 -11.73 -3.06 -1.50
CA LEU A 47 -11.25 -1.77 -1.04
C LEU A 47 -10.06 -1.29 -1.88
N GLN A 48 -9.44 -2.20 -2.63
CA GLN A 48 -8.32 -1.81 -3.48
C GLN A 48 -8.83 -0.87 -4.57
N ARG A 49 -10.01 -1.19 -5.09
CA ARG A 49 -10.62 -0.40 -6.16
C ARG A 49 -11.58 0.65 -5.61
N ASN A 50 -12.28 0.32 -4.53
CA ASN A 50 -13.24 1.25 -3.94
C ASN A 50 -12.52 2.26 -3.04
N GLY A 51 -11.45 1.81 -2.39
CA GLY A 51 -10.69 2.66 -1.50
C GLY A 51 -11.11 2.44 -0.06
N VAL A 52 -10.20 2.72 0.87
CA VAL A 52 -10.49 2.52 2.29
C VAL A 52 -11.26 3.71 2.88
N PRO A 53 -12.45 3.50 3.43
CA PRO A 53 -13.23 4.60 4.06
C PRO A 53 -12.61 5.03 5.38
N SER A 54 -12.77 6.30 5.71
CA SER A 54 -12.22 6.84 6.95
C SER A 54 -13.01 6.32 8.16
N THR A 55 -14.13 5.64 7.89
CA THR A 55 -14.95 5.10 8.98
C THR A 55 -14.19 4.02 9.74
N ILE A 56 -13.19 3.44 9.09
CA ILE A 56 -12.38 2.40 9.72
C ILE A 56 -11.45 3.02 10.75
N SER A 57 -11.23 2.33 11.86
CA SER A 57 -10.34 2.85 12.89
C SER A 57 -8.96 3.05 12.30
N GLU A 58 -8.33 4.17 12.64
CA GLU A 58 -7.01 4.47 12.11
C GLU A 58 -5.99 4.68 13.23
N GLU A 59 -4.74 4.33 12.93
CA GLU A 59 -3.65 4.51 13.88
C GLU A 59 -2.76 5.65 13.43
N GLN A 60 -1.64 5.84 14.10
CA GLN A 60 -0.72 6.91 13.71
C GLN A 60 -0.39 6.82 12.23
N PRO A 61 -0.49 7.90 11.47
CA PRO A 61 -0.21 7.87 10.01
C PRO A 61 1.27 7.71 9.68
N HIS A 62 1.55 7.11 8.52
CA HIS A 62 2.92 6.91 8.08
C HIS A 62 3.12 7.51 6.69
N THR A 63 4.36 7.86 6.39
CA THR A 63 4.67 8.46 5.09
C THR A 63 5.75 7.66 4.38
N ALA A 64 5.73 7.70 3.05
CA ALA A 64 6.71 6.98 2.25
C ALA A 64 6.72 7.53 0.83
N ARG A 65 7.63 7.02 -0.01
CA ARG A 65 7.71 7.48 -1.38
C ARG A 65 7.67 6.28 -2.35
N THR A 66 7.14 6.52 -3.55
CA THR A 66 7.02 5.47 -4.55
C THR A 66 7.75 5.85 -5.84
N ASP A 67 7.94 4.86 -6.72
CA ASP A 67 8.65 5.09 -7.98
C ASP A 67 7.67 5.23 -9.14
N ALA A 68 8.22 5.44 -10.35
CA ALA A 68 7.41 5.59 -11.55
C ALA A 68 7.00 4.23 -12.12
N THR A 69 7.22 3.16 -11.37
CA THR A 69 6.86 1.83 -11.84
C THR A 69 5.65 1.27 -11.09
N GLY A 70 4.95 2.13 -10.34
CA GLY A 70 3.81 1.68 -9.58
C GLY A 70 4.24 0.83 -8.40
N THR A 71 5.49 1.00 -7.98
CA THR A 71 6.03 0.24 -6.87
C THR A 71 6.33 1.15 -5.68
N ALA A 72 6.29 0.57 -4.49
CA ALA A 72 6.56 1.33 -3.27
C ALA A 72 7.19 0.44 -2.21
N THR A 73 7.90 1.05 -1.26
CA THR A 73 8.54 0.27 -0.20
C THR A 73 8.33 0.94 1.16
N ILE A 74 8.00 0.13 2.15
CA ILE A 74 7.77 0.63 3.51
C ILE A 74 8.42 -0.30 4.53
N THR A 75 9.01 0.26 5.58
CA THR A 75 9.66 -0.55 6.60
C THR A 75 9.15 -0.20 8.00
N ASN A 76 9.40 -1.10 8.95
CA ASN A 76 8.97 -0.90 10.33
C ASN A 76 7.45 -0.72 10.42
N LEU A 77 6.71 -1.61 9.77
CA LEU A 77 5.26 -1.53 9.78
C LEU A 77 4.66 -2.77 10.48
N PRO A 78 3.81 -2.60 11.48
CA PRO A 78 3.17 -3.75 12.20
C PRO A 78 2.13 -4.46 11.33
N PRO A 79 1.71 -5.62 11.75
CA PRO A 79 0.69 -6.42 11.00
C PRO A 79 -0.69 -5.77 11.00
N GLY A 80 -1.47 -6.05 9.94
CA GLY A 80 -2.81 -5.49 9.82
C GLY A 80 -3.09 -5.08 8.38
N THR A 81 -4.20 -4.39 8.16
CA THR A 81 -4.56 -3.95 6.82
C THR A 81 -4.06 -2.53 6.58
N TYR A 82 -3.35 -2.32 5.48
CA TYR A 82 -2.81 -1.00 5.18
C TYR A 82 -3.48 -0.37 3.95
N VAL A 83 -3.55 0.95 3.96
CA VAL A 83 -4.14 1.70 2.86
C VAL A 83 -3.05 2.56 2.24
N ILE A 84 -3.06 2.66 0.91
CA ILE A 84 -2.06 3.43 0.19
C ILE A 84 -2.72 4.40 -0.78
N ARG A 85 -2.30 5.66 -0.74
CA ARG A 85 -2.84 6.67 -1.62
C ARG A 85 -1.72 7.60 -2.11
N ASP A 86 -1.63 7.83 -3.42
CA ASP A 86 -0.58 8.70 -3.93
C ASP A 86 -0.87 10.16 -3.63
N THR A 87 -0.13 10.71 -2.68
CA THR A 87 -0.30 12.10 -2.28
C THR A 87 0.12 13.05 -3.41
N ASN A 88 1.20 12.71 -4.10
CA ASN A 88 1.68 13.57 -5.17
C ASN A 88 0.63 13.68 -6.27
N THR A 89 0.24 14.90 -6.59
CA THR A 89 -0.76 15.13 -7.62
C THR A 89 -0.12 15.56 -8.93
N THR A 90 1.18 15.85 -8.91
CA THR A 90 1.86 16.28 -10.13
C THR A 90 1.89 15.15 -11.13
N LYS A 91 2.23 13.97 -10.65
CA LYS A 91 2.32 12.80 -11.52
C LYS A 91 1.89 11.54 -10.77
N PRO A 92 0.63 11.42 -10.46
CA PRO A 92 0.10 10.23 -9.73
C PRO A 92 0.51 8.94 -10.43
N ARG A 93 0.99 7.99 -9.65
CA ARG A 93 1.45 6.72 -10.19
C ARG A 93 0.41 5.63 -9.99
N PHE A 94 -0.50 5.84 -9.04
CA PHE A 94 -1.50 4.82 -8.76
C PHE A 94 -2.71 5.39 -8.01
N SER A 95 -3.83 4.67 -8.12
CA SER A 95 -5.05 5.05 -7.42
C SER A 95 -5.01 4.38 -6.05
N PRO A 96 -5.86 4.76 -5.13
CA PRO A 96 -5.85 4.13 -3.77
C PRO A 96 -5.81 2.60 -3.83
N LEU A 97 -4.88 2.01 -3.08
CA LEU A 97 -4.73 0.54 -3.06
C LEU A 97 -4.71 0.03 -1.62
N VAL A 98 -5.13 -1.22 -1.45
CA VAL A 98 -5.15 -1.84 -0.12
C VAL A 98 -4.41 -3.17 -0.13
N ILE A 99 -3.52 -3.34 0.84
CA ILE A 99 -2.74 -4.57 0.96
C ILE A 99 -2.76 -5.08 2.42
N PRO A 100 -3.14 -6.31 2.67
CA PRO A 100 -3.17 -6.86 4.05
C PRO A 100 -1.81 -7.38 4.47
N LEU A 101 -1.57 -7.40 5.78
CA LEU A 101 -0.32 -7.90 6.32
C LEU A 101 -0.62 -9.04 7.28
N GLY A 102 0.03 -10.19 7.06
CA GLY A 102 -0.19 -11.38 7.89
C GLY A 102 -0.41 -11.01 9.34
N ILE A 103 -1.55 -11.44 9.88
CA ILE A 103 -1.89 -11.14 11.27
C ILE A 103 -1.35 -12.22 12.20
N ASP A 104 -0.61 -11.77 13.21
CA ASP A 104 -0.02 -12.67 14.20
C ASP A 104 0.54 -11.88 15.37
N THR A 105 0.85 -12.57 16.46
CA THR A 105 1.41 -11.91 17.63
C THR A 105 2.67 -11.13 17.24
N THR A 106 3.38 -11.66 16.24
CA THR A 106 4.59 -11.01 15.76
C THR A 106 4.29 -10.19 14.51
N SER A 107 5.32 -9.61 13.90
CA SER A 107 5.11 -8.80 12.71
C SER A 107 5.78 -9.46 11.49
N PRO A 108 5.05 -10.25 10.73
CA PRO A 108 5.60 -10.91 9.52
C PRO A 108 5.74 -9.95 8.34
N THR A 109 6.71 -10.20 7.48
CA THR A 109 6.91 -9.35 6.31
C THR A 109 5.98 -9.81 5.20
N MET A 110 5.60 -8.89 4.31
CA MET A 110 4.71 -9.26 3.22
C MET A 110 5.00 -8.47 1.96
N THR A 111 5.17 -9.19 0.87
CA THR A 111 5.42 -8.58 -0.43
C THR A 111 4.45 -9.15 -1.45
N LEU A 112 3.71 -8.29 -2.12
CA LEU A 112 2.75 -8.74 -3.11
C LEU A 112 2.73 -7.81 -4.31
N ARG A 113 2.15 -8.27 -5.41
CA ARG A 113 2.07 -7.46 -6.61
C ARG A 113 0.61 -7.25 -6.99
N PRO A 114 -0.07 -6.33 -6.35
CA PRO A 114 -1.52 -6.05 -6.61
C PRO A 114 -1.79 -5.73 -8.08
N LYS A 115 -2.87 -6.31 -8.61
CA LYS A 115 -3.24 -6.05 -9.98
C LYS A 115 -4.53 -5.24 -10.01
N LEU A 116 -4.38 -3.92 -10.12
CA LEU A 116 -5.54 -3.04 -10.16
C LEU A 116 -5.44 -2.09 -11.34
N ILE A 117 -6.52 -1.93 -12.07
CA ILE A 117 -6.52 -1.03 -13.21
C ILE A 117 -6.69 0.41 -12.72
N ASP A 118 -5.79 1.30 -13.16
CA ASP A 118 -5.84 2.70 -12.75
C ASP A 118 -7.27 3.22 -12.85
N ALA A 119 -7.91 3.38 -11.69
CA ALA A 119 -9.30 3.82 -11.65
C ALA A 119 -9.65 4.45 -10.31
N THR A 120 -10.87 4.96 -10.20
CA THR A 120 -11.32 5.58 -8.97
C THR A 120 -10.43 6.74 -8.56
N PRO A 121 -10.67 7.91 -9.11
CA PRO A 121 -9.86 9.11 -8.80
C PRO A 121 -9.77 9.36 -7.29
N GLY A 122 -8.66 9.91 -6.87
CA GLY A 122 -8.41 10.20 -5.46
C GLY A 122 -7.09 10.91 -5.32
N ALA A 123 -6.02 10.27 -5.80
CA ALA A 123 -4.71 10.91 -5.74
C ALA A 123 -4.74 12.23 -6.50
N PRO A 124 -5.12 12.23 -7.77
CA PRO A 124 -5.25 13.49 -8.56
C PRO A 124 -6.46 14.30 -8.13
N ASN A 125 -7.41 13.61 -7.50
CA ASN A 125 -8.65 14.25 -7.05
C ASN A 125 -9.40 14.84 -8.26
N VAL A 126 -10.15 15.93 -8.05
CA VAL A 126 -10.89 16.54 -9.14
C VAL A 126 -9.95 17.32 -10.05
N GLN A 1 10.35 -1.07 18.64
CA GLN A 1 9.16 -1.65 17.95
C GLN A 1 9.57 -2.92 17.22
N GLU A 2 8.65 -3.88 17.13
CA GLU A 2 8.92 -5.13 16.45
C GLU A 2 9.23 -4.88 14.98
N ALA A 3 10.31 -5.50 14.49
CA ALA A 3 10.70 -5.33 13.10
C ALA A 3 9.63 -5.85 12.16
N ASN A 4 9.37 -5.12 11.09
CA ASN A 4 8.37 -5.52 10.12
C ASN A 4 8.63 -4.86 8.77
N THR A 5 8.65 -5.66 7.71
CA THR A 5 8.90 -5.13 6.37
C THR A 5 7.69 -5.35 5.46
N LEU A 6 7.26 -4.27 4.80
CA LEU A 6 6.11 -4.34 3.91
C LEU A 6 6.50 -3.77 2.54
N VAL A 7 6.44 -4.61 1.51
CA VAL A 7 6.80 -4.16 0.16
C VAL A 7 5.62 -4.32 -0.80
N ILE A 8 5.29 -3.24 -1.51
CA ILE A 8 4.19 -3.29 -2.47
C ILE A 8 4.66 -2.91 -3.87
N ASP A 9 4.49 -3.81 -4.83
CA ASP A 9 4.89 -3.53 -6.21
C ASP A 9 3.71 -3.74 -7.16
N LEU A 10 3.26 -2.65 -7.79
CA LEU A 10 2.13 -2.73 -8.72
C LEU A 10 2.53 -3.37 -10.04
N GLU A 11 3.82 -3.58 -10.26
CA GLU A 11 4.29 -4.19 -11.50
C GLU A 11 5.34 -5.24 -11.19
N PRO A 12 5.60 -6.14 -12.11
CA PRO A 12 6.61 -7.20 -11.88
C PRO A 12 7.91 -6.57 -11.38
N PRO A 13 8.48 -7.06 -10.30
CA PRO A 13 9.70 -6.47 -9.72
C PRO A 13 10.98 -6.99 -10.35
N ALA A 14 11.94 -6.08 -10.52
CA ALA A 14 13.24 -6.44 -11.10
C ALA A 14 13.05 -7.29 -12.35
N ALA A 15 12.79 -6.65 -13.48
CA ALA A 15 12.59 -7.38 -14.73
C ALA A 15 13.83 -8.19 -15.07
N PHE A 16 15.00 -7.59 -14.90
CA PHE A 16 16.27 -8.26 -15.18
C PHE A 16 17.44 -7.36 -14.84
N ALA A 17 17.75 -7.23 -13.55
CA ALA A 17 18.85 -6.37 -13.13
C ALA A 17 18.75 -5.01 -13.81
N ASP A 18 17.52 -4.60 -14.11
CA ASP A 18 17.27 -3.34 -14.77
C ASP A 18 17.36 -2.18 -13.80
N ASP A 19 17.19 -0.98 -14.33
CA ASP A 19 17.24 0.23 -13.51
C ASP A 19 15.84 0.61 -13.04
N GLN A 20 14.99 -0.40 -12.86
CA GLN A 20 13.62 -0.16 -12.42
C GLN A 20 13.57 0.68 -11.13
N PRO A 21 14.35 0.37 -10.11
CA PRO A 21 14.34 1.15 -8.83
C PRO A 21 15.19 2.42 -8.89
N GLN A 22 14.83 3.35 -9.78
CA GLN A 22 15.58 4.60 -9.91
C GLN A 22 14.74 5.78 -9.43
N GLY A 23 13.45 5.73 -9.71
CA GLY A 23 12.55 6.82 -9.30
C GLY A 23 12.29 6.78 -7.81
N HIS A 24 11.89 7.92 -7.25
CA HIS A 24 11.60 8.01 -5.82
C HIS A 24 11.29 9.46 -5.44
N ASN A 25 10.10 9.92 -5.79
CA ASN A 25 9.70 11.29 -5.48
C ASN A 25 8.19 11.39 -5.29
N ILE A 26 7.56 10.35 -4.73
CA ILE A 26 6.11 10.39 -4.53
C ILE A 26 5.76 10.12 -3.07
N ASP A 27 5.13 11.10 -2.46
CA ASP A 27 4.72 10.98 -1.06
C ASP A 27 3.50 10.06 -0.97
N VAL A 28 3.54 9.12 -0.04
CA VAL A 28 2.43 8.19 0.14
C VAL A 28 1.95 8.22 1.59
N THR A 29 0.63 8.10 1.75
CA THR A 29 0.04 8.13 3.09
C THR A 29 -0.38 6.73 3.53
N VAL A 30 0.03 6.37 4.75
CA VAL A 30 -0.29 5.06 5.29
C VAL A 30 -1.19 5.20 6.52
N ALA A 31 -2.31 4.49 6.50
CA ALA A 31 -3.23 4.53 7.62
C ALA A 31 -3.53 3.11 8.09
N LYS A 32 -3.46 2.91 9.39
CA LYS A 32 -3.71 1.61 9.96
C LYS A 32 -5.20 1.34 10.07
N LEU A 33 -5.64 0.21 9.53
CA LEU A 33 -7.04 -0.16 9.56
C LEU A 33 -7.26 -1.39 10.43
N HIS A 34 -8.48 -1.53 10.95
CA HIS A 34 -8.80 -2.67 11.79
C HIS A 34 -8.33 -3.95 11.11
N ASN A 35 -7.62 -4.78 11.85
CA ASN A 35 -7.06 -6.01 11.30
C ASN A 35 -8.13 -6.85 10.60
N ILE A 36 -7.85 -7.19 9.35
CA ILE A 36 -8.78 -8.01 8.56
C ILE A 36 -8.06 -9.28 8.10
N ASP A 37 -8.78 -10.40 8.12
CA ASP A 37 -8.20 -11.67 7.70
C ASP A 37 -7.75 -11.60 6.23
N PRO A 38 -6.50 -11.89 5.92
CA PRO A 38 -6.00 -11.84 4.50
C PRO A 38 -6.80 -12.77 3.58
N GLU A 39 -7.55 -13.68 4.19
CA GLU A 39 -8.35 -14.64 3.42
C GLU A 39 -9.39 -13.93 2.57
N ASP A 40 -9.99 -12.88 3.10
CA ASP A 40 -11.01 -12.14 2.37
C ASP A 40 -10.39 -11.23 1.32
N HIS A 41 -9.64 -11.82 0.40
CA HIS A 41 -9.00 -11.05 -0.65
C HIS A 41 -10.05 -10.35 -1.52
N GLU A 42 -11.28 -10.87 -1.51
CA GLU A 42 -12.34 -10.28 -2.30
C GLU A 42 -12.66 -8.86 -1.83
N ARG A 43 -12.73 -8.65 -0.52
CA ARG A 43 -13.03 -7.31 0.00
C ARG A 43 -11.78 -6.45 -0.01
N ILE A 44 -10.61 -7.08 0.19
CA ILE A 44 -9.36 -6.34 0.18
C ILE A 44 -9.14 -5.72 -1.19
N ARG A 45 -9.32 -6.54 -2.22
CA ARG A 45 -9.14 -6.08 -3.60
C ARG A 45 -10.17 -5.00 -3.95
N ALA A 46 -11.39 -5.20 -3.46
CA ALA A 46 -12.45 -4.23 -3.73
C ALA A 46 -12.06 -2.87 -3.19
N LEU A 47 -11.42 -2.86 -2.03
CA LEU A 47 -10.97 -1.63 -1.41
C LEU A 47 -9.59 -1.22 -1.94
N GLN A 48 -8.89 -2.14 -2.60
CA GLN A 48 -7.57 -1.83 -3.13
C GLN A 48 -7.72 -1.00 -4.40
N ARG A 49 -8.90 -1.09 -5.02
CA ARG A 49 -9.16 -0.35 -6.25
C ARG A 49 -10.04 0.88 -5.97
N ASN A 50 -10.92 0.76 -4.97
CA ASN A 50 -11.81 1.86 -4.62
C ASN A 50 -11.29 2.65 -3.41
N GLY A 51 -10.60 1.96 -2.51
CA GLY A 51 -10.05 2.61 -1.32
C GLY A 51 -10.89 2.29 -0.10
N VAL A 52 -10.24 2.25 1.08
CA VAL A 52 -10.97 1.93 2.31
C VAL A 52 -11.67 3.18 2.88
N PRO A 53 -12.93 3.09 3.27
CA PRO A 53 -13.66 4.25 3.86
C PRO A 53 -12.98 4.73 5.13
N SER A 54 -13.01 6.04 5.36
CA SER A 54 -12.38 6.60 6.55
C SER A 54 -13.21 6.27 7.79
N THR A 55 -14.38 5.66 7.59
CA THR A 55 -15.24 5.30 8.72
C THR A 55 -14.58 4.22 9.56
N ILE A 56 -13.64 3.50 8.96
CA ILE A 56 -12.92 2.45 9.63
C ILE A 56 -12.01 3.04 10.71
N SER A 57 -11.87 2.35 11.84
CA SER A 57 -11.02 2.86 12.91
C SER A 57 -9.61 3.06 12.39
N GLU A 58 -9.01 4.18 12.76
CA GLU A 58 -7.66 4.47 12.30
C GLU A 58 -6.70 4.70 13.47
N GLU A 59 -5.45 4.29 13.27
CA GLU A 59 -4.41 4.46 14.28
C GLU A 59 -3.52 5.64 13.88
N GLN A 60 -2.41 5.84 14.57
CA GLN A 60 -1.53 6.94 14.23
C GLN A 60 -1.08 6.84 12.77
N PRO A 61 -1.14 7.90 12.00
CA PRO A 61 -0.75 7.87 10.55
C PRO A 61 0.75 7.77 10.34
N HIS A 62 1.14 7.20 9.20
CA HIS A 62 2.55 7.05 8.84
C HIS A 62 2.79 7.61 7.45
N THR A 63 4.02 8.03 7.19
CA THR A 63 4.38 8.59 5.90
C THR A 63 5.51 7.80 5.26
N ALA A 64 5.55 7.82 3.92
CA ALA A 64 6.58 7.10 3.18
C ALA A 64 6.67 7.63 1.76
N ARG A 65 7.63 7.12 0.99
CA ARG A 65 7.80 7.54 -0.39
C ARG A 65 7.87 6.34 -1.32
N THR A 66 7.27 6.49 -2.50
CA THR A 66 7.25 5.43 -3.49
C THR A 66 7.86 5.96 -4.79
N ASP A 67 8.25 5.05 -5.68
CA ASP A 67 8.85 5.46 -6.94
C ASP A 67 7.80 5.59 -8.03
N ALA A 68 8.24 5.93 -9.23
CA ALA A 68 7.35 6.08 -10.37
C ALA A 68 7.13 4.73 -11.07
N THR A 69 7.50 3.64 -10.40
CA THR A 69 7.35 2.31 -10.96
C THR A 69 6.25 1.51 -10.26
N GLY A 70 5.54 2.14 -9.32
CA GLY A 70 4.47 1.46 -8.61
C GLY A 70 5.01 0.65 -7.43
N THR A 71 6.29 0.80 -7.12
CA THR A 71 6.87 0.07 -6.01
C THR A 71 7.04 0.97 -4.80
N ALA A 72 7.10 0.37 -3.62
CA ALA A 72 7.25 1.13 -2.38
C ALA A 72 7.90 0.28 -1.30
N THR A 73 8.70 0.91 -0.45
CA THR A 73 9.36 0.22 0.65
C THR A 73 9.01 0.87 1.98
N ILE A 74 8.31 0.13 2.83
CA ILE A 74 7.91 0.66 4.13
C ILE A 74 8.11 -0.38 5.23
N THR A 75 8.63 0.05 6.38
CA THR A 75 8.88 -0.87 7.49
C THR A 75 8.20 -0.38 8.77
N ASN A 76 8.40 -1.14 9.85
CA ASN A 76 7.81 -0.79 11.14
C ASN A 76 6.28 -0.72 11.07
N LEU A 77 5.68 -1.70 10.39
CA LEU A 77 4.22 -1.72 10.26
C LEU A 77 3.62 -2.92 11.02
N PRO A 78 3.05 -2.71 12.19
CA PRO A 78 2.43 -3.80 13.00
C PRO A 78 1.33 -4.56 12.23
N PRO A 79 0.92 -5.70 12.72
CA PRO A 79 -0.14 -6.53 12.07
C PRO A 79 -1.44 -5.77 11.86
N GLY A 80 -2.09 -6.03 10.73
CA GLY A 80 -3.35 -5.36 10.41
C GLY A 80 -3.43 -5.07 8.93
N THR A 81 -4.41 -4.26 8.54
CA THR A 81 -4.58 -3.91 7.13
C THR A 81 -4.18 -2.46 6.93
N TYR A 82 -3.34 -2.21 5.94
CA TYR A 82 -2.86 -0.86 5.67
C TYR A 82 -3.43 -0.29 4.38
N VAL A 83 -3.69 1.01 4.40
CA VAL A 83 -4.20 1.71 3.23
C VAL A 83 -3.08 2.58 2.67
N ILE A 84 -2.92 2.58 1.36
CA ILE A 84 -1.85 3.36 0.74
C ILE A 84 -2.38 4.23 -0.39
N ARG A 85 -2.20 5.53 -0.27
CA ARG A 85 -2.65 6.44 -1.31
C ARG A 85 -1.54 7.40 -1.73
N ASP A 86 -1.56 7.80 -3.00
CA ASP A 86 -0.53 8.69 -3.52
C ASP A 86 -0.78 10.15 -3.11
N THR A 87 -0.05 10.58 -2.10
CA THR A 87 -0.18 11.96 -1.62
C THR A 87 0.27 12.93 -2.71
N ASN A 88 1.31 12.56 -3.46
CA ASN A 88 1.82 13.44 -4.51
C ASN A 88 0.75 13.63 -5.59
N THR A 89 0.43 14.88 -5.89
CA THR A 89 -0.59 15.18 -6.89
C THR A 89 0.06 15.55 -8.23
N THR A 90 1.33 15.93 -8.19
CA THR A 90 2.01 16.31 -9.42
C THR A 90 2.22 15.09 -10.29
N LYS A 91 2.65 13.99 -9.68
CA LYS A 91 2.89 12.76 -10.43
C LYS A 91 2.31 11.55 -9.70
N PRO A 92 1.01 11.46 -9.62
CA PRO A 92 0.34 10.30 -8.97
C PRO A 92 0.48 9.06 -9.84
N ARG A 93 0.84 7.94 -9.22
CA ARG A 93 1.02 6.70 -9.98
C ARG A 93 0.06 5.62 -9.53
N PHE A 94 -0.53 5.77 -8.35
CA PHE A 94 -1.43 4.73 -7.87
C PHE A 94 -2.58 5.30 -7.04
N SER A 95 -3.68 4.55 -7.00
CA SER A 95 -4.86 4.95 -6.24
C SER A 95 -4.83 4.23 -4.89
N PRO A 96 -5.73 4.51 -3.99
CA PRO A 96 -5.74 3.83 -2.65
C PRO A 96 -5.63 2.32 -2.79
N LEU A 97 -4.68 1.72 -2.05
CA LEU A 97 -4.47 0.27 -2.10
C LEU A 97 -4.64 -0.35 -0.72
N VAL A 98 -5.00 -1.63 -0.68
CA VAL A 98 -5.20 -2.33 0.58
C VAL A 98 -4.38 -3.61 0.63
N ILE A 99 -3.62 -3.77 1.71
CA ILE A 99 -2.81 -4.98 1.88
C ILE A 99 -2.82 -5.45 3.34
N PRO A 100 -3.22 -6.68 3.62
CA PRO A 100 -3.26 -7.21 5.01
C PRO A 100 -1.90 -7.71 5.50
N LEU A 101 -1.71 -7.75 6.82
CA LEU A 101 -0.45 -8.22 7.40
C LEU A 101 -0.69 -9.13 8.60
N GLY A 102 -0.61 -10.44 8.35
CA GLY A 102 -0.78 -11.50 9.36
C GLY A 102 -1.60 -11.04 10.57
N ILE A 103 -2.91 -11.26 10.53
CA ILE A 103 -3.77 -10.84 11.64
C ILE A 103 -3.47 -11.63 12.91
N ASP A 104 -2.43 -11.21 13.63
CA ASP A 104 -2.02 -11.87 14.87
C ASP A 104 -1.12 -10.95 15.67
N THR A 105 -0.75 -11.36 16.88
CA THR A 105 0.11 -10.55 17.73
C THR A 105 1.51 -10.44 17.10
N THR A 106 1.92 -11.51 16.44
CA THR A 106 3.23 -11.55 15.78
C THR A 106 3.20 -10.70 14.51
N SER A 107 4.31 -10.01 14.22
CA SER A 107 4.35 -9.18 13.03
C SER A 107 5.25 -9.82 11.96
N PRO A 108 4.67 -10.56 11.03
CA PRO A 108 5.44 -11.21 9.93
C PRO A 108 5.76 -10.25 8.79
N THR A 109 6.74 -10.62 7.97
CA THR A 109 7.11 -9.81 6.83
C THR A 109 6.19 -10.15 5.66
N MET A 110 5.55 -9.14 5.08
CA MET A 110 4.61 -9.40 3.99
C MET A 110 4.93 -8.55 2.76
N THR A 111 4.98 -9.21 1.62
CA THR A 111 5.23 -8.52 0.37
C THR A 111 4.13 -8.88 -0.62
N LEU A 112 3.49 -7.87 -1.19
CA LEU A 112 2.42 -8.11 -2.14
C LEU A 112 2.62 -7.31 -3.40
N ARG A 113 2.03 -7.77 -4.49
CA ARG A 113 2.15 -7.07 -5.76
C ARG A 113 0.74 -6.91 -6.35
N PRO A 114 -0.04 -6.05 -5.77
CA PRO A 114 -1.45 -5.80 -6.21
C PRO A 114 -1.58 -5.33 -7.64
N LYS A 115 -2.57 -5.88 -8.33
CA LYS A 115 -2.84 -5.48 -9.71
C LYS A 115 -4.12 -4.65 -9.71
N LEU A 116 -3.96 -3.35 -9.93
CA LEU A 116 -5.10 -2.45 -9.92
C LEU A 116 -5.65 -2.20 -11.32
N ILE A 117 -6.96 -2.34 -11.45
CA ILE A 117 -7.60 -2.08 -12.73
C ILE A 117 -7.81 -0.58 -12.87
N ASP A 118 -7.61 -0.06 -14.07
CA ASP A 118 -7.76 1.37 -14.30
C ASP A 118 -9.07 1.88 -13.68
N ALA A 119 -8.98 3.01 -13.01
CA ALA A 119 -10.14 3.58 -12.34
C ALA A 119 -10.09 5.11 -12.36
N THR A 120 -11.22 5.73 -12.06
CA THR A 120 -11.30 7.19 -12.02
C THR A 120 -10.47 7.73 -10.86
N PRO A 121 -10.13 9.00 -10.89
CA PRO A 121 -9.31 9.62 -9.81
C PRO A 121 -9.90 9.39 -8.42
N GLY A 122 -9.02 9.15 -7.45
CA GLY A 122 -9.44 8.90 -6.08
C GLY A 122 -8.69 9.82 -5.12
N ALA A 123 -7.47 9.44 -4.76
CA ALA A 123 -6.68 10.28 -3.87
C ALA A 123 -6.50 11.68 -4.47
N PRO A 124 -5.98 11.79 -5.68
CA PRO A 124 -5.81 13.12 -6.33
C PRO A 124 -7.14 13.66 -6.84
N ASN A 125 -8.11 12.77 -7.01
CA ASN A 125 -9.43 13.16 -7.49
C ASN A 125 -9.31 13.96 -8.79
N VAL A 126 -10.43 14.50 -9.27
CA VAL A 126 -10.43 15.27 -10.49
C VAL A 126 -9.87 16.67 -10.24
N GLN A 1 12.75 -3.97 16.91
CA GLN A 1 13.04 -5.38 17.27
C GLN A 1 12.18 -6.30 16.42
N GLU A 2 12.82 -7.04 15.51
CA GLU A 2 12.09 -7.96 14.64
C GLU A 2 10.89 -7.27 14.01
N ALA A 3 11.06 -6.01 13.64
CA ALA A 3 9.97 -5.25 13.02
C ALA A 3 9.62 -5.86 11.67
N ASN A 4 8.34 -5.88 11.35
CA ASN A 4 7.88 -6.44 10.09
C ASN A 4 8.05 -5.44 8.94
N THR A 5 8.04 -5.95 7.72
CA THR A 5 8.21 -5.10 6.55
C THR A 5 7.07 -5.31 5.55
N LEU A 6 6.50 -4.20 5.08
CA LEU A 6 5.41 -4.26 4.11
C LEU A 6 5.91 -3.77 2.76
N VAL A 7 5.81 -4.63 1.75
CA VAL A 7 6.27 -4.27 0.41
C VAL A 7 5.14 -4.33 -0.60
N ILE A 8 4.89 -3.22 -1.28
CA ILE A 8 3.83 -3.17 -2.28
C ILE A 8 4.44 -2.85 -3.64
N ASP A 9 4.45 -3.83 -4.54
CA ASP A 9 5.02 -3.61 -5.86
C ASP A 9 3.99 -3.90 -6.94
N LEU A 10 3.53 -2.86 -7.61
CA LEU A 10 2.54 -3.01 -8.68
C LEU A 10 3.06 -3.94 -9.78
N GLU A 11 4.38 -4.01 -9.90
CA GLU A 11 4.98 -4.86 -10.93
C GLU A 11 6.12 -5.69 -10.32
N PRO A 12 6.46 -6.81 -10.92
CA PRO A 12 7.56 -7.66 -10.39
C PRO A 12 8.82 -6.84 -10.12
N PRO A 13 9.27 -6.76 -8.89
CA PRO A 13 10.48 -5.97 -8.54
C PRO A 13 11.77 -6.74 -8.82
N ALA A 14 12.42 -6.41 -9.92
CA ALA A 14 13.67 -7.07 -10.28
C ALA A 14 14.68 -6.05 -10.81
N ALA A 15 14.69 -5.85 -12.14
CA ALA A 15 15.61 -4.90 -12.77
C ALA A 15 15.62 -5.12 -14.29
N PHE A 16 16.39 -6.10 -14.73
CA PHE A 16 16.50 -6.43 -16.15
C PHE A 16 16.65 -5.18 -17.00
N ALA A 17 16.49 -5.33 -18.31
CA ALA A 17 16.60 -4.21 -19.22
C ALA A 17 15.54 -3.17 -18.88
N ASP A 18 14.39 -3.67 -18.40
CA ASP A 18 13.28 -2.80 -18.02
C ASP A 18 13.76 -1.62 -17.18
N ASP A 19 12.87 -0.65 -16.99
CA ASP A 19 13.20 0.53 -16.22
C ASP A 19 12.83 0.36 -14.75
N GLN A 20 12.78 -0.90 -14.31
CA GLN A 20 12.43 -1.21 -12.92
C GLN A 20 13.11 -0.25 -11.93
N PRO A 21 14.42 -0.08 -12.01
CA PRO A 21 15.15 0.85 -11.10
C PRO A 21 15.10 2.30 -11.57
N GLN A 22 13.90 2.87 -11.60
CA GLN A 22 13.73 4.26 -12.05
C GLN A 22 14.25 5.24 -11.00
N GLY A 23 13.51 5.36 -9.90
CA GLY A 23 13.91 6.29 -8.83
C GLY A 23 12.76 6.46 -7.84
N HIS A 24 12.85 7.51 -7.01
CA HIS A 24 11.81 7.76 -6.03
C HIS A 24 11.67 9.25 -5.73
N ASN A 25 10.43 9.66 -5.46
CA ASN A 25 10.14 11.06 -5.14
C ASN A 25 8.64 11.25 -4.89
N ILE A 26 7.93 10.19 -4.50
CA ILE A 26 6.49 10.33 -4.27
C ILE A 26 6.10 10.04 -2.82
N ASP A 27 5.45 11.01 -2.21
CA ASP A 27 4.98 10.86 -0.85
C ASP A 27 3.71 10.01 -0.85
N VAL A 28 3.55 9.17 0.17
CA VAL A 28 2.36 8.33 0.25
C VAL A 28 1.76 8.38 1.65
N THR A 29 0.46 8.16 1.74
CA THR A 29 -0.22 8.19 3.03
C THR A 29 -0.67 6.80 3.44
N VAL A 30 -0.36 6.44 4.69
CA VAL A 30 -0.72 5.14 5.23
C VAL A 30 -1.66 5.34 6.43
N ALA A 31 -2.77 4.61 6.42
CA ALA A 31 -3.74 4.71 7.50
C ALA A 31 -4.12 3.33 7.99
N LYS A 32 -4.05 3.13 9.29
CA LYS A 32 -4.39 1.85 9.90
C LYS A 32 -5.90 1.63 9.86
N LEU A 33 -6.29 0.42 9.49
CA LEU A 33 -7.69 0.05 9.39
C LEU A 33 -8.00 -1.11 10.32
N HIS A 34 -9.26 -1.24 10.71
CA HIS A 34 -9.66 -2.34 11.59
C HIS A 34 -9.07 -3.64 11.08
N ASN A 35 -8.43 -4.38 11.97
CA ASN A 35 -7.77 -5.63 11.58
C ASN A 35 -8.74 -6.59 10.91
N ILE A 36 -8.40 -7.00 9.69
CA ILE A 36 -9.21 -7.97 8.95
C ILE A 36 -8.32 -9.12 8.49
N ASP A 37 -8.84 -10.34 8.57
CA ASP A 37 -8.05 -11.50 8.17
C ASP A 37 -7.63 -11.35 6.70
N PRO A 38 -6.38 -11.61 6.38
CA PRO A 38 -5.87 -11.50 4.97
C PRO A 38 -6.47 -12.59 4.07
N GLU A 39 -7.10 -13.58 4.69
CA GLU A 39 -7.70 -14.69 3.97
C GLU A 39 -8.79 -14.22 3.01
N ASP A 40 -9.54 -13.19 3.40
CA ASP A 40 -10.61 -12.69 2.55
C ASP A 40 -10.04 -11.81 1.46
N HIS A 41 -9.40 -12.47 0.48
CA HIS A 41 -8.77 -11.77 -0.64
C HIS A 41 -9.78 -10.94 -1.43
N GLU A 42 -10.98 -11.47 -1.61
CA GLU A 42 -12.00 -10.75 -2.37
C GLU A 42 -12.31 -9.42 -1.69
N ARG A 43 -12.35 -9.44 -0.37
CA ARG A 43 -12.60 -8.23 0.40
C ARG A 43 -11.49 -7.22 0.14
N ILE A 44 -10.26 -7.71 0.05
CA ILE A 44 -9.14 -6.83 -0.17
C ILE A 44 -9.26 -6.15 -1.52
N ARG A 45 -9.57 -6.94 -2.53
CA ARG A 45 -9.70 -6.40 -3.90
C ARG A 45 -10.77 -5.33 -3.98
N ALA A 46 -11.87 -5.53 -3.27
CA ALA A 46 -12.95 -4.57 -3.29
C ALA A 46 -12.45 -3.22 -2.77
N LEU A 47 -11.62 -3.28 -1.73
CA LEU A 47 -11.09 -2.06 -1.14
C LEU A 47 -9.83 -1.57 -1.87
N GLN A 48 -9.21 -2.43 -2.68
CA GLN A 48 -8.03 -2.04 -3.44
C GLN A 48 -8.43 -1.07 -4.53
N ARG A 49 -9.57 -1.35 -5.17
CA ARG A 49 -10.07 -0.51 -6.24
C ARG A 49 -10.99 0.58 -5.71
N ASN A 50 -11.79 0.25 -4.71
CA ASN A 50 -12.72 1.22 -4.14
C ASN A 50 -12.04 2.10 -3.09
N GLY A 51 -11.09 1.52 -2.37
CA GLY A 51 -10.38 2.25 -1.33
C GLY A 51 -11.13 2.14 -0.01
N VAL A 52 -10.45 2.41 1.10
CA VAL A 52 -11.11 2.31 2.40
C VAL A 52 -11.44 3.71 2.95
N PRO A 53 -12.70 3.98 3.28
CA PRO A 53 -13.11 5.30 3.83
C PRO A 53 -12.59 5.53 5.24
N SER A 54 -12.44 6.81 5.59
CA SER A 54 -11.97 7.17 6.92
C SER A 54 -13.00 6.82 7.99
N THR A 55 -14.19 6.40 7.55
CA THR A 55 -15.24 6.05 8.50
C THR A 55 -14.84 4.82 9.32
N ILE A 56 -13.91 4.04 8.78
CA ILE A 56 -13.43 2.85 9.48
C ILE A 56 -12.55 3.26 10.65
N SER A 57 -12.64 2.52 11.76
CA SER A 57 -11.82 2.84 12.92
C SER A 57 -10.36 2.77 12.54
N GLU A 58 -9.67 3.90 12.63
CA GLU A 58 -8.27 3.95 12.26
C GLU A 58 -7.39 4.47 13.41
N GLU A 59 -6.09 4.26 13.26
CA GLU A 59 -5.13 4.71 14.26
C GLU A 59 -4.34 5.90 13.72
N GLN A 60 -3.31 6.32 14.46
CA GLN A 60 -2.50 7.46 14.02
C GLN A 60 -1.95 7.21 12.61
N PRO A 61 -2.14 8.14 11.69
CA PRO A 61 -1.65 7.97 10.28
C PRO A 61 -0.13 8.10 10.16
N HIS A 62 0.42 7.42 9.15
CA HIS A 62 1.86 7.46 8.91
C HIS A 62 2.14 7.91 7.49
N THR A 63 3.36 8.36 7.25
CA THR A 63 3.75 8.83 5.93
C THR A 63 5.13 8.32 5.54
N ALA A 64 5.34 8.18 4.24
CA ALA A 64 6.61 7.69 3.72
C ALA A 64 6.76 8.02 2.24
N ARG A 65 7.92 7.71 1.67
CA ARG A 65 8.16 7.98 0.26
C ARG A 65 8.26 6.67 -0.50
N THR A 66 7.88 6.70 -1.78
CA THR A 66 7.90 5.50 -2.59
C THR A 66 8.58 5.74 -3.93
N ASP A 67 8.94 4.64 -4.60
CA ASP A 67 9.61 4.71 -5.90
C ASP A 67 8.60 5.04 -6.99
N ALA A 68 9.05 5.70 -8.05
CA ALA A 68 8.17 6.03 -9.15
C ALA A 68 7.82 4.77 -9.96
N THR A 69 8.55 3.68 -9.70
CA THR A 69 8.32 2.44 -10.43
C THR A 69 7.10 1.66 -9.91
N GLY A 70 6.20 2.31 -9.18
CA GLY A 70 5.02 1.61 -8.67
C GLY A 70 5.37 0.71 -7.50
N THR A 71 6.47 0.99 -6.81
CA THR A 71 6.87 0.17 -5.67
C THR A 71 7.03 1.05 -4.43
N ALA A 72 6.86 0.45 -3.27
CA ALA A 72 6.97 1.18 -2.01
C ALA A 72 7.51 0.30 -0.90
N THR A 73 8.30 0.90 -0.01
CA THR A 73 8.86 0.16 1.12
C THR A 73 8.52 0.85 2.44
N ILE A 74 7.76 0.16 3.27
CA ILE A 74 7.38 0.71 4.57
C ILE A 74 7.53 -0.36 5.65
N THR A 75 8.12 0.01 6.77
CA THR A 75 8.34 -0.96 7.85
C THR A 75 8.00 -0.36 9.21
N ASN A 76 8.27 -1.14 10.27
CA ASN A 76 8.01 -0.71 11.63
C ASN A 76 6.52 -0.44 11.87
N LEU A 77 5.66 -1.28 11.29
CA LEU A 77 4.22 -1.12 11.48
C LEU A 77 3.60 -2.40 12.05
N PRO A 78 2.54 -2.29 12.81
CA PRO A 78 1.85 -3.47 13.41
C PRO A 78 0.95 -4.19 12.42
N PRO A 79 0.50 -5.37 12.75
CA PRO A 79 -0.41 -6.17 11.87
C PRO A 79 -1.80 -5.53 11.75
N GLY A 80 -2.48 -5.79 10.64
CA GLY A 80 -3.80 -5.21 10.42
C GLY A 80 -3.99 -4.86 8.96
N THR A 81 -5.03 -4.10 8.66
CA THR A 81 -5.29 -3.70 7.28
C THR A 81 -4.84 -2.26 7.06
N TYR A 82 -4.10 -2.03 5.99
CA TYR A 82 -3.58 -0.70 5.69
C TYR A 82 -4.08 -0.16 4.36
N VAL A 83 -4.21 1.16 4.31
CA VAL A 83 -4.64 1.85 3.10
C VAL A 83 -3.50 2.70 2.59
N ILE A 84 -3.31 2.71 1.29
CA ILE A 84 -2.23 3.49 0.69
C ILE A 84 -2.76 4.37 -0.43
N ARG A 85 -2.29 5.62 -0.49
CA ARG A 85 -2.74 6.51 -1.55
C ARG A 85 -1.62 7.45 -1.97
N ASP A 86 -1.64 7.83 -3.25
CA ASP A 86 -0.62 8.71 -3.81
C ASP A 86 -0.77 10.14 -3.30
N THR A 87 -0.02 10.47 -2.25
CA THR A 87 -0.06 11.82 -1.70
C THR A 87 0.51 12.80 -2.71
N ASN A 88 1.55 12.39 -3.44
CA ASN A 88 2.18 13.28 -4.41
C ASN A 88 1.24 13.50 -5.59
N THR A 89 0.54 14.63 -5.56
CA THR A 89 -0.38 14.96 -6.64
C THR A 89 0.38 15.52 -7.84
N THR A 90 1.66 15.84 -7.66
CA THR A 90 2.46 16.38 -8.75
C THR A 90 2.56 15.36 -9.88
N LYS A 91 2.92 14.13 -9.53
CA LYS A 91 3.03 13.07 -10.52
C LYS A 91 2.55 11.73 -9.97
N PRO A 92 1.28 11.59 -9.73
CA PRO A 92 0.70 10.31 -9.19
C PRO A 92 1.05 9.13 -10.07
N ARG A 93 1.45 8.03 -9.44
CA ARG A 93 1.80 6.83 -10.19
C ARG A 93 0.88 5.68 -9.80
N PHE A 94 0.13 5.83 -8.70
CA PHE A 94 -0.75 4.76 -8.28
C PHE A 94 -2.05 5.29 -7.69
N SER A 95 -3.08 4.45 -7.69
CA SER A 95 -4.39 4.79 -7.16
C SER A 95 -4.53 4.18 -5.77
N PRO A 96 -5.48 4.59 -4.98
CA PRO A 96 -5.65 4.03 -3.61
C PRO A 96 -5.59 2.49 -3.65
N LEU A 97 -4.75 1.92 -2.80
CA LEU A 97 -4.57 0.47 -2.75
C LEU A 97 -4.64 -0.04 -1.31
N VAL A 98 -5.11 -1.27 -1.17
CA VAL A 98 -5.25 -1.87 0.15
C VAL A 98 -4.55 -3.23 0.24
N ILE A 99 -3.75 -3.40 1.29
CA ILE A 99 -3.02 -4.65 1.51
C ILE A 99 -3.15 -5.06 3.00
N PRO A 100 -3.59 -6.27 3.29
CA PRO A 100 -3.75 -6.73 4.68
C PRO A 100 -2.48 -7.37 5.24
N LEU A 101 -2.35 -7.34 6.56
CA LEU A 101 -1.20 -7.95 7.21
C LEU A 101 -1.72 -8.95 8.25
N GLY A 102 -1.17 -10.16 8.20
CA GLY A 102 -1.60 -11.23 9.10
C GLY A 102 -1.91 -10.72 10.50
N ILE A 103 -3.08 -11.11 11.01
CA ILE A 103 -3.52 -10.69 12.33
C ILE A 103 -2.95 -11.60 13.41
N ASP A 104 -2.25 -11.01 14.36
CA ASP A 104 -1.66 -11.77 15.46
C ASP A 104 -1.01 -10.84 16.47
N THR A 105 -0.64 -11.38 17.63
CA THR A 105 0.00 -10.57 18.67
C THR A 105 1.38 -10.13 18.19
N THR A 106 2.04 -11.02 17.44
CA THR A 106 3.35 -10.72 16.90
C THR A 106 3.20 -9.90 15.63
N SER A 107 4.31 -9.36 15.12
CA SER A 107 4.24 -8.56 13.91
C SER A 107 4.86 -9.31 12.72
N PRO A 108 4.06 -9.98 11.93
CA PRO A 108 4.55 -10.71 10.72
C PRO A 108 4.81 -9.76 9.55
N THR A 109 5.60 -10.22 8.58
CA THR A 109 5.92 -9.40 7.42
C THR A 109 5.28 -9.98 6.17
N MET A 110 4.93 -9.12 5.22
CA MET A 110 4.30 -9.58 3.99
C MET A 110 4.71 -8.73 2.80
N THR A 111 4.99 -9.40 1.69
CA THR A 111 5.36 -8.73 0.45
C THR A 111 4.47 -9.25 -0.68
N LEU A 112 3.71 -8.35 -1.28
CA LEU A 112 2.81 -8.75 -2.35
C LEU A 112 2.81 -7.73 -3.48
N ARG A 113 2.30 -8.14 -4.63
CA ARG A 113 2.22 -7.24 -5.77
C ARG A 113 0.76 -7.05 -6.17
N PRO A 114 0.06 -6.14 -5.53
CA PRO A 114 -1.38 -5.87 -5.81
C PRO A 114 -1.67 -5.67 -7.29
N LYS A 115 -2.73 -6.30 -7.76
CA LYS A 115 -3.12 -6.17 -9.15
C LYS A 115 -4.40 -5.35 -9.25
N LEU A 116 -4.26 -4.12 -9.72
CA LEU A 116 -5.40 -3.23 -9.84
C LEU A 116 -5.46 -2.67 -11.26
N ILE A 117 -6.63 -2.74 -11.89
CA ILE A 117 -6.77 -2.22 -13.24
C ILE A 117 -6.58 -0.71 -13.22
N ASP A 118 -5.69 -0.23 -14.08
CA ASP A 118 -5.37 1.19 -14.13
C ASP A 118 -6.65 2.03 -14.17
N ALA A 119 -6.64 3.11 -13.42
CA ALA A 119 -7.80 4.00 -13.34
C ALA A 119 -7.37 5.42 -13.03
N THR A 120 -8.32 6.24 -12.59
CA THR A 120 -8.03 7.63 -12.26
C THR A 120 -7.14 7.69 -11.02
N PRO A 121 -6.48 8.79 -10.78
CA PRO A 121 -5.57 8.95 -9.61
C PRO A 121 -6.22 8.51 -8.30
N GLY A 122 -7.50 8.84 -8.11
CA GLY A 122 -8.20 8.45 -6.91
C GLY A 122 -7.88 9.34 -5.71
N ALA A 123 -6.60 9.43 -5.35
CA ALA A 123 -6.21 10.25 -4.21
C ALA A 123 -6.76 11.67 -4.34
N PRO A 124 -6.45 12.39 -5.40
CA PRO A 124 -6.97 13.77 -5.59
C PRO A 124 -8.47 13.75 -5.93
N ASN A 125 -8.91 12.62 -6.48
CA ASN A 125 -10.32 12.46 -6.84
C ASN A 125 -10.79 13.62 -7.72
N VAL A 126 -9.99 13.96 -8.72
CA VAL A 126 -10.33 15.06 -9.63
C VAL A 126 -9.64 14.88 -10.96
N GLN A 1 11.68 -4.28 19.11
CA GLN A 1 10.89 -3.50 18.12
C GLN A 1 10.01 -4.45 17.31
N GLU A 2 10.63 -5.44 16.69
CA GLU A 2 9.88 -6.41 15.89
C GLU A 2 9.03 -5.68 14.84
N ALA A 3 9.61 -4.66 14.22
CA ALA A 3 8.90 -3.88 13.21
C ALA A 3 8.61 -4.74 11.99
N ASN A 4 7.44 -4.51 11.38
CA ASN A 4 7.05 -5.26 10.19
C ASN A 4 7.38 -4.48 8.92
N THR A 5 7.73 -5.21 7.86
CA THR A 5 8.07 -4.58 6.59
C THR A 5 7.18 -5.12 5.47
N LEU A 6 6.64 -4.22 4.66
CA LEU A 6 5.78 -4.61 3.55
C LEU A 6 6.23 -3.94 2.26
N VAL A 7 6.16 -4.68 1.16
CA VAL A 7 6.57 -4.17 -0.14
C VAL A 7 5.41 -4.24 -1.15
N ILE A 8 5.11 -3.12 -1.78
CA ILE A 8 4.04 -3.09 -2.78
C ILE A 8 4.60 -2.69 -4.14
N ASP A 9 4.46 -3.60 -5.11
CA ASP A 9 4.96 -3.34 -6.46
C ASP A 9 3.84 -3.55 -7.49
N LEU A 10 3.50 -2.50 -8.23
CA LEU A 10 2.43 -2.58 -9.23
C LEU A 10 2.93 -3.12 -10.57
N GLU A 11 4.22 -3.43 -10.64
CA GLU A 11 4.80 -3.94 -11.89
C GLU A 11 5.73 -5.10 -11.57
N PRO A 12 6.03 -5.94 -12.53
CA PRO A 12 6.93 -7.10 -12.29
C PRO A 12 8.22 -6.61 -11.61
N PRO A 13 8.59 -7.16 -10.47
CA PRO A 13 9.80 -6.71 -9.75
C PRO A 13 11.06 -7.38 -10.25
N ALA A 14 12.09 -6.57 -10.47
CA ALA A 14 13.38 -7.08 -10.95
C ALA A 14 13.15 -8.02 -12.13
N ALA A 15 12.43 -7.54 -13.13
CA ALA A 15 12.13 -8.36 -14.30
C ALA A 15 13.39 -8.84 -14.99
N PHE A 16 14.36 -7.94 -15.19
CA PHE A 16 15.61 -8.33 -15.85
C PHE A 16 16.50 -7.12 -16.12
N ALA A 17 16.10 -6.32 -17.09
CA ALA A 17 16.87 -5.14 -17.43
C ALA A 17 16.58 -4.02 -16.45
N ASP A 18 16.77 -4.30 -15.17
CA ASP A 18 16.52 -3.32 -14.13
C ASP A 18 15.10 -2.79 -14.23
N ASP A 19 14.13 -3.71 -14.21
CA ASP A 19 12.72 -3.33 -14.29
C ASP A 19 12.24 -2.72 -12.96
N GLN A 20 13.17 -2.52 -12.02
CA GLN A 20 12.81 -1.92 -10.74
C GLN A 20 13.60 -0.63 -10.53
N PRO A 21 13.47 0.32 -11.44
CA PRO A 21 14.19 1.63 -11.35
C PRO A 21 13.71 2.48 -10.18
N GLN A 22 14.28 2.23 -9.02
CA GLN A 22 13.91 2.98 -7.82
C GLN A 22 14.01 4.48 -8.07
N GLY A 23 13.54 5.27 -7.11
CA GLY A 23 13.56 6.72 -7.24
C GLY A 23 12.43 7.35 -6.43
N HIS A 24 12.66 7.52 -5.14
CA HIS A 24 11.64 8.10 -4.26
C HIS A 24 11.43 9.59 -4.56
N ASN A 25 10.19 10.03 -4.36
CA ASN A 25 9.84 11.42 -4.59
C ASN A 25 8.35 11.67 -4.32
N ILE A 26 7.54 10.63 -4.47
CA ILE A 26 6.10 10.78 -4.26
C ILE A 26 5.71 10.45 -2.84
N ASP A 27 5.16 11.45 -2.15
CA ASP A 27 4.71 11.26 -0.78
C ASP A 27 3.50 10.34 -0.75
N VAL A 28 3.41 9.49 0.25
CA VAL A 28 2.30 8.56 0.37
C VAL A 28 1.76 8.55 1.79
N THR A 29 0.43 8.52 1.90
CA THR A 29 -0.21 8.50 3.21
C THR A 29 -0.43 7.06 3.65
N VAL A 30 -0.03 6.79 4.89
CA VAL A 30 -0.16 5.45 5.45
C VAL A 30 -0.97 5.49 6.74
N ALA A 31 -1.95 4.59 6.85
CA ALA A 31 -2.77 4.54 8.04
C ALA A 31 -3.04 3.08 8.41
N LYS A 32 -3.12 2.80 9.69
CA LYS A 32 -3.35 1.44 10.13
C LYS A 32 -4.84 1.18 10.27
N LEU A 33 -5.39 0.54 9.25
CA LEU A 33 -6.81 0.20 9.20
C LEU A 33 -7.11 -0.93 10.18
N HIS A 34 -8.37 -1.02 10.60
CA HIS A 34 -8.78 -2.07 11.52
C HIS A 34 -8.27 -3.42 11.04
N ASN A 35 -7.63 -4.16 11.94
CA ASN A 35 -7.05 -5.45 11.60
C ASN A 35 -8.08 -6.38 10.95
N ILE A 36 -7.79 -6.79 9.72
CA ILE A 36 -8.68 -7.71 9.00
C ILE A 36 -7.85 -8.90 8.52
N ASP A 37 -8.40 -10.10 8.68
CA ASP A 37 -7.70 -11.30 8.27
C ASP A 37 -7.46 -11.28 6.75
N PRO A 38 -6.24 -11.52 6.28
CA PRO A 38 -5.94 -11.53 4.82
C PRO A 38 -6.78 -12.56 4.07
N GLU A 39 -7.40 -13.47 4.82
CA GLU A 39 -8.22 -14.51 4.21
C GLU A 39 -9.29 -13.93 3.30
N ASP A 40 -9.63 -12.66 3.50
CA ASP A 40 -10.64 -12.01 2.68
C ASP A 40 -9.99 -11.33 1.49
N HIS A 41 -9.54 -12.14 0.53
CA HIS A 41 -8.87 -11.61 -0.67
C HIS A 41 -9.78 -10.68 -1.45
N GLU A 42 -11.05 -11.04 -1.56
CA GLU A 42 -12.01 -10.21 -2.28
C GLU A 42 -12.08 -8.84 -1.63
N ARG A 43 -12.06 -8.83 -0.30
CA ARG A 43 -12.11 -7.59 0.46
C ARG A 43 -10.90 -6.71 0.14
N ILE A 44 -9.73 -7.32 0.00
CA ILE A 44 -8.52 -6.56 -0.27
C ILE A 44 -8.61 -5.92 -1.65
N ARG A 45 -9.03 -6.70 -2.63
CA ARG A 45 -9.14 -6.21 -4.00
C ARG A 45 -10.18 -5.10 -4.11
N ALA A 46 -11.30 -5.27 -3.42
CA ALA A 46 -12.36 -4.27 -3.46
C ALA A 46 -11.87 -2.94 -2.93
N LEU A 47 -11.07 -2.99 -1.88
CA LEU A 47 -10.54 -1.78 -1.28
C LEU A 47 -9.26 -1.32 -1.99
N GLN A 48 -8.67 -2.21 -2.80
CA GLN A 48 -7.46 -1.86 -3.53
C GLN A 48 -7.81 -0.89 -4.64
N ARG A 49 -9.05 -0.99 -5.14
CA ARG A 49 -9.49 -0.13 -6.23
C ARG A 49 -10.38 0.99 -5.69
N ASN A 50 -11.28 0.64 -4.79
CA ASN A 50 -12.20 1.62 -4.21
C ASN A 50 -11.56 2.39 -3.07
N GLY A 51 -10.66 1.73 -2.34
CA GLY A 51 -10.00 2.37 -1.20
C GLY A 51 -10.74 2.04 0.09
N VAL A 52 -10.03 2.07 1.21
CA VAL A 52 -10.67 1.76 2.48
C VAL A 52 -11.41 2.98 3.04
N PRO A 53 -12.53 2.81 3.71
CA PRO A 53 -13.28 3.96 4.30
C PRO A 53 -12.46 4.66 5.38
N SER A 54 -12.59 5.97 5.47
CA SER A 54 -11.86 6.72 6.48
C SER A 54 -12.60 6.64 7.82
N THR A 55 -13.83 6.13 7.78
CA THR A 55 -14.63 6.01 9.00
C THR A 55 -14.07 4.91 9.90
N ILE A 56 -13.32 3.98 9.31
CA ILE A 56 -12.74 2.88 10.07
C ILE A 56 -11.72 3.41 11.06
N SER A 57 -11.67 2.82 12.24
CA SER A 57 -10.72 3.27 13.26
C SER A 57 -9.30 3.11 12.73
N GLU A 58 -8.52 4.18 12.86
CA GLU A 58 -7.15 4.15 12.41
C GLU A 58 -6.18 4.50 13.53
N GLU A 59 -4.93 4.07 13.39
CA GLU A 59 -3.90 4.35 14.39
C GLU A 59 -3.15 5.63 14.04
N GLN A 60 -2.09 5.92 14.78
CA GLN A 60 -1.31 7.13 14.54
C GLN A 60 -0.94 7.21 13.04
N PRO A 61 -1.25 8.30 12.36
CA PRO A 61 -0.93 8.43 10.89
C PRO A 61 0.56 8.28 10.60
N HIS A 62 0.86 7.68 9.45
CA HIS A 62 2.24 7.48 9.04
C HIS A 62 2.49 8.09 7.67
N THR A 63 3.76 8.37 7.39
CA THR A 63 4.14 8.96 6.13
C THR A 63 5.28 8.17 5.50
N ALA A 64 5.35 8.20 4.17
CA ALA A 64 6.38 7.48 3.45
C ALA A 64 6.51 8.01 2.04
N ARG A 65 7.47 7.49 1.28
CA ARG A 65 7.66 7.92 -0.10
C ARG A 65 7.70 6.71 -1.00
N THR A 66 7.25 6.87 -2.24
CA THR A 66 7.22 5.78 -3.18
C THR A 66 7.97 6.15 -4.46
N ASP A 67 8.39 5.12 -5.20
CA ASP A 67 9.14 5.33 -6.43
C ASP A 67 8.21 5.42 -7.63
N ALA A 68 8.70 6.06 -8.68
CA ALA A 68 7.94 6.23 -9.92
C ALA A 68 7.68 4.88 -10.58
N THR A 69 8.50 3.89 -10.25
CA THR A 69 8.38 2.56 -10.84
C THR A 69 7.18 1.77 -10.30
N GLY A 70 6.28 2.41 -9.55
CA GLY A 70 5.11 1.72 -9.02
C GLY A 70 5.46 0.88 -7.80
N THR A 71 6.60 1.17 -7.17
CA THR A 71 7.01 0.41 -6.00
C THR A 71 6.96 1.27 -4.74
N ALA A 72 6.80 0.62 -3.60
CA ALA A 72 6.73 1.33 -2.32
C ALA A 72 7.14 0.42 -1.18
N THR A 73 7.77 0.99 -0.16
CA THR A 73 8.21 0.21 1.00
C THR A 73 7.90 0.95 2.29
N ILE A 74 7.31 0.25 3.25
CA ILE A 74 6.97 0.85 4.54
C ILE A 74 7.32 -0.09 5.68
N THR A 75 7.79 0.46 6.79
CA THR A 75 8.15 -0.35 7.95
C THR A 75 7.45 0.16 9.21
N ASN A 76 7.65 -0.54 10.32
CA ASN A 76 7.03 -0.17 11.58
C ASN A 76 5.51 -0.17 11.45
N LEU A 77 4.96 -1.22 10.85
CA LEU A 77 3.53 -1.33 10.67
C LEU A 77 2.98 -2.56 11.41
N PRO A 78 2.36 -2.40 12.57
CA PRO A 78 1.80 -3.55 13.34
C PRO A 78 0.77 -4.33 12.50
N PRO A 79 0.60 -5.62 12.77
CA PRO A 79 -0.36 -6.48 12.00
C PRO A 79 -1.74 -5.85 11.85
N GLY A 80 -2.34 -6.04 10.67
CA GLY A 80 -3.65 -5.49 10.40
C GLY A 80 -3.77 -5.05 8.95
N THR A 81 -4.74 -4.19 8.69
CA THR A 81 -4.97 -3.68 7.34
C THR A 81 -4.25 -2.36 7.13
N TYR A 82 -3.60 -2.20 5.99
CA TYR A 82 -2.87 -0.96 5.71
C TYR A 82 -3.50 -0.22 4.54
N VAL A 83 -3.54 1.10 4.64
CA VAL A 83 -4.10 1.93 3.59
C VAL A 83 -3.01 2.82 3.03
N ILE A 84 -2.89 2.84 1.70
CA ILE A 84 -1.87 3.63 1.04
C ILE A 84 -2.50 4.46 -0.07
N ARG A 85 -2.07 5.71 -0.20
CA ARG A 85 -2.59 6.56 -1.27
C ARG A 85 -1.54 7.58 -1.69
N ASP A 86 -1.54 7.94 -2.98
CA ASP A 86 -0.58 8.88 -3.49
C ASP A 86 -0.86 10.29 -2.97
N THR A 87 -0.03 10.73 -2.04
CA THR A 87 -0.16 12.05 -1.45
C THR A 87 0.38 13.11 -2.39
N ASN A 88 1.31 12.72 -3.26
CA ASN A 88 1.89 13.67 -4.20
C ASN A 88 0.94 13.93 -5.36
N THR A 89 0.12 14.95 -5.21
CA THR A 89 -0.83 15.29 -6.26
C THR A 89 -0.13 15.96 -7.44
N THR A 90 1.14 16.33 -7.25
CA THR A 90 1.88 16.99 -8.32
C THR A 90 2.03 16.04 -9.50
N LYS A 91 2.45 14.81 -9.20
CA LYS A 91 2.62 13.78 -10.22
C LYS A 91 2.23 12.42 -9.68
N PRO A 92 0.97 12.18 -9.48
CA PRO A 92 0.48 10.87 -8.95
C PRO A 92 0.71 9.75 -9.95
N ARG A 93 1.13 8.58 -9.45
CA ARG A 93 1.37 7.45 -10.34
C ARG A 93 0.63 6.21 -9.88
N PHE A 94 -0.07 6.30 -8.75
CA PHE A 94 -0.82 5.15 -8.27
C PHE A 94 -2.07 5.58 -7.52
N SER A 95 -3.05 4.70 -7.48
CA SER A 95 -4.32 4.98 -6.80
C SER A 95 -4.30 4.34 -5.43
N PRO A 96 -5.25 4.64 -4.58
CA PRO A 96 -5.29 4.06 -3.21
C PRO A 96 -5.21 2.53 -3.25
N LEU A 97 -4.34 1.97 -2.41
CA LEU A 97 -4.16 0.52 -2.34
C LEU A 97 -4.31 0.01 -0.92
N VAL A 98 -4.89 -1.18 -0.79
CA VAL A 98 -5.08 -1.80 0.52
C VAL A 98 -4.47 -3.19 0.55
N ILE A 99 -3.64 -3.45 1.55
CA ILE A 99 -3.03 -4.77 1.70
C ILE A 99 -3.01 -5.19 3.18
N PRO A 100 -3.50 -6.38 3.51
CA PRO A 100 -3.54 -6.89 4.91
C PRO A 100 -2.23 -7.54 5.34
N LEU A 101 -2.00 -7.58 6.64
CA LEU A 101 -0.80 -8.22 7.18
C LEU A 101 -1.24 -9.24 8.23
N GLY A 102 -0.76 -10.48 8.08
CA GLY A 102 -1.10 -11.60 8.98
C GLY A 102 -1.51 -11.12 10.37
N ILE A 103 -2.75 -11.41 10.75
CA ILE A 103 -3.26 -10.99 12.04
C ILE A 103 -2.73 -11.87 13.16
N ASP A 104 -1.88 -11.29 14.01
CA ASP A 104 -1.30 -12.05 15.12
C ASP A 104 -0.50 -11.11 16.04
N THR A 105 -0.05 -11.63 17.17
CA THR A 105 0.70 -10.83 18.13
C THR A 105 2.06 -10.45 17.54
N THR A 106 2.62 -11.35 16.73
CA THR A 106 3.91 -11.12 16.10
C THR A 106 3.71 -10.30 14.82
N SER A 107 4.76 -9.59 14.40
CA SER A 107 4.66 -8.77 13.20
C SER A 107 5.45 -9.38 12.04
N PRO A 108 4.81 -10.15 11.18
CA PRO A 108 5.47 -10.77 10.00
C PRO A 108 5.60 -9.81 8.82
N THR A 109 6.38 -10.21 7.82
CA THR A 109 6.56 -9.38 6.63
C THR A 109 5.68 -9.90 5.50
N MET A 110 5.28 -9.02 4.60
CA MET A 110 4.43 -9.42 3.48
C MET A 110 4.75 -8.62 2.22
N THR A 111 4.79 -9.30 1.09
CA THR A 111 5.05 -8.63 -0.17
C THR A 111 3.97 -8.97 -1.19
N LEU A 112 3.29 -7.95 -1.68
CA LEU A 112 2.21 -8.15 -2.64
C LEU A 112 2.35 -7.17 -3.81
N ARG A 113 1.75 -7.54 -4.94
CA ARG A 113 1.79 -6.70 -6.12
C ARG A 113 0.37 -6.46 -6.64
N PRO A 114 -0.36 -5.58 -5.98
CA PRO A 114 -1.77 -5.26 -6.36
C PRO A 114 -1.90 -4.88 -7.83
N LYS A 115 -2.95 -5.39 -8.47
CA LYS A 115 -3.19 -5.07 -9.87
C LYS A 115 -4.63 -4.62 -10.07
N LEU A 116 -4.80 -3.35 -10.40
CA LEU A 116 -6.12 -2.79 -10.62
C LEU A 116 -6.18 -2.07 -11.96
N ILE A 117 -7.38 -1.99 -12.54
CA ILE A 117 -7.52 -1.31 -13.81
C ILE A 117 -7.20 0.17 -13.61
N ASP A 118 -6.27 0.66 -14.41
CA ASP A 118 -5.85 2.06 -14.32
C ASP A 118 -7.08 2.97 -14.31
N ALA A 119 -7.14 3.85 -13.30
CA ALA A 119 -8.27 4.77 -13.18
C ALA A 119 -7.82 6.20 -13.45
N THR A 120 -8.69 6.97 -14.10
CA THR A 120 -8.38 8.36 -14.42
C THR A 120 -7.90 9.13 -13.19
N PRO A 121 -8.62 9.08 -12.08
CA PRO A 121 -8.20 9.81 -10.84
C PRO A 121 -6.75 9.56 -10.49
N GLY A 122 -6.42 8.31 -10.16
CA GLY A 122 -5.05 7.95 -9.82
C GLY A 122 -4.65 8.44 -8.43
N ALA A 123 -5.65 8.79 -7.62
CA ALA A 123 -5.38 9.26 -6.26
C ALA A 123 -6.70 9.66 -5.58
N PRO A 124 -7.42 10.62 -6.10
CA PRO A 124 -8.73 11.03 -5.50
C PRO A 124 -9.81 9.98 -5.76
N ASN A 125 -9.57 9.14 -6.76
CA ASN A 125 -10.51 8.08 -7.12
C ASN A 125 -11.91 8.64 -7.36
N VAL A 126 -11.97 9.75 -8.10
CA VAL A 126 -13.25 10.38 -8.41
C VAL A 126 -13.07 11.46 -9.47
N GLN A 1 9.73 -11.60 14.02
CA GLN A 1 10.03 -10.59 15.09
C GLN A 1 9.09 -9.41 14.94
N GLU A 2 9.22 -8.43 15.83
CA GLU A 2 8.38 -7.24 15.78
C GLU A 2 8.61 -6.46 14.50
N ALA A 3 9.88 -6.39 14.08
CA ALA A 3 10.23 -5.67 12.86
C ALA A 3 9.79 -6.45 11.62
N ASN A 4 9.32 -5.74 10.61
CA ASN A 4 8.89 -6.37 9.37
C ASN A 4 9.04 -5.40 8.20
N THR A 5 9.05 -5.94 6.99
CA THR A 5 9.20 -5.11 5.80
C THR A 5 7.97 -5.20 4.90
N LEU A 6 7.45 -4.04 4.50
CA LEU A 6 6.29 -4.01 3.62
C LEU A 6 6.68 -3.43 2.26
N VAL A 7 6.56 -4.26 1.22
CA VAL A 7 6.91 -3.83 -0.13
C VAL A 7 5.71 -3.96 -1.07
N ILE A 8 5.39 -2.88 -1.77
CA ILE A 8 4.28 -2.90 -2.71
C ILE A 8 4.80 -2.66 -4.12
N ASP A 9 4.65 -3.66 -4.99
CA ASP A 9 5.11 -3.52 -6.37
C ASP A 9 3.97 -3.83 -7.34
N LEU A 10 3.62 -2.84 -8.17
CA LEU A 10 2.55 -3.02 -9.15
C LEU A 10 3.10 -3.46 -10.50
N GLU A 11 4.31 -4.01 -10.51
CA GLU A 11 4.93 -4.48 -11.74
C GLU A 11 5.85 -5.65 -11.44
N PRO A 12 6.22 -6.43 -12.41
CA PRO A 12 7.11 -7.61 -12.18
C PRO A 12 8.34 -7.20 -11.36
N PRO A 13 8.61 -7.85 -10.26
CA PRO A 13 9.78 -7.51 -9.40
C PRO A 13 11.08 -8.11 -9.89
N ALA A 14 12.20 -7.52 -9.46
CA ALA A 14 13.51 -8.01 -9.86
C ALA A 14 13.60 -8.15 -11.38
N ALA A 15 13.41 -7.04 -12.09
CA ALA A 15 13.46 -7.06 -13.55
C ALA A 15 14.84 -7.51 -14.04
N PHE A 16 15.89 -7.03 -13.38
CA PHE A 16 17.24 -7.41 -13.77
C PHE A 16 18.26 -6.92 -12.74
N ALA A 17 18.61 -5.64 -12.82
CA ALA A 17 19.58 -5.07 -11.90
C ALA A 17 18.88 -4.21 -10.85
N ASP A 18 17.74 -4.70 -10.36
CA ASP A 18 16.99 -3.96 -9.36
C ASP A 18 16.65 -2.56 -9.85
N ASP A 19 16.08 -2.48 -11.05
CA ASP A 19 15.71 -1.20 -11.62
C ASP A 19 14.34 -0.73 -11.10
N GLN A 20 13.62 -1.62 -10.43
CA GLN A 20 12.31 -1.29 -9.89
C GLN A 20 12.37 -0.08 -8.94
N PRO A 21 13.19 -0.11 -7.92
CA PRO A 21 13.30 1.02 -6.96
C PRO A 21 14.07 2.22 -7.52
N GLN A 22 13.51 2.85 -8.56
CA GLN A 22 14.15 4.01 -9.16
C GLN A 22 13.22 5.22 -9.11
N GLY A 23 13.48 6.12 -8.17
CA GLY A 23 12.66 7.33 -8.02
C GLY A 23 12.13 7.44 -6.59
N HIS A 24 11.54 8.60 -6.27
CA HIS A 24 11.01 8.83 -4.93
C HIS A 24 10.44 10.24 -4.79
N ASN A 25 9.89 10.77 -5.88
CA ASN A 25 9.34 12.12 -5.84
C ASN A 25 7.83 12.11 -5.59
N ILE A 26 7.27 10.95 -5.27
CA ILE A 26 5.83 10.88 -5.02
C ILE A 26 5.53 10.56 -3.57
N ASP A 27 4.88 11.48 -2.89
CA ASP A 27 4.51 11.27 -1.50
C ASP A 27 3.36 10.27 -1.41
N VAL A 28 3.38 9.43 -0.38
CA VAL A 28 2.33 8.44 -0.21
C VAL A 28 1.82 8.46 1.22
N THR A 29 0.52 8.27 1.37
CA THR A 29 -0.09 8.27 2.70
C THR A 29 -0.40 6.85 3.14
N VAL A 30 0.05 6.50 4.35
CA VAL A 30 -0.18 5.17 4.89
C VAL A 30 -1.02 5.26 6.16
N ALA A 31 -2.10 4.48 6.20
CA ALA A 31 -2.96 4.48 7.37
C ALA A 31 -3.17 3.05 7.86
N LYS A 32 -3.27 2.91 9.18
CA LYS A 32 -3.45 1.60 9.78
C LYS A 32 -4.92 1.35 10.08
N LEU A 33 -5.44 0.23 9.57
CA LEU A 33 -6.84 -0.12 9.77
C LEU A 33 -6.97 -1.32 10.69
N HIS A 34 -8.14 -1.42 11.34
CA HIS A 34 -8.41 -2.53 12.24
C HIS A 34 -8.03 -3.83 11.55
N ASN A 35 -7.23 -4.65 12.24
CA ASN A 35 -6.76 -5.90 11.66
C ASN A 35 -7.89 -6.74 11.07
N ILE A 36 -7.69 -7.12 9.80
CA ILE A 36 -8.65 -7.96 9.10
C ILE A 36 -7.91 -9.15 8.51
N ASP A 37 -8.52 -10.33 8.55
CA ASP A 37 -7.87 -11.51 8.03
C ASP A 37 -7.56 -11.34 6.53
N PRO A 38 -6.44 -11.86 6.06
CA PRO A 38 -6.04 -11.75 4.63
C PRO A 38 -6.79 -12.73 3.73
N GLU A 39 -7.46 -13.70 4.34
CA GLU A 39 -8.20 -14.70 3.57
C GLU A 39 -9.40 -14.07 2.88
N ASP A 40 -9.87 -12.95 3.42
CA ASP A 40 -11.02 -12.26 2.84
C ASP A 40 -10.56 -11.34 1.72
N HIS A 41 -10.17 -11.93 0.59
CA HIS A 41 -9.69 -11.15 -0.55
C HIS A 41 -10.81 -10.29 -1.14
N GLU A 42 -12.05 -10.76 -1.06
CA GLU A 42 -13.19 -10.00 -1.59
C GLU A 42 -13.36 -8.69 -0.83
N ARG A 43 -13.22 -8.76 0.48
CA ARG A 43 -13.34 -7.58 1.32
C ARG A 43 -12.19 -6.61 1.06
N ILE A 44 -10.99 -7.16 0.98
CA ILE A 44 -9.80 -6.35 0.76
C ILE A 44 -9.83 -5.67 -0.59
N ARG A 45 -10.07 -6.45 -1.64
CA ARG A 45 -10.12 -5.90 -2.99
C ARG A 45 -11.22 -4.88 -3.12
N ALA A 46 -12.28 -5.05 -2.34
CA ALA A 46 -13.38 -4.10 -2.38
C ALA A 46 -12.84 -2.74 -1.97
N LEU A 47 -11.97 -2.73 -0.96
CA LEU A 47 -11.36 -1.50 -0.49
C LEU A 47 -10.19 -1.11 -1.38
N GLN A 48 -9.62 -2.06 -2.11
CA GLN A 48 -8.51 -1.74 -3.00
C GLN A 48 -9.00 -0.79 -4.10
N ARG A 49 -10.20 -1.07 -4.62
CA ARG A 49 -10.77 -0.28 -5.71
C ARG A 49 -11.47 0.98 -5.20
N ASN A 50 -12.29 0.82 -4.17
CA ASN A 50 -13.03 1.96 -3.63
C ASN A 50 -12.15 2.79 -2.72
N GLY A 51 -11.23 2.13 -2.05
CA GLY A 51 -10.32 2.81 -1.14
C GLY A 51 -10.80 2.69 0.30
N VAL A 52 -9.88 2.77 1.25
CA VAL A 52 -10.24 2.66 2.65
C VAL A 52 -10.90 3.94 3.16
N PRO A 53 -12.14 3.89 3.63
CA PRO A 53 -12.85 5.09 4.17
C PRO A 53 -12.30 5.52 5.52
N SER A 54 -12.48 6.80 5.83
CA SER A 54 -12.02 7.33 7.10
C SER A 54 -12.87 6.79 8.25
N THR A 55 -13.97 6.12 7.91
CA THR A 55 -14.85 5.56 8.93
C THR A 55 -14.14 4.48 9.72
N ILE A 56 -13.14 3.86 9.09
CA ILE A 56 -12.37 2.81 9.74
C ILE A 56 -11.55 3.37 10.88
N SER A 57 -11.42 2.61 11.98
CA SER A 57 -10.66 3.08 13.12
C SER A 57 -9.17 2.98 12.82
N GLU A 58 -8.52 4.13 12.68
CA GLU A 58 -7.10 4.16 12.38
C GLU A 58 -6.33 5.01 13.39
N GLU A 59 -5.02 4.80 13.45
CA GLU A 59 -4.16 5.54 14.36
C GLU A 59 -3.54 6.73 13.60
N GLN A 60 -2.60 7.43 14.24
CA GLN A 60 -1.97 8.57 13.61
C GLN A 60 -1.46 8.19 12.21
N PRO A 61 -1.69 8.99 11.18
CA PRO A 61 -1.22 8.69 9.78
C PRO A 61 0.30 8.61 9.66
N HIS A 62 0.76 7.82 8.69
CA HIS A 62 2.19 7.67 8.43
C HIS A 62 2.50 8.20 7.03
N THR A 63 3.73 8.64 6.82
CA THR A 63 4.12 9.17 5.52
C THR A 63 5.33 8.44 4.95
N ALA A 64 5.42 8.42 3.63
CA ALA A 64 6.52 7.76 2.93
C ALA A 64 6.60 8.26 1.50
N ARG A 65 7.60 7.81 0.76
CA ARG A 65 7.74 8.23 -0.64
C ARG A 65 7.86 7.01 -1.53
N THR A 66 7.39 7.14 -2.77
CA THR A 66 7.43 6.05 -3.71
C THR A 66 7.97 6.54 -5.05
N ASP A 67 8.38 5.61 -5.91
CA ASP A 67 8.91 5.99 -7.22
C ASP A 67 7.81 6.03 -8.27
N ALA A 68 8.19 6.32 -9.51
CA ALA A 68 7.22 6.41 -10.60
C ALA A 68 7.05 5.08 -11.32
N THR A 69 7.57 4.01 -10.74
CA THR A 69 7.47 2.69 -11.38
C THR A 69 6.40 1.83 -10.73
N GLY A 70 5.56 2.43 -9.87
CA GLY A 70 4.51 1.67 -9.20
C GLY A 70 5.06 0.85 -8.04
N THR A 71 6.21 1.24 -7.50
CA THR A 71 6.79 0.51 -6.39
C THR A 71 7.09 1.41 -5.20
N ALA A 72 7.16 0.81 -4.01
CA ALA A 72 7.43 1.56 -2.79
C ALA A 72 7.99 0.65 -1.70
N THR A 73 8.80 1.22 -0.82
CA THR A 73 9.38 0.45 0.28
C THR A 73 9.09 1.12 1.62
N ILE A 74 8.38 0.40 2.50
CA ILE A 74 8.05 0.94 3.82
C ILE A 74 8.25 -0.13 4.89
N THR A 75 8.86 0.24 6.01
CA THR A 75 9.11 -0.72 7.09
C THR A 75 8.47 -0.25 8.39
N ASN A 76 8.60 -1.09 9.43
CA ASN A 76 8.03 -0.78 10.74
C ASN A 76 6.51 -0.65 10.69
N LEU A 77 5.87 -1.59 10.01
CA LEU A 77 4.41 -1.58 9.89
C LEU A 77 3.80 -2.77 10.65
N PRO A 78 3.23 -2.57 11.83
CA PRO A 78 2.62 -3.67 12.64
C PRO A 78 1.50 -4.42 11.91
N PRO A 79 1.14 -5.60 12.36
CA PRO A 79 0.08 -6.43 11.74
C PRO A 79 -1.25 -5.69 11.61
N GLY A 80 -1.95 -5.94 10.52
CA GLY A 80 -3.23 -5.31 10.27
C GLY A 80 -3.38 -4.99 8.79
N THR A 81 -4.32 -4.11 8.47
CA THR A 81 -4.54 -3.73 7.08
C THR A 81 -3.98 -2.35 6.82
N TYR A 82 -3.32 -2.19 5.67
CA TYR A 82 -2.74 -0.89 5.34
C TYR A 82 -3.36 -0.30 4.07
N VAL A 83 -3.46 1.01 4.06
CA VAL A 83 -4.01 1.73 2.91
C VAL A 83 -2.92 2.61 2.33
N ILE A 84 -2.80 2.62 1.01
CA ILE A 84 -1.77 3.42 0.35
C ILE A 84 -2.37 4.26 -0.76
N ARG A 85 -2.19 5.57 -0.68
CA ARG A 85 -2.72 6.45 -1.73
C ARG A 85 -1.64 7.43 -2.17
N ASP A 86 -1.71 7.84 -3.43
CA ASP A 86 -0.72 8.76 -3.97
C ASP A 86 -1.00 10.19 -3.54
N THR A 87 -0.22 10.65 -2.58
CA THR A 87 -0.36 12.01 -2.06
C THR A 87 -0.01 13.03 -3.14
N ASN A 88 1.00 12.73 -3.95
CA ASN A 88 1.43 13.65 -4.99
C ASN A 88 0.29 13.87 -5.99
N THR A 89 -0.08 15.14 -6.18
CA THR A 89 -1.14 15.46 -7.11
C THR A 89 -0.57 15.94 -8.44
N THR A 90 0.71 16.27 -8.46
CA THR A 90 1.33 16.75 -9.69
C THR A 90 1.30 15.65 -10.74
N LYS A 91 1.71 14.45 -10.36
CA LYS A 91 1.72 13.32 -11.29
C LYS A 91 1.29 12.03 -10.61
N PRO A 92 0.05 11.91 -10.21
CA PRO A 92 -0.47 10.67 -9.56
C PRO A 92 -0.23 9.48 -10.47
N ARG A 93 0.31 8.39 -9.93
CA ARG A 93 0.57 7.21 -10.75
C ARG A 93 -0.22 6.00 -10.25
N PHE A 94 -0.79 6.09 -9.05
CA PHE A 94 -1.55 4.94 -8.55
C PHE A 94 -2.78 5.35 -7.75
N SER A 95 -3.74 4.44 -7.68
CA SER A 95 -4.99 4.64 -6.95
C SER A 95 -4.90 3.97 -5.58
N PRO A 96 -5.74 4.32 -4.65
CA PRO A 96 -5.69 3.72 -3.28
C PRO A 96 -5.56 2.20 -3.31
N LEU A 97 -4.62 1.68 -2.52
CA LEU A 97 -4.37 0.23 -2.46
C LEU A 97 -4.57 -0.29 -1.04
N VAL A 98 -4.94 -1.56 -0.96
CA VAL A 98 -5.15 -2.20 0.34
C VAL A 98 -4.43 -3.54 0.39
N ILE A 99 -3.68 -3.76 1.48
CA ILE A 99 -2.93 -5.01 1.66
C ILE A 99 -2.94 -5.47 3.13
N PRO A 100 -3.33 -6.70 3.41
CA PRO A 100 -3.34 -7.23 4.80
C PRO A 100 -1.94 -7.68 5.25
N LEU A 101 -1.73 -7.72 6.57
CA LEU A 101 -0.43 -8.13 7.11
C LEU A 101 -0.60 -9.08 8.28
N GLY A 102 -0.47 -10.38 8.00
CA GLY A 102 -0.59 -11.46 9.00
C GLY A 102 -1.28 -11.03 10.29
N ILE A 103 -2.56 -11.33 10.41
CA ILE A 103 -3.31 -10.95 11.61
C ILE A 103 -2.90 -11.81 12.81
N ASP A 104 -1.68 -11.61 13.28
CA ASP A 104 -1.17 -12.37 14.42
C ASP A 104 -0.49 -11.45 15.41
N THR A 105 -0.14 -11.99 16.57
CA THR A 105 0.53 -11.20 17.62
C THR A 105 1.92 -10.78 17.15
N THR A 106 2.51 -11.58 16.27
CA THR A 106 3.84 -11.28 15.74
C THR A 106 3.74 -10.38 14.53
N SER A 107 4.88 -9.93 14.02
CA SER A 107 4.88 -9.06 12.85
C SER A 107 5.65 -9.71 11.69
N PRO A 108 4.97 -10.40 10.81
CA PRO A 108 5.60 -11.06 9.63
C PRO A 108 5.90 -10.07 8.50
N THR A 109 6.79 -10.47 7.60
CA THR A 109 7.14 -9.62 6.47
C THR A 109 6.11 -9.82 5.35
N MET A 110 5.57 -8.72 4.85
CA MET A 110 4.56 -8.81 3.79
C MET A 110 5.01 -8.12 2.51
N THR A 111 5.18 -8.91 1.46
CA THR A 111 5.56 -8.39 0.17
C THR A 111 4.56 -8.86 -0.87
N LEU A 112 3.73 -7.94 -1.35
CA LEU A 112 2.71 -8.28 -2.33
C LEU A 112 2.73 -7.33 -3.52
N ARG A 113 2.07 -7.76 -4.58
CA ARG A 113 1.97 -6.96 -5.79
C ARG A 113 0.50 -6.78 -6.16
N PRO A 114 -0.17 -5.88 -5.48
CA PRO A 114 -1.63 -5.62 -5.71
C PRO A 114 -1.98 -5.41 -7.18
N LYS A 115 -3.08 -6.04 -7.60
CA LYS A 115 -3.53 -5.89 -8.97
C LYS A 115 -4.65 -4.86 -8.99
N LEU A 116 -4.30 -3.63 -9.34
CA LEU A 116 -5.26 -2.55 -9.38
C LEU A 116 -5.49 -2.09 -10.81
N ILE A 117 -6.74 -2.06 -11.23
CA ILE A 117 -7.07 -1.60 -12.57
C ILE A 117 -7.08 -0.08 -12.58
N ASP A 118 -6.38 0.51 -13.54
CA ASP A 118 -6.30 1.97 -13.62
C ASP A 118 -7.69 2.57 -13.56
N ALA A 119 -7.89 3.46 -12.60
CA ALA A 119 -9.19 4.11 -12.42
C ALA A 119 -9.03 5.54 -11.95
N THR A 120 -9.81 6.45 -12.54
CA THR A 120 -9.76 7.86 -12.16
C THR A 120 -8.33 8.41 -12.24
N PRO A 121 -8.15 9.70 -12.11
CA PRO A 121 -6.80 10.32 -12.17
C PRO A 121 -5.83 9.66 -11.20
N GLY A 122 -6.35 9.24 -10.05
CA GLY A 122 -5.52 8.58 -9.04
C GLY A 122 -6.12 8.80 -7.66
N ALA A 123 -5.26 9.07 -6.69
CA ALA A 123 -5.72 9.31 -5.33
C ALA A 123 -6.89 10.33 -5.29
N PRO A 124 -6.77 11.47 -5.93
CA PRO A 124 -7.87 12.47 -5.95
C PRO A 124 -8.96 12.11 -6.95
N ASN A 125 -9.74 11.09 -6.63
CA ASN A 125 -10.82 10.64 -7.51
C ASN A 125 -11.85 11.75 -7.70
N VAL A 126 -12.37 11.86 -8.92
CA VAL A 126 -13.37 12.89 -9.21
C VAL A 126 -14.69 12.23 -9.62
#